data_5QXY
# 
_entry.id   5QXY 
# 
_audit_conform.dict_name       mmcif_pdbx.dic 
_audit_conform.dict_version    5.387 
_audit_conform.dict_location   http://mmcif.pdb.org/dictionaries/ascii/mmcif_pdbx.dic 
# 
loop_
_database_2.database_id 
_database_2.database_code 
_database_2.pdbx_database_accession 
_database_2.pdbx_DOI 
PDB   5QXY         pdb_00005qxy 10.2210/pdb5qxy/pdb 
WWPDB D_1001402466 ?            ?                   
# 
loop_
_pdbx_audit_revision_history.ordinal 
_pdbx_audit_revision_history.data_content_type 
_pdbx_audit_revision_history.major_revision 
_pdbx_audit_revision_history.minor_revision 
_pdbx_audit_revision_history.revision_date 
1 'Structure model' 1 0 2020-04-08 
2 'Structure model' 1 1 2024-03-06 
# 
_pdbx_audit_revision_details.ordinal             1 
_pdbx_audit_revision_details.revision_ordinal    1 
_pdbx_audit_revision_details.data_content_type   'Structure model' 
_pdbx_audit_revision_details.provider            repository 
_pdbx_audit_revision_details.type                'Initial release' 
_pdbx_audit_revision_details.description         ? 
_pdbx_audit_revision_details.details             ? 
# 
loop_
_pdbx_audit_revision_group.ordinal 
_pdbx_audit_revision_group.revision_ordinal 
_pdbx_audit_revision_group.data_content_type 
_pdbx_audit_revision_group.group 
1 2 'Structure model' 'Data collection'     
2 2 'Structure model' 'Database references' 
# 
loop_
_pdbx_audit_revision_category.ordinal 
_pdbx_audit_revision_category.revision_ordinal 
_pdbx_audit_revision_category.data_content_type 
_pdbx_audit_revision_category.category 
1 2 'Structure model' chem_comp_atom 
2 2 'Structure model' chem_comp_bond 
3 2 'Structure model' database_2     
# 
loop_
_pdbx_audit_revision_item.ordinal 
_pdbx_audit_revision_item.revision_ordinal 
_pdbx_audit_revision_item.data_content_type 
_pdbx_audit_revision_item.item 
1 2 'Structure model' '_database_2.pdbx_DOI'                
2 2 'Structure model' '_database_2.pdbx_database_accession' 
# 
_pdbx_database_status.entry_id                        5QXY 
_pdbx_database_status.status_code                     REL 
_pdbx_database_status.status_code_sf                  REL 
_pdbx_database_status.status_code_mr                  ? 
_pdbx_database_status.status_code_cs                  ? 
_pdbx_database_status.recvd_initial_deposition_date   2020-02-11 
_pdbx_database_status.deposit_site                    RCSB 
_pdbx_database_status.process_site                    RCSB 
_pdbx_database_status.SG_entry                        ? 
_pdbx_database_status.pdb_format_compatible           Y 
_pdbx_database_status.methods_development_category    ? 
_pdbx_database_status.status_code_nmr_data            ? 
# 
loop_
_audit_author.name 
_audit_author.pdbx_ordinal 
'Snee, M.'         1 
'Talon, R.'        2 
'Fowley, D.'       3 
'Collins, P.'      4 
'Nelson, A.'       5 
'Arrowsmith, C.H.' 6 
'Bountra, C.'      7 
'Edwards, A.'      8 
'Von-Delft, F.'    9 
# 
_citation.id                        primary 
_citation.title                     'PanDDA analysis group deposition - Bromodomain of human ATAD2 fragment screening' 
_citation.journal_abbrev            'To Be Published' 
_citation.journal_volume            ? 
_citation.page_first                ? 
_citation.page_last                 ? 
_citation.year                      ? 
_citation.journal_id_ASTM           ? 
_citation.country                   ? 
_citation.journal_id_ISSN           ? 
_citation.journal_id_CSD            0353 
_citation.book_publisher            ? 
_citation.pdbx_database_id_PubMed   ? 
_citation.pdbx_database_id_DOI      ? 
# 
loop_
_citation_author.citation_id 
_citation_author.name 
_citation_author.identifier_ORCID 
_citation_author.ordinal 
primary 'Snee, M.'         ? 1 
primary 'Talon, R.'        ? 2 
primary 'Fowley, D.'       ? 3 
primary 'Collins, P.'      ? 4 
primary 'Nelson, A.'       ? 5 
primary 'Arrowsmith, C.H.' ? 6 
primary 'Bountra, C.'      ? 7 
primary 'Edwards, A.'      ? 8 
primary 'Von-Delft, F.'    ? 9 
# 
loop_
_entity.id 
_entity.type 
_entity.src_method 
_entity.pdbx_description 
_entity.formula_weight 
_entity.pdbx_number_of_molecules 
_entity.pdbx_ec 
_entity.pdbx_mutation 
_entity.pdbx_fragment 
_entity.details 
1 polymer     man 'ATPase family AAA domain-containing protein 2'                      15512.562 1   3.6.1.3 ? ? ? 
2 non-polymer syn 'ethyl (2R,3S)-3-(5-bromopyridin-2-yl)-2-fluoro-3-hydroxypropanoate' 292.102   1   ?       ? ? ? 
3 non-polymer syn 'SULFATE ION'                                                        96.063    2   ?       ? ? ? 
4 non-polymer syn 1,2-ETHANEDIOL                                                       62.068    3   ?       ? ? ? 
5 water       nat water                                                                18.015    219 ?       ? ? ? 
# 
_entity_name_com.entity_id   1 
_entity_name_com.name        'AAA nuclear coregulator cancer-associated protein,ANCCA' 
# 
_entity_poly.entity_id                      1 
_entity_poly.type                           'polypeptide(L)' 
_entity_poly.nstd_linkage                   no 
_entity_poly.nstd_monomer                   no 
_entity_poly.pdbx_seq_one_letter_code       
;SMQEEDTFRELRIFLRNVTHRLAIDKRFRVFTKPVDPDEVPDYRTVIKEPMDLSSVISKIDLHKYLTVKDYLRDIDLICS
NALEYNPDRDPGDRLIRHRACALRDTAYAIIKEELDEDFEQLCEEIQESR
;
_entity_poly.pdbx_seq_one_letter_code_can   
;SMQEEDTFRELRIFLRNVTHRLAIDKRFRVFTKPVDPDEVPDYRTVIKEPMDLSSVISKIDLHKYLTVKDYLRDIDLICS
NALEYNPDRDPGDRLIRHRACALRDTAYAIIKEELDEDFEQLCEEIQESR
;
_entity_poly.pdbx_strand_id                 A 
_entity_poly.pdbx_target_identifier         ? 
# 
loop_
_pdbx_entity_nonpoly.entity_id 
_pdbx_entity_nonpoly.name 
_pdbx_entity_nonpoly.comp_id 
2 'ethyl (2R,3S)-3-(5-bromopyridin-2-yl)-2-fluoro-3-hydroxypropanoate' RK7 
3 'SULFATE ION'                                                        SO4 
4 1,2-ETHANEDIOL                                                       EDO 
5 water                                                                HOH 
# 
loop_
_entity_poly_seq.entity_id 
_entity_poly_seq.num 
_entity_poly_seq.mon_id 
_entity_poly_seq.hetero 
1 1   SER n 
1 2   MET n 
1 3   GLN n 
1 4   GLU n 
1 5   GLU n 
1 6   ASP n 
1 7   THR n 
1 8   PHE n 
1 9   ARG n 
1 10  GLU n 
1 11  LEU n 
1 12  ARG n 
1 13  ILE n 
1 14  PHE n 
1 15  LEU n 
1 16  ARG n 
1 17  ASN n 
1 18  VAL n 
1 19  THR n 
1 20  HIS n 
1 21  ARG n 
1 22  LEU n 
1 23  ALA n 
1 24  ILE n 
1 25  ASP n 
1 26  LYS n 
1 27  ARG n 
1 28  PHE n 
1 29  ARG n 
1 30  VAL n 
1 31  PHE n 
1 32  THR n 
1 33  LYS n 
1 34  PRO n 
1 35  VAL n 
1 36  ASP n 
1 37  PRO n 
1 38  ASP n 
1 39  GLU n 
1 40  VAL n 
1 41  PRO n 
1 42  ASP n 
1 43  TYR n 
1 44  ARG n 
1 45  THR n 
1 46  VAL n 
1 47  ILE n 
1 48  LYS n 
1 49  GLU n 
1 50  PRO n 
1 51  MET n 
1 52  ASP n 
1 53  LEU n 
1 54  SER n 
1 55  SER n 
1 56  VAL n 
1 57  ILE n 
1 58  SER n 
1 59  LYS n 
1 60  ILE n 
1 61  ASP n 
1 62  LEU n 
1 63  HIS n 
1 64  LYS n 
1 65  TYR n 
1 66  LEU n 
1 67  THR n 
1 68  VAL n 
1 69  LYS n 
1 70  ASP n 
1 71  TYR n 
1 72  LEU n 
1 73  ARG n 
1 74  ASP n 
1 75  ILE n 
1 76  ASP n 
1 77  LEU n 
1 78  ILE n 
1 79  CYS n 
1 80  SER n 
1 81  ASN n 
1 82  ALA n 
1 83  LEU n 
1 84  GLU n 
1 85  TYR n 
1 86  ASN n 
1 87  PRO n 
1 88  ASP n 
1 89  ARG n 
1 90  ASP n 
1 91  PRO n 
1 92  GLY n 
1 93  ASP n 
1 94  ARG n 
1 95  LEU n 
1 96  ILE n 
1 97  ARG n 
1 98  HIS n 
1 99  ARG n 
1 100 ALA n 
1 101 CYS n 
1 102 ALA n 
1 103 LEU n 
1 104 ARG n 
1 105 ASP n 
1 106 THR n 
1 107 ALA n 
1 108 TYR n 
1 109 ALA n 
1 110 ILE n 
1 111 ILE n 
1 112 LYS n 
1 113 GLU n 
1 114 GLU n 
1 115 LEU n 
1 116 ASP n 
1 117 GLU n 
1 118 ASP n 
1 119 PHE n 
1 120 GLU n 
1 121 GLN n 
1 122 LEU n 
1 123 CYS n 
1 124 GLU n 
1 125 GLU n 
1 126 ILE n 
1 127 GLN n 
1 128 GLU n 
1 129 SER n 
1 130 ARG n 
# 
_entity_src_gen.entity_id                          1 
_entity_src_gen.pdbx_src_id                        1 
_entity_src_gen.pdbx_alt_source_flag               sample 
_entity_src_gen.pdbx_seq_type                      'Biological sequence' 
_entity_src_gen.pdbx_beg_seq_num                   1 
_entity_src_gen.pdbx_end_seq_num                   130 
_entity_src_gen.gene_src_common_name               Human 
_entity_src_gen.gene_src_genus                     ? 
_entity_src_gen.pdbx_gene_src_gene                 'ATAD2, L16, PRO2000' 
_entity_src_gen.gene_src_species                   ? 
_entity_src_gen.gene_src_strain                    ? 
_entity_src_gen.gene_src_tissue                    ? 
_entity_src_gen.gene_src_tissue_fraction           ? 
_entity_src_gen.gene_src_details                   ? 
_entity_src_gen.pdbx_gene_src_fragment             ? 
_entity_src_gen.pdbx_gene_src_scientific_name      'Homo sapiens' 
_entity_src_gen.pdbx_gene_src_ncbi_taxonomy_id     9606 
_entity_src_gen.pdbx_gene_src_variant              ? 
_entity_src_gen.pdbx_gene_src_cell_line            ? 
_entity_src_gen.pdbx_gene_src_atcc                 ? 
_entity_src_gen.pdbx_gene_src_organ                ? 
_entity_src_gen.pdbx_gene_src_organelle            ? 
_entity_src_gen.pdbx_gene_src_cell                 ? 
_entity_src_gen.pdbx_gene_src_cellular_location    ? 
_entity_src_gen.host_org_common_name               ? 
_entity_src_gen.pdbx_host_org_scientific_name      'Escherichia coli' 
_entity_src_gen.pdbx_host_org_ncbi_taxonomy_id     562 
_entity_src_gen.host_org_genus                     ? 
_entity_src_gen.pdbx_host_org_gene                 ? 
_entity_src_gen.pdbx_host_org_organ                ? 
_entity_src_gen.host_org_species                   ? 
_entity_src_gen.pdbx_host_org_tissue               ? 
_entity_src_gen.pdbx_host_org_tissue_fraction      ? 
_entity_src_gen.pdbx_host_org_strain               ? 
_entity_src_gen.pdbx_host_org_variant              ? 
_entity_src_gen.pdbx_host_org_cell_line            ? 
_entity_src_gen.pdbx_host_org_atcc                 ? 
_entity_src_gen.pdbx_host_org_culture_collection   ? 
_entity_src_gen.pdbx_host_org_cell                 ? 
_entity_src_gen.pdbx_host_org_organelle            ? 
_entity_src_gen.pdbx_host_org_cellular_location    ? 
_entity_src_gen.pdbx_host_org_vector_type          ? 
_entity_src_gen.pdbx_host_org_vector               ? 
_entity_src_gen.host_org_details                   ? 
_entity_src_gen.expression_system_id               ? 
_entity_src_gen.plasmid_name                       ? 
_entity_src_gen.plasmid_details                    ? 
_entity_src_gen.pdbx_description                   ? 
# 
loop_
_chem_comp.id 
_chem_comp.type 
_chem_comp.mon_nstd_flag 
_chem_comp.name 
_chem_comp.pdbx_synonyms 
_chem_comp.formula 
_chem_comp.formula_weight 
ALA 'L-peptide linking' y ALANINE                                                              ?                 'C3 H7 N O2' 
89.093  
ARG 'L-peptide linking' y ARGININE                                                             ?                 'C6 H15 N4 O2 1' 
175.209 
ASN 'L-peptide linking' y ASPARAGINE                                                           ?                 'C4 H8 N2 O3' 
132.118 
ASP 'L-peptide linking' y 'ASPARTIC ACID'                                                      ?                 'C4 H7 N O4' 
133.103 
CYS 'L-peptide linking' y CYSTEINE                                                             ?                 'C3 H7 N O2 S' 
121.158 
EDO non-polymer         . 1,2-ETHANEDIOL                                                       'ETHYLENE GLYCOL' 'C2 H6 O2' 62.068 
GLN 'L-peptide linking' y GLUTAMINE                                                            ?                 'C5 H10 N2 O3' 
146.144 
GLU 'L-peptide linking' y 'GLUTAMIC ACID'                                                      ?                 'C5 H9 N O4' 
147.129 
GLY 'peptide linking'   y GLYCINE                                                              ?                 'C2 H5 N O2' 
75.067  
HIS 'L-peptide linking' y HISTIDINE                                                            ?                 'C6 H10 N3 O2 1' 
156.162 
HOH non-polymer         . WATER                                                                ?                 'H2 O' 18.015  
ILE 'L-peptide linking' y ISOLEUCINE                                                           ?                 'C6 H13 N O2' 
131.173 
LEU 'L-peptide linking' y LEUCINE                                                              ?                 'C6 H13 N O2' 
131.173 
LYS 'L-peptide linking' y LYSINE                                                               ?                 'C6 H15 N2 O2 1' 
147.195 
MET 'L-peptide linking' y METHIONINE                                                           ?                 'C5 H11 N O2 S' 
149.211 
PHE 'L-peptide linking' y PHENYLALANINE                                                        ?                 'C9 H11 N O2' 
165.189 
PRO 'L-peptide linking' y PROLINE                                                              ?                 'C5 H9 N O2' 
115.130 
RK7 non-polymer         . 'ethyl (2R,3S)-3-(5-bromopyridin-2-yl)-2-fluoro-3-hydroxypropanoate' ?                 
'C10 H11 Br F N O3' 292.102 
SER 'L-peptide linking' y SERINE                                                               ?                 'C3 H7 N O3' 
105.093 
SO4 non-polymer         . 'SULFATE ION'                                                        ?                 'O4 S -2' 96.063  
THR 'L-peptide linking' y THREONINE                                                            ?                 'C4 H9 N O3' 
119.119 
TYR 'L-peptide linking' y TYROSINE                                                             ?                 'C9 H11 N O3' 
181.189 
VAL 'L-peptide linking' y VALINE                                                               ?                 'C5 H11 N O2' 
117.146 
# 
loop_
_pdbx_poly_seq_scheme.asym_id 
_pdbx_poly_seq_scheme.entity_id 
_pdbx_poly_seq_scheme.seq_id 
_pdbx_poly_seq_scheme.mon_id 
_pdbx_poly_seq_scheme.ndb_seq_num 
_pdbx_poly_seq_scheme.pdb_seq_num 
_pdbx_poly_seq_scheme.auth_seq_num 
_pdbx_poly_seq_scheme.pdb_mon_id 
_pdbx_poly_seq_scheme.auth_mon_id 
_pdbx_poly_seq_scheme.pdb_strand_id 
_pdbx_poly_seq_scheme.pdb_ins_code 
_pdbx_poly_seq_scheme.hetero 
A 1 1   SER 1   979  979  SER SER A . n 
A 1 2   MET 2   980  980  MET MET A . n 
A 1 3   GLN 3   981  981  GLN GLN A . n 
A 1 4   GLU 4   982  982  GLU GLU A . n 
A 1 5   GLU 5   983  983  GLU GLU A . n 
A 1 6   ASP 6   984  984  ASP ASP A . n 
A 1 7   THR 7   985  985  THR THR A . n 
A 1 8   PHE 8   986  986  PHE PHE A . n 
A 1 9   ARG 9   987  987  ARG ARG A . n 
A 1 10  GLU 10  988  988  GLU GLU A . n 
A 1 11  LEU 11  989  989  LEU LEU A . n 
A 1 12  ARG 12  990  990  ARG ARG A . n 
A 1 13  ILE 13  991  991  ILE ILE A . n 
A 1 14  PHE 14  992  992  PHE PHE A . n 
A 1 15  LEU 15  993  993  LEU LEU A . n 
A 1 16  ARG 16  994  994  ARG ARG A . n 
A 1 17  ASN 17  995  995  ASN ASN A . n 
A 1 18  VAL 18  996  996  VAL VAL A . n 
A 1 19  THR 19  997  997  THR THR A . n 
A 1 20  HIS 20  998  998  HIS HIS A . n 
A 1 21  ARG 21  999  999  ARG ARG A . n 
A 1 22  LEU 22  1000 1000 LEU LEU A . n 
A 1 23  ALA 23  1001 1001 ALA ALA A . n 
A 1 24  ILE 24  1002 1002 ILE ILE A . n 
A 1 25  ASP 25  1003 1003 ASP ASP A . n 
A 1 26  LYS 26  1004 1004 LYS LYS A . n 
A 1 27  ARG 27  1005 1005 ARG ARG A . n 
A 1 28  PHE 28  1006 1006 PHE PHE A . n 
A 1 29  ARG 29  1007 1007 ARG ARG A . n 
A 1 30  VAL 30  1008 1008 VAL VAL A . n 
A 1 31  PHE 31  1009 1009 PHE PHE A . n 
A 1 32  THR 32  1010 1010 THR THR A . n 
A 1 33  LYS 33  1011 1011 LYS LYS A . n 
A 1 34  PRO 34  1012 1012 PRO PRO A . n 
A 1 35  VAL 35  1013 1013 VAL VAL A . n 
A 1 36  ASP 36  1014 1014 ASP ASP A . n 
A 1 37  PRO 37  1015 1015 PRO PRO A . n 
A 1 38  ASP 38  1016 1016 ASP ASP A . n 
A 1 39  GLU 39  1017 1017 GLU GLU A . n 
A 1 40  VAL 40  1018 1018 VAL VAL A . n 
A 1 41  PRO 41  1019 1019 PRO PRO A . n 
A 1 42  ASP 42  1020 1020 ASP ASP A . n 
A 1 43  TYR 43  1021 1021 TYR TYR A . n 
A 1 44  ARG 44  1022 1022 ARG ARG A . n 
A 1 45  THR 45  1023 1023 THR THR A . n 
A 1 46  VAL 46  1024 1024 VAL VAL A . n 
A 1 47  ILE 47  1025 1025 ILE ILE A . n 
A 1 48  LYS 48  1026 1026 LYS LYS A . n 
A 1 49  GLU 49  1027 1027 GLU GLU A . n 
A 1 50  PRO 50  1028 1028 PRO PRO A . n 
A 1 51  MET 51  1029 1029 MET MET A . n 
A 1 52  ASP 52  1030 1030 ASP ASP A . n 
A 1 53  LEU 53  1031 1031 LEU LEU A . n 
A 1 54  SER 54  1032 1032 SER SER A . n 
A 1 55  SER 55  1033 1033 SER SER A . n 
A 1 56  VAL 56  1034 1034 VAL VAL A . n 
A 1 57  ILE 57  1035 1035 ILE ILE A . n 
A 1 58  SER 58  1036 1036 SER SER A . n 
A 1 59  LYS 59  1037 1037 LYS LYS A . n 
A 1 60  ILE 60  1038 1038 ILE ILE A . n 
A 1 61  ASP 61  1039 1039 ASP ASP A . n 
A 1 62  LEU 62  1040 1040 LEU LEU A . n 
A 1 63  HIS 63  1041 1041 HIS HIS A . n 
A 1 64  LYS 64  1042 1042 LYS LYS A . n 
A 1 65  TYR 65  1043 1043 TYR TYR A . n 
A 1 66  LEU 66  1044 1044 LEU LEU A . n 
A 1 67  THR 67  1045 1045 THR THR A . n 
A 1 68  VAL 68  1046 1046 VAL VAL A . n 
A 1 69  LYS 69  1047 1047 LYS LYS A . n 
A 1 70  ASP 70  1048 1048 ASP ASP A . n 
A 1 71  TYR 71  1049 1049 TYR TYR A . n 
A 1 72  LEU 72  1050 1050 LEU LEU A . n 
A 1 73  ARG 73  1051 1051 ARG ARG A . n 
A 1 74  ASP 74  1052 1052 ASP ASP A . n 
A 1 75  ILE 75  1053 1053 ILE ILE A . n 
A 1 76  ASP 76  1054 1054 ASP ASP A . n 
A 1 77  LEU 77  1055 1055 LEU LEU A . n 
A 1 78  ILE 78  1056 1056 ILE ILE A . n 
A 1 79  CYS 79  1057 1057 CYS CYS A . n 
A 1 80  SER 80  1058 1058 SER SER A . n 
A 1 81  ASN 81  1059 1059 ASN ASN A . n 
A 1 82  ALA 82  1060 1060 ALA ALA A . n 
A 1 83  LEU 83  1061 1061 LEU LEU A . n 
A 1 84  GLU 84  1062 1062 GLU GLU A . n 
A 1 85  TYR 85  1063 1063 TYR TYR A . n 
A 1 86  ASN 86  1064 1064 ASN ASN A . n 
A 1 87  PRO 87  1065 1065 PRO PRO A . n 
A 1 88  ASP 88  1066 1066 ASP ASP A . n 
A 1 89  ARG 89  1067 1067 ARG ARG A . n 
A 1 90  ASP 90  1068 1068 ASP ASP A . n 
A 1 91  PRO 91  1069 1069 PRO PRO A . n 
A 1 92  GLY 92  1070 1070 GLY GLY A . n 
A 1 93  ASP 93  1071 1071 ASP ASP A . n 
A 1 94  ARG 94  1072 1072 ARG ARG A . n 
A 1 95  LEU 95  1073 1073 LEU LEU A . n 
A 1 96  ILE 96  1074 1074 ILE ILE A . n 
A 1 97  ARG 97  1075 1075 ARG ARG A . n 
A 1 98  HIS 98  1076 1076 HIS HIS A . n 
A 1 99  ARG 99  1077 1077 ARG ARG A . n 
A 1 100 ALA 100 1078 1078 ALA ALA A . n 
A 1 101 CYS 101 1079 1079 CYS CYS A . n 
A 1 102 ALA 102 1080 1080 ALA ALA A . n 
A 1 103 LEU 103 1081 1081 LEU LEU A . n 
A 1 104 ARG 104 1082 1082 ARG ARG A . n 
A 1 105 ASP 105 1083 1083 ASP ASP A . n 
A 1 106 THR 106 1084 1084 THR THR A . n 
A 1 107 ALA 107 1085 1085 ALA ALA A . n 
A 1 108 TYR 108 1086 1086 TYR TYR A . n 
A 1 109 ALA 109 1087 1087 ALA ALA A . n 
A 1 110 ILE 110 1088 1088 ILE ILE A . n 
A 1 111 ILE 111 1089 1089 ILE ILE A . n 
A 1 112 LYS 112 1090 1090 LYS LYS A . n 
A 1 113 GLU 113 1091 1091 GLU GLU A . n 
A 1 114 GLU 114 1092 1092 GLU GLU A . n 
A 1 115 LEU 115 1093 1093 LEU LEU A . n 
A 1 116 ASP 116 1094 1094 ASP ASP A . n 
A 1 117 GLU 117 1095 1095 GLU GLU A . n 
A 1 118 ASP 118 1096 1096 ASP ASP A . n 
A 1 119 PHE 119 1097 1097 PHE PHE A . n 
A 1 120 GLU 120 1098 1098 GLU GLU A . n 
A 1 121 GLN 121 1099 1099 GLN GLN A . n 
A 1 122 LEU 122 1100 1100 LEU LEU A . n 
A 1 123 CYS 123 1101 1101 CYS CYS A . n 
A 1 124 GLU 124 1102 1102 GLU GLU A . n 
A 1 125 GLU 125 1103 1103 GLU GLU A . n 
A 1 126 ILE 126 1104 1104 ILE ILE A . n 
A 1 127 GLN 127 1105 1105 GLN GLN A . n 
A 1 128 GLU 128 1106 1106 GLU GLU A . n 
A 1 129 SER 129 1107 1107 SER SER A . n 
A 1 130 ARG 130 1108 1108 ARG ARG A . n 
# 
loop_
_pdbx_nonpoly_scheme.asym_id 
_pdbx_nonpoly_scheme.entity_id 
_pdbx_nonpoly_scheme.mon_id 
_pdbx_nonpoly_scheme.ndb_seq_num 
_pdbx_nonpoly_scheme.pdb_seq_num 
_pdbx_nonpoly_scheme.auth_seq_num 
_pdbx_nonpoly_scheme.pdb_mon_id 
_pdbx_nonpoly_scheme.auth_mon_id 
_pdbx_nonpoly_scheme.pdb_strand_id 
_pdbx_nonpoly_scheme.pdb_ins_code 
B 2 RK7 1   1201 1201 RK7 LIG A . 
C 3 SO4 1   1202 1    SO4 SO4 A . 
D 3 SO4 1   1203 2    SO4 SO4 A . 
E 4 EDO 1   1204 5    EDO EDO A . 
F 4 EDO 1   1205 6    EDO EDO A . 
G 4 EDO 1   1206 7    EDO EDO A . 
H 5 HOH 1   1301 184  HOH HOH A . 
H 5 HOH 2   1302 256  HOH HOH A . 
H 5 HOH 3   1303 261  HOH HOH A . 
H 5 HOH 4   1304 158  HOH HOH A . 
H 5 HOH 5   1305 94   HOH HOH A . 
H 5 HOH 6   1306 191  HOH HOH A . 
H 5 HOH 7   1307 134  HOH HOH A . 
H 5 HOH 8   1308 129  HOH HOH A . 
H 5 HOH 9   1309 59   HOH HOH A . 
H 5 HOH 10  1310 144  HOH HOH A . 
H 5 HOH 11  1311 9    HOH HOH A . 
H 5 HOH 12  1312 142  HOH HOH A . 
H 5 HOH 13  1313 5    HOH HOH A . 
H 5 HOH 14  1314 171  HOH HOH A . 
H 5 HOH 15  1315 68   HOH HOH A . 
H 5 HOH 16  1316 200  HOH HOH A . 
H 5 HOH 17  1317 161  HOH HOH A . 
H 5 HOH 18  1318 128  HOH HOH A . 
H 5 HOH 19  1319 87   HOH HOH A . 
H 5 HOH 20  1320 118  HOH HOH A . 
H 5 HOH 21  1321 111  HOH HOH A . 
H 5 HOH 22  1322 27   HOH HOH A . 
H 5 HOH 23  1323 98   HOH HOH A . 
H 5 HOH 24  1324 79   HOH HOH A . 
H 5 HOH 25  1325 201  HOH HOH A . 
H 5 HOH 26  1326 28   HOH HOH A . 
H 5 HOH 27  1327 113  HOH HOH A . 
H 5 HOH 28  1328 50   HOH HOH A . 
H 5 HOH 29  1329 88   HOH HOH A . 
H 5 HOH 30  1330 32   HOH HOH A . 
H 5 HOH 31  1331 109  HOH HOH A . 
H 5 HOH 32  1332 132  HOH HOH A . 
H 5 HOH 33  1333 23   HOH HOH A . 
H 5 HOH 34  1334 16   HOH HOH A . 
H 5 HOH 35  1335 106  HOH HOH A . 
H 5 HOH 36  1336 203  HOH HOH A . 
H 5 HOH 37  1337 13   HOH HOH A . 
H 5 HOH 38  1338 75   HOH HOH A . 
H 5 HOH 39  1339 100  HOH HOH A . 
H 5 HOH 40  1340 56   HOH HOH A . 
H 5 HOH 41  1341 165  HOH HOH A . 
H 5 HOH 42  1342 187  HOH HOH A . 
H 5 HOH 43  1343 80   HOH HOH A . 
H 5 HOH 44  1344 197  HOH HOH A . 
H 5 HOH 45  1345 25   HOH HOH A . 
H 5 HOH 46  1346 77   HOH HOH A . 
H 5 HOH 47  1347 12   HOH HOH A . 
H 5 HOH 48  1348 19   HOH HOH A . 
H 5 HOH 49  1349 236  HOH HOH A . 
H 5 HOH 50  1350 61   HOH HOH A . 
H 5 HOH 51  1351 47   HOH HOH A . 
H 5 HOH 52  1352 33   HOH HOH A . 
H 5 HOH 53  1353 189  HOH HOH A . 
H 5 HOH 54  1354 42   HOH HOH A . 
H 5 HOH 55  1355 31   HOH HOH A . 
H 5 HOH 56  1356 64   HOH HOH A . 
H 5 HOH 57  1357 221  HOH HOH A . 
H 5 HOH 58  1358 73   HOH HOH A . 
H 5 HOH 59  1359 141  HOH HOH A . 
H 5 HOH 60  1360 17   HOH HOH A . 
H 5 HOH 61  1361 162  HOH HOH A . 
H 5 HOH 62  1362 7    HOH HOH A . 
H 5 HOH 63  1363 14   HOH HOH A . 
H 5 HOH 64  1364 20   HOH HOH A . 
H 5 HOH 65  1365 55   HOH HOH A . 
H 5 HOH 66  1366 140  HOH HOH A . 
H 5 HOH 67  1367 52   HOH HOH A . 
H 5 HOH 68  1368 34   HOH HOH A . 
H 5 HOH 69  1369 99   HOH HOH A . 
H 5 HOH 70  1370 92   HOH HOH A . 
H 5 HOH 71  1371 46   HOH HOH A . 
H 5 HOH 72  1372 70   HOH HOH A . 
H 5 HOH 73  1373 40   HOH HOH A . 
H 5 HOH 74  1374 160  HOH HOH A . 
H 5 HOH 75  1375 260  HOH HOH A . 
H 5 HOH 76  1376 45   HOH HOH A . 
H 5 HOH 77  1377 76   HOH HOH A . 
H 5 HOH 78  1378 24   HOH HOH A . 
H 5 HOH 79  1379 22   HOH HOH A . 
H 5 HOH 80  1380 139  HOH HOH A . 
H 5 HOH 81  1381 43   HOH HOH A . 
H 5 HOH 82  1382 48   HOH HOH A . 
H 5 HOH 83  1383 36   HOH HOH A . 
H 5 HOH 84  1384 83   HOH HOH A . 
H 5 HOH 85  1385 107  HOH HOH A . 
H 5 HOH 86  1386 51   HOH HOH A . 
H 5 HOH 87  1387 163  HOH HOH A . 
H 5 HOH 88  1388 58   HOH HOH A . 
H 5 HOH 89  1389 6    HOH HOH A . 
H 5 HOH 90  1390 120  HOH HOH A . 
H 5 HOH 91  1391 62   HOH HOH A . 
H 5 HOH 92  1392 89   HOH HOH A . 
H 5 HOH 93  1393 54   HOH HOH A . 
H 5 HOH 94  1394 130  HOH HOH A . 
H 5 HOH 95  1395 4    HOH HOH A . 
H 5 HOH 96  1396 154  HOH HOH A . 
H 5 HOH 97  1397 243  HOH HOH A . 
H 5 HOH 98  1398 102  HOH HOH A . 
H 5 HOH 99  1399 105  HOH HOH A . 
H 5 HOH 100 1400 216  HOH HOH A . 
H 5 HOH 101 1401 122  HOH HOH A . 
H 5 HOH 102 1402 124  HOH HOH A . 
H 5 HOH 103 1403 67   HOH HOH A . 
H 5 HOH 104 1404 30   HOH HOH A . 
H 5 HOH 105 1405 116  HOH HOH A . 
H 5 HOH 106 1406 101  HOH HOH A . 
H 5 HOH 107 1407 90   HOH HOH A . 
H 5 HOH 108 1408 259  HOH HOH A . 
H 5 HOH 109 1409 15   HOH HOH A . 
H 5 HOH 110 1410 179  HOH HOH A . 
H 5 HOH 111 1411 18   HOH HOH A . 
H 5 HOH 112 1412 237  HOH HOH A . 
H 5 HOH 113 1413 253  HOH HOH A . 
H 5 HOH 114 1414 147  HOH HOH A . 
H 5 HOH 115 1415 85   HOH HOH A . 
H 5 HOH 116 1416 240  HOH HOH A . 
H 5 HOH 117 1417 234  HOH HOH A . 
H 5 HOH 118 1418 172  HOH HOH A . 
H 5 HOH 119 1419 3    HOH HOH A . 
H 5 HOH 120 1420 39   HOH HOH A . 
H 5 HOH 121 1421 29   HOH HOH A . 
H 5 HOH 122 1422 82   HOH HOH A . 
H 5 HOH 123 1423 95   HOH HOH A . 
H 5 HOH 124 1424 252  HOH HOH A . 
H 5 HOH 125 1425 86   HOH HOH A . 
H 5 HOH 126 1426 78   HOH HOH A . 
H 5 HOH 127 1427 155  HOH HOH A . 
H 5 HOH 128 1428 72   HOH HOH A . 
H 5 HOH 129 1429 196  HOH HOH A . 
H 5 HOH 130 1430 10   HOH HOH A . 
H 5 HOH 131 1431 123  HOH HOH A . 
H 5 HOH 132 1432 145  HOH HOH A . 
H 5 HOH 133 1433 53   HOH HOH A . 
H 5 HOH 134 1434 206  HOH HOH A . 
H 5 HOH 135 1435 176  HOH HOH A . 
H 5 HOH 136 1436 49   HOH HOH A . 
H 5 HOH 137 1437 26   HOH HOH A . 
H 5 HOH 138 1438 131  HOH HOH A . 
H 5 HOH 139 1439 97   HOH HOH A . 
H 5 HOH 140 1440 11   HOH HOH A . 
H 5 HOH 141 1441 150  HOH HOH A . 
H 5 HOH 142 1442 21   HOH HOH A . 
H 5 HOH 143 1443 254  HOH HOH A . 
H 5 HOH 144 1444 246  HOH HOH A . 
H 5 HOH 145 1445 177  HOH HOH A . 
H 5 HOH 146 1446 180  HOH HOH A . 
H 5 HOH 147 1447 69   HOH HOH A . 
H 5 HOH 148 1448 209  HOH HOH A . 
H 5 HOH 149 1449 175  HOH HOH A . 
H 5 HOH 150 1450 199  HOH HOH A . 
H 5 HOH 151 1451 93   HOH HOH A . 
H 5 HOH 152 1452 115  HOH HOH A . 
H 5 HOH 153 1453 57   HOH HOH A . 
H 5 HOH 154 1454 207  HOH HOH A . 
H 5 HOH 155 1455 96   HOH HOH A . 
H 5 HOH 156 1456 188  HOH HOH A . 
H 5 HOH 157 1457 178  HOH HOH A . 
H 5 HOH 158 1458 164  HOH HOH A . 
H 5 HOH 159 1459 194  HOH HOH A . 
H 5 HOH 160 1460 152  HOH HOH A . 
H 5 HOH 161 1461 38   HOH HOH A . 
H 5 HOH 162 1462 114  HOH HOH A . 
H 5 HOH 163 1463 2    HOH HOH A . 
H 5 HOH 164 1464 244  HOH HOH A . 
H 5 HOH 165 1465 81   HOH HOH A . 
H 5 HOH 166 1466 211  HOH HOH A . 
H 5 HOH 167 1467 167  HOH HOH A . 
H 5 HOH 168 1468 225  HOH HOH A . 
H 5 HOH 169 1469 186  HOH HOH A . 
H 5 HOH 170 1470 91   HOH HOH A . 
H 5 HOH 171 1471 60   HOH HOH A . 
H 5 HOH 172 1472 110  HOH HOH A . 
H 5 HOH 173 1473 220  HOH HOH A . 
H 5 HOH 174 1474 159  HOH HOH A . 
H 5 HOH 175 1475 224  HOH HOH A . 
H 5 HOH 176 1476 215  HOH HOH A . 
H 5 HOH 177 1477 250  HOH HOH A . 
H 5 HOH 178 1478 37   HOH HOH A . 
H 5 HOH 179 1479 151  HOH HOH A . 
H 5 HOH 180 1480 112  HOH HOH A . 
H 5 HOH 181 1481 205  HOH HOH A . 
H 5 HOH 182 1482 210  HOH HOH A . 
H 5 HOH 183 1483 66   HOH HOH A . 
H 5 HOH 184 1484 157  HOH HOH A . 
H 5 HOH 185 1485 84   HOH HOH A . 
H 5 HOH 186 1486 125  HOH HOH A . 
H 5 HOH 187 1487 217  HOH HOH A . 
H 5 HOH 188 1488 262  HOH HOH A . 
H 5 HOH 189 1489 103  HOH HOH A . 
H 5 HOH 190 1490 8    HOH HOH A . 
H 5 HOH 191 1491 233  HOH HOH A . 
H 5 HOH 192 1492 174  HOH HOH A . 
H 5 HOH 193 1493 74   HOH HOH A . 
H 5 HOH 194 1494 119  HOH HOH A . 
H 5 HOH 195 1495 146  HOH HOH A . 
H 5 HOH 196 1496 148  HOH HOH A . 
H 5 HOH 197 1497 44   HOH HOH A . 
H 5 HOH 198 1498 185  HOH HOH A . 
H 5 HOH 199 1499 251  HOH HOH A . 
H 5 HOH 200 1500 71   HOH HOH A . 
H 5 HOH 201 1501 104  HOH HOH A . 
H 5 HOH 202 1502 63   HOH HOH A . 
H 5 HOH 203 1503 127  HOH HOH A . 
H 5 HOH 204 1504 248  HOH HOH A . 
H 5 HOH 205 1505 137  HOH HOH A . 
H 5 HOH 206 1506 149  HOH HOH A . 
H 5 HOH 207 1507 168  HOH HOH A . 
H 5 HOH 208 1508 35   HOH HOH A . 
H 5 HOH 209 1509 181  HOH HOH A . 
H 5 HOH 210 1510 255  HOH HOH A . 
H 5 HOH 211 1511 249  HOH HOH A . 
H 5 HOH 212 1512 183  HOH HOH A . 
H 5 HOH 213 1513 202  HOH HOH A . 
H 5 HOH 214 1514 219  HOH HOH A . 
H 5 HOH 215 1515 213  HOH HOH A . 
H 5 HOH 216 1516 257  HOH HOH A . 
H 5 HOH 217 1517 121  HOH HOH A . 
H 5 HOH 218 1518 136  HOH HOH A . 
H 5 HOH 219 1519 214  HOH HOH A . 
# 
loop_
_pdbx_unobs_or_zero_occ_atoms.id 
_pdbx_unobs_or_zero_occ_atoms.PDB_model_num 
_pdbx_unobs_or_zero_occ_atoms.polymer_flag 
_pdbx_unobs_or_zero_occ_atoms.occupancy_flag 
_pdbx_unobs_or_zero_occ_atoms.auth_asym_id 
_pdbx_unobs_or_zero_occ_atoms.auth_comp_id 
_pdbx_unobs_or_zero_occ_atoms.auth_seq_id 
_pdbx_unobs_or_zero_occ_atoms.PDB_ins_code 
_pdbx_unobs_or_zero_occ_atoms.auth_atom_id 
_pdbx_unobs_or_zero_occ_atoms.label_alt_id 
_pdbx_unobs_or_zero_occ_atoms.label_asym_id 
_pdbx_unobs_or_zero_occ_atoms.label_comp_id 
_pdbx_unobs_or_zero_occ_atoms.label_seq_id 
_pdbx_unobs_or_zero_occ_atoms.label_atom_id 
1 1 Y 1 A LYS 1004 ? CG ? A LYS 26 CG 
2 1 Y 1 A LYS 1004 ? CD ? A LYS 26 CD 
3 1 Y 1 A LYS 1004 ? CE ? A LYS 26 CE 
4 1 Y 1 A LYS 1004 ? NZ ? A LYS 26 NZ 
# 
loop_
_software.pdbx_ordinal 
_software.name 
_software.version 
_software.date 
_software.type 
_software.contact_author 
_software.contact_author_email 
_software.classification 
_software.location 
_software.language 
_software.citation_id 
1 REFMAC      5.8.0238 ?               program 'Garib N. Murshudov' garib@ysbl.york.ac.uk    refinement        
http://www.ccp4.ac.uk/dist/html/refmac5.html        Fortran_77 ? 
2 Aimless     0.5.23   02/02/16        program 'Phil Evans'         ?                        'data scaling'    
http://www.mrc-lmb.cam.ac.uk/harry/pre/aimless.html ?          ? 
3 PDB_EXTRACT 3.23     'SEP. 23, 2016' package PDB                  deposit@deposit.rcsb.org 'data extraction' 
http://sw-tools.pdb.org/apps/PDB_EXTRACT/           C++        ? 
4 XDS         .        ?               program ?                    ?                        'data reduction'  ? ?          ? 
5 REFMAC      .        ?               program ?                    ?                        phasing           ? ?          ? 
# 
_cell.entry_id           5QXY 
_cell.length_a           80.966 
_cell.length_b           80.966 
_cell.length_c           140.151 
_cell.angle_alpha        90.000 
_cell.angle_beta         90.000 
_cell.angle_gamma        120.000 
_cell.Z_PDB              12 
_cell.pdbx_unique_axis   ? 
# 
_symmetry.entry_id                         5QXY 
_symmetry.space_group_name_H-M             'P 65 2 2' 
_symmetry.pdbx_full_space_group_name_H-M   ? 
_symmetry.cell_setting                     ? 
_symmetry.Int_Tables_number                179 
# 
_exptl.crystals_number   1 
_exptl.entry_id          5QXY 
_exptl.method            'X-RAY DIFFRACTION' 
# 
_exptl_crystal.id                    1 
_exptl_crystal.pdbx_mosaicity        0.070 
_exptl_crystal.pdbx_mosaicity_esd    ? 
_exptl_crystal.density_Matthews      4.2 
_exptl_crystal.density_diffrn        ? 
_exptl_crystal.density_meas          ? 
_exptl_crystal.density_meas_temp     ? 
_exptl_crystal.density_percent_sol   70.7 
_exptl_crystal.size_max              ? 
_exptl_crystal.size_mid              ? 
_exptl_crystal.size_min              ? 
_exptl_crystal.size_rad              ? 
_exptl_crystal.description           ? 
# 
_exptl_crystal_grow.crystal_id      1 
_exptl_crystal_grow.method          'VAPOR DIFFUSION, SITTING DROP' 
_exptl_crystal_grow.pH              5.5 
_exptl_crystal_grow.temp            277 
_exptl_crystal_grow.pdbx_details    '1.6M Ammonium Sulfate, 0.1M bis-tris pH 5.5' 
_exptl_crystal_grow.temp_details    ? 
_exptl_crystal_grow.pdbx_pH_range   ? 
# 
_diffrn.id                     1 
_diffrn.ambient_temp           100 
_diffrn.crystal_id             1 
_diffrn.ambient_temp_details   ? 
# 
_diffrn_detector.detector               PIXEL 
_diffrn_detector.type                   'DECTRIS PILATUS 6M' 
_diffrn_detector.pdbx_collection_date   2016-04-26 
_diffrn_detector.diffrn_id              1 
_diffrn_detector.details                ? 
# 
_diffrn_radiation.diffrn_id                        1 
_diffrn_radiation.wavelength_id                    1 
_diffrn_radiation.pdbx_diffrn_protocol             'SINGLE WAVELENGTH' 
_diffrn_radiation.pdbx_monochromatic_or_laue_m_l   ? 
_diffrn_radiation.monochromator                    ? 
_diffrn_radiation.pdbx_scattering_type             x-ray 
# 
_diffrn_radiation_wavelength.id           1 
_diffrn_radiation_wavelength.wavelength   0.92819 
_diffrn_radiation_wavelength.wt           1.0 
# 
_diffrn_source.diffrn_id                   1 
_diffrn_source.source                      SYNCHROTRON 
_diffrn_source.type                        'DIAMOND BEAMLINE I04-1' 
_diffrn_source.pdbx_wavelength_list        0.92819 
_diffrn_source.pdbx_synchrotron_site       Diamond 
_diffrn_source.pdbx_synchrotron_beamline   I04-1 
_diffrn_source.pdbx_wavelength             ? 
# 
_reflns.entry_id                     5QXY 
_reflns.pdbx_diffrn_id               1 
_reflns.pdbx_ordinal                 1 
_reflns.observed_criterion_sigma_I   ? 
_reflns.observed_criterion_sigma_F   ? 
_reflns.d_resolution_low             28.040 
_reflns.d_resolution_high            1.540 
_reflns.number_obs                   40499 
_reflns.number_all                   ? 
_reflns.percent_possible_obs         99.800 
_reflns.pdbx_Rmerge_I_obs            0.064 
_reflns.pdbx_Rsym_value              ? 
_reflns.pdbx_netI_over_sigmaI        31.800 
_reflns.B_iso_Wilson_estimate        ? 
_reflns.pdbx_redundancy              19.200 
_reflns.pdbx_Rrim_I_all              0.066 
_reflns.pdbx_Rpim_I_all              0.015 
_reflns.pdbx_CC_half                 1.000 
_reflns.pdbx_netI_over_av_sigmaI     ? 
_reflns.pdbx_number_measured_all     775970 
_reflns.pdbx_scaling_rejects         0 
_reflns.pdbx_chi_squared             ? 
_reflns.Rmerge_F_all                 ? 
_reflns.Rmerge_F_obs                 ? 
_reflns.observed_criterion_F_max     ? 
_reflns.observed_criterion_F_min     ? 
_reflns.observed_criterion_I_max     ? 
_reflns.observed_criterion_I_min     ? 
_reflns.pdbx_d_res_high_opt          ? 
_reflns.pdbx_d_res_low_opt           ? 
_reflns.details                      ? 
# 
loop_
_reflns_shell.pdbx_diffrn_id 
_reflns_shell.pdbx_ordinal 
_reflns_shell.d_res_high 
_reflns_shell.d_res_low 
_reflns_shell.number_measured_obs 
_reflns_shell.number_measured_all 
_reflns_shell.number_unique_obs 
_reflns_shell.pdbx_rejects 
_reflns_shell.Rmerge_I_obs 
_reflns_shell.meanI_over_sigI_obs 
_reflns_shell.pdbx_Rsym_value 
_reflns_shell.pdbx_chi_squared 
_reflns_shell.pdbx_redundancy 
_reflns_shell.percent_possible_obs 
_reflns_shell.pdbx_netI_over_sigmaI_obs 
_reflns_shell.number_possible 
_reflns_shell.number_unique_all 
_reflns_shell.Rmerge_F_all 
_reflns_shell.Rmerge_F_obs 
_reflns_shell.Rmerge_I_all 
_reflns_shell.meanI_over_sigI_all 
_reflns_shell.percent_possible_all 
_reflns_shell.pdbx_Rrim_I_all 
_reflns_shell.pdbx_Rpim_I_all 
_reflns_shell.pdbx_CC_half 
1 1 1.540 1.580  ? 53235 ? ? 0.810 ? ? ? 18.600 ? 3.900   ? 2869 ? ? ? ? 97.300 0.832 0.189 0.917 
1 2 6.910 28.040 ? 9441  ? ? 0.024 ? ? ? 17.000 ? 103.900 ? 556  ? ? ? ? 98.600 0.024 0.006 1.000 
# 
_refine.entry_id                                 5QXY 
_refine.pdbx_refine_id                           'X-RAY DIFFRACTION' 
_refine.ls_d_res_high                            1.5400 
_refine.ls_d_res_low                             28.0600 
_refine.pdbx_ls_sigma_F                          0.000 
_refine.pdbx_data_cutoff_high_absF               ? 
_refine.pdbx_data_cutoff_low_absF                ? 
_refine.ls_percent_reflns_obs                    99.7500 
_refine.ls_number_reflns_obs                     38399 
_refine.ls_number_reflns_all                     ? 
_refine.pdbx_ls_cross_valid_method               THROUGHOUT 
_refine.ls_matrix_type                           ? 
_refine.pdbx_R_Free_selection_details            RANDOM 
_refine.details                                  
'HYDROGENS HAVE BEEN ADDED IN THE RIDING POSITIONS U VALUES      : REFINED INDIVIDUALLY' 
_refine.ls_R_factor_all                          ? 
_refine.ls_R_factor_obs                          0.1631 
_refine.ls_R_factor_R_work                       0.1626 
_refine.ls_wR_factor_R_work                      ? 
_refine.ls_R_factor_R_free                       0.1724 
_refine.ls_wR_factor_R_free                      ? 
_refine.ls_percent_reflns_R_free                 5.0000 
_refine.ls_number_reflns_R_free                  2033 
_refine.ls_number_reflns_R_work                  ? 
_refine.ls_R_factor_R_free_error                 ? 
_refine.B_iso_mean                               23.4010 
_refine.solvent_model_param_bsol                 ? 
_refine.solvent_model_param_ksol                 ? 
_refine.pdbx_isotropic_thermal_model             ? 
_refine.aniso_B[1][1]                            0.3200 
_refine.aniso_B[2][2]                            0.3200 
_refine.aniso_B[3][3]                            -1.0500 
_refine.aniso_B[1][2]                            0.1600 
_refine.aniso_B[1][3]                            0.0000 
_refine.aniso_B[2][3]                            -0.0000 
_refine.correlation_coeff_Fo_to_Fc               0.9690 
_refine.correlation_coeff_Fo_to_Fc_free          0.9660 
_refine.overall_SU_R_Cruickshank_DPI             ? 
_refine.pdbx_overall_SU_R_free_Cruickshank_DPI   ? 
_refine.pdbx_overall_SU_R_Blow_DPI               ? 
_refine.pdbx_overall_SU_R_free_Blow_DPI          ? 
_refine.overall_SU_R_free                        ? 
_refine.pdbx_overall_ESU_R                       0.0700 
_refine.pdbx_overall_ESU_R_Free                  0.0650 
_refine.overall_SU_ML                            0.0440 
_refine.overall_SU_B                             1.2300 
_refine.solvent_model_details                    MASK 
_refine.pdbx_solvent_vdw_probe_radii             1.2000 
_refine.pdbx_solvent_ion_probe_radii             0.8000 
_refine.pdbx_solvent_shrinkage_radii             0.8000 
_refine.ls_number_parameters                     ? 
_refine.ls_number_restraints                     ? 
_refine.pdbx_starting_model                      3DAI 
_refine.pdbx_method_to_determine_struct          'FOURIER SYNTHESIS' 
_refine.pdbx_stereochemistry_target_values       'MAXIMUM LIKELIHOOD' 
_refine.pdbx_stereochem_target_val_spec_case     ? 
_refine.overall_FOM_work_R_set                   ? 
_refine.B_iso_max                                100.590 
_refine.B_iso_min                                9.540 
_refine.pdbx_overall_phase_error                 ? 
_refine.occupancy_max                            ? 
_refine.occupancy_min                            ? 
_refine.pdbx_diffrn_id                           1 
_refine.pdbx_TLS_residual_ADP_flag               ? 
_refine.pdbx_ls_sigma_I                          ? 
_refine.pdbx_data_cutoff_high_rms_absF           ? 
_refine.ls_R_factor_R_free_error_details         ? 
# 
_refine_hist.cycle_id                         final 
_refine_hist.pdbx_refine_id                   'X-RAY DIFFRACTION' 
_refine_hist.d_res_high                       1.5400 
_refine_hist.d_res_low                        28.0600 
_refine_hist.pdbx_number_atoms_ligand         38 
_refine_hist.number_atoms_solvent             219 
_refine_hist.number_atoms_total               1341 
_refine_hist.pdbx_number_residues_total       130 
_refine_hist.pdbx_B_iso_mean_ligand           27.52 
_refine_hist.pdbx_B_iso_mean_solvent          37.14 
_refine_hist.pdbx_number_atoms_protein        1084 
_refine_hist.pdbx_number_atoms_nucleic_acid   0 
# 
loop_
_refine_ls_restr.pdbx_refine_id 
_refine_ls_restr.type 
_refine_ls_restr.number 
_refine_ls_restr.dev_ideal 
_refine_ls_restr.dev_ideal_target 
_refine_ls_restr.weight 
_refine_ls_restr.pdbx_restraint_function 
'X-RAY DIFFRACTION' r_bond_refined_d       3102 0.015  0.016  ? ? 
'X-RAY DIFFRACTION' r_bond_other_d         1692 0.001  0.017  ? ? 
'X-RAY DIFFRACTION' r_angle_refined_deg    2690 1.962  1.695  ? ? 
'X-RAY DIFFRACTION' r_angle_other_deg      3984 1.514  1.615  ? ? 
'X-RAY DIFFRACTION' r_dihedral_angle_1_deg 264  5.469  5.000  ? ? 
'X-RAY DIFFRACTION' r_dihedral_angle_2_deg 141  26.290 21.915 ? ? 
'X-RAY DIFFRACTION' r_dihedral_angle_3_deg 346  14.504 15.000 ? ? 
'X-RAY DIFFRACTION' r_dihedral_angle_4_deg 24   19.174 15.000 ? ? 
'X-RAY DIFFRACTION' r_chiral_restr         237  0.103  0.200  ? ? 
'X-RAY DIFFRACTION' r_gen_planes_refined   2564 0.009  0.020  ? ? 
'X-RAY DIFFRACTION' r_gen_planes_other     448  0.002  0.020  ? ? 
'X-RAY DIFFRACTION' r_mcbond_it            1417 1.617  1.949  ? ? 
'X-RAY DIFFRACTION' r_mcbond_other         1302 1.652  1.863  ? ? 
'X-RAY DIFFRACTION' r_mcangle_it           1205 2.867  2.810  ? ? 
# 
_refine_ls_shell.d_res_high                       1.5450 
_refine_ls_shell.d_res_low                        1.5850 
_refine_ls_shell.pdbx_total_number_of_bins_used   20 
_refine_ls_shell.percent_reflns_obs               97.3600 
_refine_ls_shell.number_reflns_R_work             2731 
_refine_ls_shell.R_factor_all                     ? 
_refine_ls_shell.R_factor_R_work                  0.2340 
_refine_ls_shell.R_factor_R_free                  0.2090 
_refine_ls_shell.percent_reflns_R_free            ? 
_refine_ls_shell.number_reflns_R_free             142 
_refine_ls_shell.R_factor_R_free_error            ? 
_refine_ls_shell.number_reflns_all                2873 
_refine_ls_shell.number_reflns_obs                ? 
_refine_ls_shell.pdbx_refine_id                   'X-RAY DIFFRACTION' 
# 
_struct.entry_id                  5QXY 
_struct.title                     'PanDDA analysis group deposition -- Crystal Structure of ATAD2 in complex with JKH93A' 
_struct.pdbx_model_details        ? 
_struct.pdbx_CASP_flag            ? 
_struct.pdbx_model_type_details   ? 
# 
_struct_keywords.entry_id        5QXY 
_struct_keywords.text            
'SGC - Diamond I04-1 fragment screening, PanDDA, XChemExplorer, HYDROLASE-HYDROLASE INHIBITOR complex' 
_struct_keywords.pdbx_keywords   'HYDROLASE/HYDROLASE INHIBITOR' 
# 
loop_
_struct_asym.id 
_struct_asym.pdbx_blank_PDB_chainid_flag 
_struct_asym.pdbx_modified 
_struct_asym.entity_id 
_struct_asym.details 
A N N 1 ? 
B N N 2 ? 
C N N 3 ? 
D N N 3 ? 
E N N 4 ? 
F N N 4 ? 
G N N 4 ? 
H N N 5 ? 
# 
_struct_ref.id                         1 
_struct_ref.db_name                    UNP 
_struct_ref.db_code                    ATAD2_HUMAN 
_struct_ref.pdbx_db_accession          Q6PL18 
_struct_ref.pdbx_db_isoform            ? 
_struct_ref.entity_id                  1 
_struct_ref.pdbx_seq_one_letter_code   
;QEEDTFRELRIFLRNVTHRLAIDKRFRVFTKPVDPDEVPDYVTVIKQPMDLSSVISKIDLHKYLTVKDYLRDIDLICSNA
LEYNPDRDPGDRLIRHRACALRDTAYAIIKEELDEDFEQLCEEIQESR
;
_struct_ref.pdbx_align_begin           981 
# 
_struct_ref_seq.align_id                      1 
_struct_ref_seq.ref_id                        1 
_struct_ref_seq.pdbx_PDB_id_code              5QXY 
_struct_ref_seq.pdbx_strand_id                A 
_struct_ref_seq.seq_align_beg                 3 
_struct_ref_seq.pdbx_seq_align_beg_ins_code   ? 
_struct_ref_seq.seq_align_end                 130 
_struct_ref_seq.pdbx_seq_align_end_ins_code   ? 
_struct_ref_seq.pdbx_db_accession             Q6PL18 
_struct_ref_seq.db_align_beg                  981 
_struct_ref_seq.pdbx_db_align_beg_ins_code    ? 
_struct_ref_seq.db_align_end                  1108 
_struct_ref_seq.pdbx_db_align_end_ins_code    ? 
_struct_ref_seq.pdbx_auth_seq_align_beg       981 
_struct_ref_seq.pdbx_auth_seq_align_end       1108 
# 
loop_
_struct_ref_seq_dif.align_id 
_struct_ref_seq_dif.pdbx_pdb_id_code 
_struct_ref_seq_dif.mon_id 
_struct_ref_seq_dif.pdbx_pdb_strand_id 
_struct_ref_seq_dif.seq_num 
_struct_ref_seq_dif.pdbx_pdb_ins_code 
_struct_ref_seq_dif.pdbx_seq_db_name 
_struct_ref_seq_dif.pdbx_seq_db_accession_code 
_struct_ref_seq_dif.db_mon_id 
_struct_ref_seq_dif.pdbx_seq_db_seq_num 
_struct_ref_seq_dif.details 
_struct_ref_seq_dif.pdbx_auth_seq_num 
_struct_ref_seq_dif.pdbx_ordinal 
1 5QXY SER A 1  ? UNP Q6PL18 ?   ?    'expression tag' 979  1 
1 5QXY MET A 2  ? UNP Q6PL18 ?   ?    'expression tag' 980  2 
1 5QXY ARG A 44 ? UNP Q6PL18 VAL 1022 conflict         1022 3 
1 5QXY GLU A 49 ? UNP Q6PL18 GLN 1027 conflict         1027 4 
# 
_pdbx_struct_assembly.id                   1 
_pdbx_struct_assembly.details              author_and_software_defined_assembly 
_pdbx_struct_assembly.method_details       PISA 
_pdbx_struct_assembly.oligomeric_details   monomeric 
_pdbx_struct_assembly.oligomeric_count     1 
# 
_pdbx_struct_assembly_gen.assembly_id       1 
_pdbx_struct_assembly_gen.oper_expression   1 
_pdbx_struct_assembly_gen.asym_id_list      A,B,C,D,E,F,G,H 
# 
_pdbx_struct_oper_list.id                   1 
_pdbx_struct_oper_list.type                 'identity operation' 
_pdbx_struct_oper_list.name                 1_555 
_pdbx_struct_oper_list.symmetry_operation   x,y,z 
_pdbx_struct_oper_list.matrix[1][1]         1.0000000000 
_pdbx_struct_oper_list.matrix[1][2]         0.0000000000 
_pdbx_struct_oper_list.matrix[1][3]         0.0000000000 
_pdbx_struct_oper_list.vector[1]            0.0000000000 
_pdbx_struct_oper_list.matrix[2][1]         0.0000000000 
_pdbx_struct_oper_list.matrix[2][2]         1.0000000000 
_pdbx_struct_oper_list.matrix[2][3]         0.0000000000 
_pdbx_struct_oper_list.vector[2]            0.0000000000 
_pdbx_struct_oper_list.matrix[3][1]         0.0000000000 
_pdbx_struct_oper_list.matrix[3][2]         0.0000000000 
_pdbx_struct_oper_list.matrix[3][3]         1.0000000000 
_pdbx_struct_oper_list.vector[3]            0.0000000000 
# 
loop_
_struct_conf.conf_type_id 
_struct_conf.id 
_struct_conf.pdbx_PDB_helix_id 
_struct_conf.beg_label_comp_id 
_struct_conf.beg_label_asym_id 
_struct_conf.beg_label_seq_id 
_struct_conf.pdbx_beg_PDB_ins_code 
_struct_conf.end_label_comp_id 
_struct_conf.end_label_asym_id 
_struct_conf.end_label_seq_id 
_struct_conf.pdbx_end_PDB_ins_code 
_struct_conf.beg_auth_comp_id 
_struct_conf.beg_auth_asym_id 
_struct_conf.beg_auth_seq_id 
_struct_conf.end_auth_comp_id 
_struct_conf.end_auth_asym_id 
_struct_conf.end_auth_seq_id 
_struct_conf.pdbx_PDB_helix_class 
_struct_conf.details 
_struct_conf.pdbx_PDB_helix_length 
HELX_P HELX_P1 AA1 SER A 1   ? ILE A 24  ? SER A 979  ILE A 1002 1 ? 24 
HELX_P HELX_P2 AA2 ASP A 25  ? THR A 32  ? ASP A 1003 THR A 1010 5 ? 8  
HELX_P HELX_P3 AA3 ASP A 42  ? ILE A 47  ? ASP A 1020 ILE A 1025 1 ? 6  
HELX_P HELX_P4 AA4 ASP A 52  ? LEU A 62  ? ASP A 1030 LEU A 1040 1 ? 11 
HELX_P HELX_P5 AA5 THR A 67  ? ASN A 86  ? THR A 1045 ASN A 1064 1 ? 20 
HELX_P HELX_P6 AA6 ASP A 90  ? LEU A 115 ? ASP A 1068 LEU A 1093 1 ? 26 
HELX_P HELX_P7 AA7 ASP A 116 ? SER A 129 ? ASP A 1094 SER A 1107 1 ? 14 
# 
_struct_conf_type.id          HELX_P 
_struct_conf_type.criteria    ? 
_struct_conf_type.reference   ? 
# 
loop_
_struct_site.id 
_struct_site.pdbx_evidence_code 
_struct_site.pdbx_auth_asym_id 
_struct_site.pdbx_auth_comp_id 
_struct_site.pdbx_auth_seq_id 
_struct_site.pdbx_auth_ins_code 
_struct_site.pdbx_num_residues 
_struct_site.details 
AC1 Software A RK7 1201 ? 14 'binding site for residue RK7 A 1201' 
AC2 Software A SO4 1202 ? 8  'binding site for residue SO4 A 1202' 
AC3 Software A SO4 1203 ? 7  'binding site for residue SO4 A 1203' 
AC4 Software A EDO 1204 ? 4  'binding site for residue EDO A 1204' 
AC5 Software A EDO 1205 ? 5  'binding site for residue EDO A 1205' 
AC6 Software A EDO 1206 ? 2  'binding site for residue EDO A 1206' 
# 
loop_
_struct_site_gen.id 
_struct_site_gen.site_id 
_struct_site_gen.pdbx_num_res 
_struct_site_gen.label_comp_id 
_struct_site_gen.label_asym_id 
_struct_site_gen.label_seq_id 
_struct_site_gen.pdbx_auth_ins_code 
_struct_site_gen.auth_comp_id 
_struct_site_gen.auth_asym_id 
_struct_site_gen.auth_seq_id 
_struct_site_gen.label_atom_id 
_struct_site_gen.label_alt_id 
_struct_site_gen.symmetry 
_struct_site_gen.details 
1  AC1 14 GLU A 10  ? GLU A 988  . ? 10_665 ? 
2  AC1 14 PHE A 14  ? PHE A 992  . ? 10_665 ? 
3  AC1 14 ARG A 16  ? ARG A 994  . ? 1_555  ? 
4  AC1 14 ILE A 57  ? ILE A 1035 . ? 1_555  ? 
5  AC1 14 PRO A 91  ? PRO A 1069 . ? 5_565  ? 
6  AC1 14 GLU A 114 ? GLU A 1092 . ? 10_665 ? 
7  AC1 14 ASP A 116 ? ASP A 1094 . ? 10_665 ? 
8  AC1 14 PHE A 119 ? PHE A 1097 . ? 10_665 ? 
9  AC1 14 EDO E .   ? EDO A 1204 . ? 10_665 ? 
10 AC1 14 HOH H .   ? HOH A 1311 . ? 10_665 ? 
11 AC1 14 HOH H .   ? HOH A 1342 . ? 10_665 ? 
12 AC1 14 HOH H .   ? HOH A 1442 . ? 10_665 ? 
13 AC1 14 HOH H .   ? HOH A 1463 . ? 1_555  ? 
14 AC1 14 HOH H .   ? HOH A 1488 . ? 1_555  ? 
15 AC2 8  ARG A 9   ? ARG A 987  . ? 6_654  ? 
16 AC2 8  ARG A 12  ? ARG A 990  . ? 6_654  ? 
17 AC2 8  ARG A 16  ? ARG A 994  . ? 6_654  ? 
18 AC2 8  ARG A 89  ? ARG A 1067 . ? 1_555  ? 
19 AC2 8  ARG A 94  ? ARG A 1072 . ? 1_555  ? 
20 AC2 8  HOH H .   ? HOH A 1302 . ? 1_555  ? 
21 AC2 8  HOH H .   ? HOH A 1394 . ? 1_555  ? 
22 AC2 8  HOH H .   ? HOH A 1434 . ? 1_555  ? 
23 AC3 7  LYS A 64  ? LYS A 1042 . ? 12_564 ? 
24 AC3 7  LYS A 64  ? LYS A 1042 . ? 1_555  ? 
25 AC3 7  HOH H .   ? HOH A 1312 . ? 1_555  ? 
26 AC3 7  HOH H .   ? HOH A 1312 . ? 12_564 ? 
27 AC3 7  HOH H .   ? HOH A 1332 . ? 1_555  ? 
28 AC3 7  HOH H .   ? HOH A 1368 . ? 1_555  ? 
29 AC3 7  HOH H .   ? HOH A 1368 . ? 12_564 ? 
30 AC4 4  GLU A 113 ? GLU A 1091 . ? 1_555  ? 
31 AC4 4  GLU A 114 ? GLU A 1092 . ? 1_555  ? 
32 AC4 4  RK7 B .   ? RK7 A 1201 . ? 10_665 ? 
33 AC4 4  HOH H .   ? HOH A 1342 . ? 1_555  ? 
34 AC5 5  PRO A 50  ? PRO A 1028 . ? 12_564 ? 
35 AC5 5  SER A 58  ? SER A 1036 . ? 1_555  ? 
36 AC5 5  HOH H .   ? HOH A 1333 . ? 1_555  ? 
37 AC5 5  HOH H .   ? HOH A 1377 . ? 1_555  ? 
38 AC5 5  HOH H .   ? HOH A 1432 . ? 1_555  ? 
39 AC6 2  THR A 32  ? THR A 1010 . ? 1_555  ? 
40 AC6 2  SER A 54  ? SER A 1032 . ? 1_555  ? 
# 
loop_
_pdbx_validate_close_contact.id 
_pdbx_validate_close_contact.PDB_model_num 
_pdbx_validate_close_contact.auth_atom_id_1 
_pdbx_validate_close_contact.auth_asym_id_1 
_pdbx_validate_close_contact.auth_comp_id_1 
_pdbx_validate_close_contact.auth_seq_id_1 
_pdbx_validate_close_contact.PDB_ins_code_1 
_pdbx_validate_close_contact.label_alt_id_1 
_pdbx_validate_close_contact.auth_atom_id_2 
_pdbx_validate_close_contact.auth_asym_id_2 
_pdbx_validate_close_contact.auth_comp_id_2 
_pdbx_validate_close_contact.auth_seq_id_2 
_pdbx_validate_close_contact.PDB_ins_code_2 
_pdbx_validate_close_contact.label_alt_id_2 
_pdbx_validate_close_contact.dist 
1 1 OE2 A GLU 988  ? ? O A HOH 1301 ? ? 1.95 
2 1 O   A HOH 1406 ? ? O A HOH 1468 ? ? 2.19 
# 
loop_
_pdbx_validate_symm_contact.id 
_pdbx_validate_symm_contact.PDB_model_num 
_pdbx_validate_symm_contact.auth_atom_id_1 
_pdbx_validate_symm_contact.auth_asym_id_1 
_pdbx_validate_symm_contact.auth_comp_id_1 
_pdbx_validate_symm_contact.auth_seq_id_1 
_pdbx_validate_symm_contact.PDB_ins_code_1 
_pdbx_validate_symm_contact.label_alt_id_1 
_pdbx_validate_symm_contact.site_symmetry_1 
_pdbx_validate_symm_contact.auth_atom_id_2 
_pdbx_validate_symm_contact.auth_asym_id_2 
_pdbx_validate_symm_contact.auth_comp_id_2 
_pdbx_validate_symm_contact.auth_seq_id_2 
_pdbx_validate_symm_contact.PDB_ins_code_2 
_pdbx_validate_symm_contact.label_alt_id_2 
_pdbx_validate_symm_contact.site_symmetry_2 
_pdbx_validate_symm_contact.dist 
1 1 O A HOH 1385 ? ? 1_555 O A HOH 1391 ? ? 8_665  2.02 
2 1 O A HOH 1410 ? ? 1_555 O A HOH 1410 ? ? 10_665 2.03 
# 
loop_
_pdbx_validate_rmsd_bond.id 
_pdbx_validate_rmsd_bond.PDB_model_num 
_pdbx_validate_rmsd_bond.auth_atom_id_1 
_pdbx_validate_rmsd_bond.auth_asym_id_1 
_pdbx_validate_rmsd_bond.auth_comp_id_1 
_pdbx_validate_rmsd_bond.auth_seq_id_1 
_pdbx_validate_rmsd_bond.PDB_ins_code_1 
_pdbx_validate_rmsd_bond.label_alt_id_1 
_pdbx_validate_rmsd_bond.auth_atom_id_2 
_pdbx_validate_rmsd_bond.auth_asym_id_2 
_pdbx_validate_rmsd_bond.auth_comp_id_2 
_pdbx_validate_rmsd_bond.auth_seq_id_2 
_pdbx_validate_rmsd_bond.PDB_ins_code_2 
_pdbx_validate_rmsd_bond.label_alt_id_2 
_pdbx_validate_rmsd_bond.bond_value 
_pdbx_validate_rmsd_bond.bond_target_value 
_pdbx_validate_rmsd_bond.bond_deviation 
_pdbx_validate_rmsd_bond.bond_standard_deviation 
_pdbx_validate_rmsd_bond.linker_flag 
1 1 CD A GLU 982  ? ? OE2 A GLU 982  ? ? 1.321 1.252 0.069 0.011 N 
2 1 CD A GLU 1027 ? ? OE2 A GLU 1027 ? ? 1.329 1.252 0.077 0.011 N 
3 1 CD A GLU 1102 ? ? OE2 A GLU 1102 ? ? 1.386 1.252 0.134 0.011 N 
# 
loop_
_pdbx_validate_rmsd_angle.id 
_pdbx_validate_rmsd_angle.PDB_model_num 
_pdbx_validate_rmsd_angle.auth_atom_id_1 
_pdbx_validate_rmsd_angle.auth_asym_id_1 
_pdbx_validate_rmsd_angle.auth_comp_id_1 
_pdbx_validate_rmsd_angle.auth_seq_id_1 
_pdbx_validate_rmsd_angle.PDB_ins_code_1 
_pdbx_validate_rmsd_angle.label_alt_id_1 
_pdbx_validate_rmsd_angle.auth_atom_id_2 
_pdbx_validate_rmsd_angle.auth_asym_id_2 
_pdbx_validate_rmsd_angle.auth_comp_id_2 
_pdbx_validate_rmsd_angle.auth_seq_id_2 
_pdbx_validate_rmsd_angle.PDB_ins_code_2 
_pdbx_validate_rmsd_angle.label_alt_id_2 
_pdbx_validate_rmsd_angle.auth_atom_id_3 
_pdbx_validate_rmsd_angle.auth_asym_id_3 
_pdbx_validate_rmsd_angle.auth_comp_id_3 
_pdbx_validate_rmsd_angle.auth_seq_id_3 
_pdbx_validate_rmsd_angle.PDB_ins_code_3 
_pdbx_validate_rmsd_angle.label_alt_id_3 
_pdbx_validate_rmsd_angle.angle_value 
_pdbx_validate_rmsd_angle.angle_target_value 
_pdbx_validate_rmsd_angle.angle_deviation 
_pdbx_validate_rmsd_angle.angle_standard_deviation 
_pdbx_validate_rmsd_angle.linker_flag 
1 1 NE A ARG 987 ? B CZ A ARG 987 ? B NH1 A ARG 987 ? B 114.40 120.30 -5.90 0.50 N 
2 1 NE A ARG 987 ? B CZ A ARG 987 ? B NH2 A ARG 987 ? B 125.04 120.30 4.74  0.50 N 
3 1 NE A ARG 990 ? ? CZ A ARG 990 ? ? NH1 A ARG 990 ? ? 117.11 120.30 -3.19 0.50 N 
# 
loop_
_pdbx_struct_special_symmetry.id 
_pdbx_struct_special_symmetry.PDB_model_num 
_pdbx_struct_special_symmetry.auth_asym_id 
_pdbx_struct_special_symmetry.auth_comp_id 
_pdbx_struct_special_symmetry.auth_seq_id 
_pdbx_struct_special_symmetry.PDB_ins_code 
_pdbx_struct_special_symmetry.label_asym_id 
_pdbx_struct_special_symmetry.label_comp_id 
_pdbx_struct_special_symmetry.label_seq_id 
1 1 A SO4 1203 ? D SO4 . 
2 1 A HOH 1356 ? H HOH . 
# 
_phasing.method   MR 
# 
_pdbx_entry_details.entry_id                 5QXY 
_pdbx_entry_details.has_ligand_of_interest   Y 
_pdbx_entry_details.compound_details         ? 
_pdbx_entry_details.source_details           ? 
_pdbx_entry_details.nonpolymer_details       ? 
_pdbx_entry_details.sequence_details         ? 
# 
loop_
_chem_comp_atom.comp_id 
_chem_comp_atom.atom_id 
_chem_comp_atom.type_symbol 
_chem_comp_atom.pdbx_aromatic_flag 
_chem_comp_atom.pdbx_stereo_config 
_chem_comp_atom.pdbx_ordinal 
ALA N    N  N N 1   
ALA CA   C  N S 2   
ALA C    C  N N 3   
ALA O    O  N N 4   
ALA CB   C  N N 5   
ALA OXT  O  N N 6   
ALA H    H  N N 7   
ALA H2   H  N N 8   
ALA HA   H  N N 9   
ALA HB1  H  N N 10  
ALA HB2  H  N N 11  
ALA HB3  H  N N 12  
ALA HXT  H  N N 13  
ARG N    N  N N 14  
ARG CA   C  N S 15  
ARG C    C  N N 16  
ARG O    O  N N 17  
ARG CB   C  N N 18  
ARG CG   C  N N 19  
ARG CD   C  N N 20  
ARG NE   N  N N 21  
ARG CZ   C  N N 22  
ARG NH1  N  N N 23  
ARG NH2  N  N N 24  
ARG OXT  O  N N 25  
ARG H    H  N N 26  
ARG H2   H  N N 27  
ARG HA   H  N N 28  
ARG HB2  H  N N 29  
ARG HB3  H  N N 30  
ARG HG2  H  N N 31  
ARG HG3  H  N N 32  
ARG HD2  H  N N 33  
ARG HD3  H  N N 34  
ARG HE   H  N N 35  
ARG HH11 H  N N 36  
ARG HH12 H  N N 37  
ARG HH21 H  N N 38  
ARG HH22 H  N N 39  
ARG HXT  H  N N 40  
ASN N    N  N N 41  
ASN CA   C  N S 42  
ASN C    C  N N 43  
ASN O    O  N N 44  
ASN CB   C  N N 45  
ASN CG   C  N N 46  
ASN OD1  O  N N 47  
ASN ND2  N  N N 48  
ASN OXT  O  N N 49  
ASN H    H  N N 50  
ASN H2   H  N N 51  
ASN HA   H  N N 52  
ASN HB2  H  N N 53  
ASN HB3  H  N N 54  
ASN HD21 H  N N 55  
ASN HD22 H  N N 56  
ASN HXT  H  N N 57  
ASP N    N  N N 58  
ASP CA   C  N S 59  
ASP C    C  N N 60  
ASP O    O  N N 61  
ASP CB   C  N N 62  
ASP CG   C  N N 63  
ASP OD1  O  N N 64  
ASP OD2  O  N N 65  
ASP OXT  O  N N 66  
ASP H    H  N N 67  
ASP H2   H  N N 68  
ASP HA   H  N N 69  
ASP HB2  H  N N 70  
ASP HB3  H  N N 71  
ASP HD2  H  N N 72  
ASP HXT  H  N N 73  
CYS N    N  N N 74  
CYS CA   C  N R 75  
CYS C    C  N N 76  
CYS O    O  N N 77  
CYS CB   C  N N 78  
CYS SG   S  N N 79  
CYS OXT  O  N N 80  
CYS H    H  N N 81  
CYS H2   H  N N 82  
CYS HA   H  N N 83  
CYS HB2  H  N N 84  
CYS HB3  H  N N 85  
CYS HG   H  N N 86  
CYS HXT  H  N N 87  
EDO C1   C  N N 88  
EDO O1   O  N N 89  
EDO C2   C  N N 90  
EDO O2   O  N N 91  
EDO H11  H  N N 92  
EDO H12  H  N N 93  
EDO HO1  H  N N 94  
EDO H21  H  N N 95  
EDO H22  H  N N 96  
EDO HO2  H  N N 97  
GLN N    N  N N 98  
GLN CA   C  N S 99  
GLN C    C  N N 100 
GLN O    O  N N 101 
GLN CB   C  N N 102 
GLN CG   C  N N 103 
GLN CD   C  N N 104 
GLN OE1  O  N N 105 
GLN NE2  N  N N 106 
GLN OXT  O  N N 107 
GLN H    H  N N 108 
GLN H2   H  N N 109 
GLN HA   H  N N 110 
GLN HB2  H  N N 111 
GLN HB3  H  N N 112 
GLN HG2  H  N N 113 
GLN HG3  H  N N 114 
GLN HE21 H  N N 115 
GLN HE22 H  N N 116 
GLN HXT  H  N N 117 
GLU N    N  N N 118 
GLU CA   C  N S 119 
GLU C    C  N N 120 
GLU O    O  N N 121 
GLU CB   C  N N 122 
GLU CG   C  N N 123 
GLU CD   C  N N 124 
GLU OE1  O  N N 125 
GLU OE2  O  N N 126 
GLU OXT  O  N N 127 
GLU H    H  N N 128 
GLU H2   H  N N 129 
GLU HA   H  N N 130 
GLU HB2  H  N N 131 
GLU HB3  H  N N 132 
GLU HG2  H  N N 133 
GLU HG3  H  N N 134 
GLU HE2  H  N N 135 
GLU HXT  H  N N 136 
GLY N    N  N N 137 
GLY CA   C  N N 138 
GLY C    C  N N 139 
GLY O    O  N N 140 
GLY OXT  O  N N 141 
GLY H    H  N N 142 
GLY H2   H  N N 143 
GLY HA2  H  N N 144 
GLY HA3  H  N N 145 
GLY HXT  H  N N 146 
HIS N    N  N N 147 
HIS CA   C  N S 148 
HIS C    C  N N 149 
HIS O    O  N N 150 
HIS CB   C  N N 151 
HIS CG   C  Y N 152 
HIS ND1  N  Y N 153 
HIS CD2  C  Y N 154 
HIS CE1  C  Y N 155 
HIS NE2  N  Y N 156 
HIS OXT  O  N N 157 
HIS H    H  N N 158 
HIS H2   H  N N 159 
HIS HA   H  N N 160 
HIS HB2  H  N N 161 
HIS HB3  H  N N 162 
HIS HD1  H  N N 163 
HIS HD2  H  N N 164 
HIS HE1  H  N N 165 
HIS HE2  H  N N 166 
HIS HXT  H  N N 167 
HOH O    O  N N 168 
HOH H1   H  N N 169 
HOH H2   H  N N 170 
ILE N    N  N N 171 
ILE CA   C  N S 172 
ILE C    C  N N 173 
ILE O    O  N N 174 
ILE CB   C  N S 175 
ILE CG1  C  N N 176 
ILE CG2  C  N N 177 
ILE CD1  C  N N 178 
ILE OXT  O  N N 179 
ILE H    H  N N 180 
ILE H2   H  N N 181 
ILE HA   H  N N 182 
ILE HB   H  N N 183 
ILE HG12 H  N N 184 
ILE HG13 H  N N 185 
ILE HG21 H  N N 186 
ILE HG22 H  N N 187 
ILE HG23 H  N N 188 
ILE HD11 H  N N 189 
ILE HD12 H  N N 190 
ILE HD13 H  N N 191 
ILE HXT  H  N N 192 
LEU N    N  N N 193 
LEU CA   C  N S 194 
LEU C    C  N N 195 
LEU O    O  N N 196 
LEU CB   C  N N 197 
LEU CG   C  N N 198 
LEU CD1  C  N N 199 
LEU CD2  C  N N 200 
LEU OXT  O  N N 201 
LEU H    H  N N 202 
LEU H2   H  N N 203 
LEU HA   H  N N 204 
LEU HB2  H  N N 205 
LEU HB3  H  N N 206 
LEU HG   H  N N 207 
LEU HD11 H  N N 208 
LEU HD12 H  N N 209 
LEU HD13 H  N N 210 
LEU HD21 H  N N 211 
LEU HD22 H  N N 212 
LEU HD23 H  N N 213 
LEU HXT  H  N N 214 
LYS N    N  N N 215 
LYS CA   C  N S 216 
LYS C    C  N N 217 
LYS O    O  N N 218 
LYS CB   C  N N 219 
LYS CG   C  N N 220 
LYS CD   C  N N 221 
LYS CE   C  N N 222 
LYS NZ   N  N N 223 
LYS OXT  O  N N 224 
LYS H    H  N N 225 
LYS H2   H  N N 226 
LYS HA   H  N N 227 
LYS HB2  H  N N 228 
LYS HB3  H  N N 229 
LYS HG2  H  N N 230 
LYS HG3  H  N N 231 
LYS HD2  H  N N 232 
LYS HD3  H  N N 233 
LYS HE2  H  N N 234 
LYS HE3  H  N N 235 
LYS HZ1  H  N N 236 
LYS HZ2  H  N N 237 
LYS HZ3  H  N N 238 
LYS HXT  H  N N 239 
MET N    N  N N 240 
MET CA   C  N S 241 
MET C    C  N N 242 
MET O    O  N N 243 
MET CB   C  N N 244 
MET CG   C  N N 245 
MET SD   S  N N 246 
MET CE   C  N N 247 
MET OXT  O  N N 248 
MET H    H  N N 249 
MET H2   H  N N 250 
MET HA   H  N N 251 
MET HB2  H  N N 252 
MET HB3  H  N N 253 
MET HG2  H  N N 254 
MET HG3  H  N N 255 
MET HE1  H  N N 256 
MET HE2  H  N N 257 
MET HE3  H  N N 258 
MET HXT  H  N N 259 
PHE N    N  N N 260 
PHE CA   C  N S 261 
PHE C    C  N N 262 
PHE O    O  N N 263 
PHE CB   C  N N 264 
PHE CG   C  Y N 265 
PHE CD1  C  Y N 266 
PHE CD2  C  Y N 267 
PHE CE1  C  Y N 268 
PHE CE2  C  Y N 269 
PHE CZ   C  Y N 270 
PHE OXT  O  N N 271 
PHE H    H  N N 272 
PHE H2   H  N N 273 
PHE HA   H  N N 274 
PHE HB2  H  N N 275 
PHE HB3  H  N N 276 
PHE HD1  H  N N 277 
PHE HD2  H  N N 278 
PHE HE1  H  N N 279 
PHE HE2  H  N N 280 
PHE HZ   H  N N 281 
PHE HXT  H  N N 282 
PRO N    N  N N 283 
PRO CA   C  N S 284 
PRO C    C  N N 285 
PRO O    O  N N 286 
PRO CB   C  N N 287 
PRO CG   C  N N 288 
PRO CD   C  N N 289 
PRO OXT  O  N N 290 
PRO H    H  N N 291 
PRO HA   H  N N 292 
PRO HB2  H  N N 293 
PRO HB3  H  N N 294 
PRO HG2  H  N N 295 
PRO HG3  H  N N 296 
PRO HD2  H  N N 297 
PRO HD3  H  N N 298 
PRO HXT  H  N N 299 
RK7 C4   C  N S 300 
RK7 C5   C  Y N 301 
RK7 C6   C  Y N 302 
RK7 C7   C  Y N 303 
RK7 C8   C  Y N 304 
RK7 N    N  Y N 305 
RK7 C    C  N N 306 
RK7 O    O  N N 307 
RK7 C1   C  N N 308 
RK7 C2   C  N N 309 
RK7 C3   C  N R 310 
RK7 C9   C  Y N 311 
RK7 F    F  N N 312 
RK7 O1   O  N N 313 
RK7 O2   O  N N 314 
RK7 BR   BR N N 315 
RK7 H1   H  N N 316 
RK7 H2   H  N N 317 
RK7 H3   H  N N 318 
RK7 H4   H  N N 319 
RK7 H5   H  N N 320 
RK7 H6   H  N N 321 
RK7 H7   H  N N 322 
RK7 H8   H  N N 323 
RK7 H9   H  N N 324 
RK7 H10  H  N N 325 
RK7 H11  H  N N 326 
SER N    N  N N 327 
SER CA   C  N S 328 
SER C    C  N N 329 
SER O    O  N N 330 
SER CB   C  N N 331 
SER OG   O  N N 332 
SER OXT  O  N N 333 
SER H    H  N N 334 
SER H2   H  N N 335 
SER HA   H  N N 336 
SER HB2  H  N N 337 
SER HB3  H  N N 338 
SER HG   H  N N 339 
SER HXT  H  N N 340 
SO4 S    S  N N 341 
SO4 O1   O  N N 342 
SO4 O2   O  N N 343 
SO4 O3   O  N N 344 
SO4 O4   O  N N 345 
THR N    N  N N 346 
THR CA   C  N S 347 
THR C    C  N N 348 
THR O    O  N N 349 
THR CB   C  N R 350 
THR OG1  O  N N 351 
THR CG2  C  N N 352 
THR OXT  O  N N 353 
THR H    H  N N 354 
THR H2   H  N N 355 
THR HA   H  N N 356 
THR HB   H  N N 357 
THR HG1  H  N N 358 
THR HG21 H  N N 359 
THR HG22 H  N N 360 
THR HG23 H  N N 361 
THR HXT  H  N N 362 
TYR N    N  N N 363 
TYR CA   C  N S 364 
TYR C    C  N N 365 
TYR O    O  N N 366 
TYR CB   C  N N 367 
TYR CG   C  Y N 368 
TYR CD1  C  Y N 369 
TYR CD2  C  Y N 370 
TYR CE1  C  Y N 371 
TYR CE2  C  Y N 372 
TYR CZ   C  Y N 373 
TYR OH   O  N N 374 
TYR OXT  O  N N 375 
TYR H    H  N N 376 
TYR H2   H  N N 377 
TYR HA   H  N N 378 
TYR HB2  H  N N 379 
TYR HB3  H  N N 380 
TYR HD1  H  N N 381 
TYR HD2  H  N N 382 
TYR HE1  H  N N 383 
TYR HE2  H  N N 384 
TYR HH   H  N N 385 
TYR HXT  H  N N 386 
VAL N    N  N N 387 
VAL CA   C  N S 388 
VAL C    C  N N 389 
VAL O    O  N N 390 
VAL CB   C  N N 391 
VAL CG1  C  N N 392 
VAL CG2  C  N N 393 
VAL OXT  O  N N 394 
VAL H    H  N N 395 
VAL H2   H  N N 396 
VAL HA   H  N N 397 
VAL HB   H  N N 398 
VAL HG11 H  N N 399 
VAL HG12 H  N N 400 
VAL HG13 H  N N 401 
VAL HG21 H  N N 402 
VAL HG22 H  N N 403 
VAL HG23 H  N N 404 
VAL HXT  H  N N 405 
# 
loop_
_chem_comp_bond.comp_id 
_chem_comp_bond.atom_id_1 
_chem_comp_bond.atom_id_2 
_chem_comp_bond.value_order 
_chem_comp_bond.pdbx_aromatic_flag 
_chem_comp_bond.pdbx_stereo_config 
_chem_comp_bond.pdbx_ordinal 
ALA N   CA   sing N N 1   
ALA N   H    sing N N 2   
ALA N   H2   sing N N 3   
ALA CA  C    sing N N 4   
ALA CA  CB   sing N N 5   
ALA CA  HA   sing N N 6   
ALA C   O    doub N N 7   
ALA C   OXT  sing N N 8   
ALA CB  HB1  sing N N 9   
ALA CB  HB2  sing N N 10  
ALA CB  HB3  sing N N 11  
ALA OXT HXT  sing N N 12  
ARG N   CA   sing N N 13  
ARG N   H    sing N N 14  
ARG N   H2   sing N N 15  
ARG CA  C    sing N N 16  
ARG CA  CB   sing N N 17  
ARG CA  HA   sing N N 18  
ARG C   O    doub N N 19  
ARG C   OXT  sing N N 20  
ARG CB  CG   sing N N 21  
ARG CB  HB2  sing N N 22  
ARG CB  HB3  sing N N 23  
ARG CG  CD   sing N N 24  
ARG CG  HG2  sing N N 25  
ARG CG  HG3  sing N N 26  
ARG CD  NE   sing N N 27  
ARG CD  HD2  sing N N 28  
ARG CD  HD3  sing N N 29  
ARG NE  CZ   sing N N 30  
ARG NE  HE   sing N N 31  
ARG CZ  NH1  sing N N 32  
ARG CZ  NH2  doub N N 33  
ARG NH1 HH11 sing N N 34  
ARG NH1 HH12 sing N N 35  
ARG NH2 HH21 sing N N 36  
ARG NH2 HH22 sing N N 37  
ARG OXT HXT  sing N N 38  
ASN N   CA   sing N N 39  
ASN N   H    sing N N 40  
ASN N   H2   sing N N 41  
ASN CA  C    sing N N 42  
ASN CA  CB   sing N N 43  
ASN CA  HA   sing N N 44  
ASN C   O    doub N N 45  
ASN C   OXT  sing N N 46  
ASN CB  CG   sing N N 47  
ASN CB  HB2  sing N N 48  
ASN CB  HB3  sing N N 49  
ASN CG  OD1  doub N N 50  
ASN CG  ND2  sing N N 51  
ASN ND2 HD21 sing N N 52  
ASN ND2 HD22 sing N N 53  
ASN OXT HXT  sing N N 54  
ASP N   CA   sing N N 55  
ASP N   H    sing N N 56  
ASP N   H2   sing N N 57  
ASP CA  C    sing N N 58  
ASP CA  CB   sing N N 59  
ASP CA  HA   sing N N 60  
ASP C   O    doub N N 61  
ASP C   OXT  sing N N 62  
ASP CB  CG   sing N N 63  
ASP CB  HB2  sing N N 64  
ASP CB  HB3  sing N N 65  
ASP CG  OD1  doub N N 66  
ASP CG  OD2  sing N N 67  
ASP OD2 HD2  sing N N 68  
ASP OXT HXT  sing N N 69  
CYS N   CA   sing N N 70  
CYS N   H    sing N N 71  
CYS N   H2   sing N N 72  
CYS CA  C    sing N N 73  
CYS CA  CB   sing N N 74  
CYS CA  HA   sing N N 75  
CYS C   O    doub N N 76  
CYS C   OXT  sing N N 77  
CYS CB  SG   sing N N 78  
CYS CB  HB2  sing N N 79  
CYS CB  HB3  sing N N 80  
CYS SG  HG   sing N N 81  
CYS OXT HXT  sing N N 82  
EDO C1  O1   sing N N 83  
EDO C1  C2   sing N N 84  
EDO C1  H11  sing N N 85  
EDO C1  H12  sing N N 86  
EDO O1  HO1  sing N N 87  
EDO C2  O2   sing N N 88  
EDO C2  H21  sing N N 89  
EDO C2  H22  sing N N 90  
EDO O2  HO2  sing N N 91  
GLN N   CA   sing N N 92  
GLN N   H    sing N N 93  
GLN N   H2   sing N N 94  
GLN CA  C    sing N N 95  
GLN CA  CB   sing N N 96  
GLN CA  HA   sing N N 97  
GLN C   O    doub N N 98  
GLN C   OXT  sing N N 99  
GLN CB  CG   sing N N 100 
GLN CB  HB2  sing N N 101 
GLN CB  HB3  sing N N 102 
GLN CG  CD   sing N N 103 
GLN CG  HG2  sing N N 104 
GLN CG  HG3  sing N N 105 
GLN CD  OE1  doub N N 106 
GLN CD  NE2  sing N N 107 
GLN NE2 HE21 sing N N 108 
GLN NE2 HE22 sing N N 109 
GLN OXT HXT  sing N N 110 
GLU N   CA   sing N N 111 
GLU N   H    sing N N 112 
GLU N   H2   sing N N 113 
GLU CA  C    sing N N 114 
GLU CA  CB   sing N N 115 
GLU CA  HA   sing N N 116 
GLU C   O    doub N N 117 
GLU C   OXT  sing N N 118 
GLU CB  CG   sing N N 119 
GLU CB  HB2  sing N N 120 
GLU CB  HB3  sing N N 121 
GLU CG  CD   sing N N 122 
GLU CG  HG2  sing N N 123 
GLU CG  HG3  sing N N 124 
GLU CD  OE1  doub N N 125 
GLU CD  OE2  sing N N 126 
GLU OE2 HE2  sing N N 127 
GLU OXT HXT  sing N N 128 
GLY N   CA   sing N N 129 
GLY N   H    sing N N 130 
GLY N   H2   sing N N 131 
GLY CA  C    sing N N 132 
GLY CA  HA2  sing N N 133 
GLY CA  HA3  sing N N 134 
GLY C   O    doub N N 135 
GLY C   OXT  sing N N 136 
GLY OXT HXT  sing N N 137 
HIS N   CA   sing N N 138 
HIS N   H    sing N N 139 
HIS N   H2   sing N N 140 
HIS CA  C    sing N N 141 
HIS CA  CB   sing N N 142 
HIS CA  HA   sing N N 143 
HIS C   O    doub N N 144 
HIS C   OXT  sing N N 145 
HIS CB  CG   sing N N 146 
HIS CB  HB2  sing N N 147 
HIS CB  HB3  sing N N 148 
HIS CG  ND1  sing Y N 149 
HIS CG  CD2  doub Y N 150 
HIS ND1 CE1  doub Y N 151 
HIS ND1 HD1  sing N N 152 
HIS CD2 NE2  sing Y N 153 
HIS CD2 HD2  sing N N 154 
HIS CE1 NE2  sing Y N 155 
HIS CE1 HE1  sing N N 156 
HIS NE2 HE2  sing N N 157 
HIS OXT HXT  sing N N 158 
HOH O   H1   sing N N 159 
HOH O   H2   sing N N 160 
ILE N   CA   sing N N 161 
ILE N   H    sing N N 162 
ILE N   H2   sing N N 163 
ILE CA  C    sing N N 164 
ILE CA  CB   sing N N 165 
ILE CA  HA   sing N N 166 
ILE C   O    doub N N 167 
ILE C   OXT  sing N N 168 
ILE CB  CG1  sing N N 169 
ILE CB  CG2  sing N N 170 
ILE CB  HB   sing N N 171 
ILE CG1 CD1  sing N N 172 
ILE CG1 HG12 sing N N 173 
ILE CG1 HG13 sing N N 174 
ILE CG2 HG21 sing N N 175 
ILE CG2 HG22 sing N N 176 
ILE CG2 HG23 sing N N 177 
ILE CD1 HD11 sing N N 178 
ILE CD1 HD12 sing N N 179 
ILE CD1 HD13 sing N N 180 
ILE OXT HXT  sing N N 181 
LEU N   CA   sing N N 182 
LEU N   H    sing N N 183 
LEU N   H2   sing N N 184 
LEU CA  C    sing N N 185 
LEU CA  CB   sing N N 186 
LEU CA  HA   sing N N 187 
LEU C   O    doub N N 188 
LEU C   OXT  sing N N 189 
LEU CB  CG   sing N N 190 
LEU CB  HB2  sing N N 191 
LEU CB  HB3  sing N N 192 
LEU CG  CD1  sing N N 193 
LEU CG  CD2  sing N N 194 
LEU CG  HG   sing N N 195 
LEU CD1 HD11 sing N N 196 
LEU CD1 HD12 sing N N 197 
LEU CD1 HD13 sing N N 198 
LEU CD2 HD21 sing N N 199 
LEU CD2 HD22 sing N N 200 
LEU CD2 HD23 sing N N 201 
LEU OXT HXT  sing N N 202 
LYS N   CA   sing N N 203 
LYS N   H    sing N N 204 
LYS N   H2   sing N N 205 
LYS CA  C    sing N N 206 
LYS CA  CB   sing N N 207 
LYS CA  HA   sing N N 208 
LYS C   O    doub N N 209 
LYS C   OXT  sing N N 210 
LYS CB  CG   sing N N 211 
LYS CB  HB2  sing N N 212 
LYS CB  HB3  sing N N 213 
LYS CG  CD   sing N N 214 
LYS CG  HG2  sing N N 215 
LYS CG  HG3  sing N N 216 
LYS CD  CE   sing N N 217 
LYS CD  HD2  sing N N 218 
LYS CD  HD3  sing N N 219 
LYS CE  NZ   sing N N 220 
LYS CE  HE2  sing N N 221 
LYS CE  HE3  sing N N 222 
LYS NZ  HZ1  sing N N 223 
LYS NZ  HZ2  sing N N 224 
LYS NZ  HZ3  sing N N 225 
LYS OXT HXT  sing N N 226 
MET N   CA   sing N N 227 
MET N   H    sing N N 228 
MET N   H2   sing N N 229 
MET CA  C    sing N N 230 
MET CA  CB   sing N N 231 
MET CA  HA   sing N N 232 
MET C   O    doub N N 233 
MET C   OXT  sing N N 234 
MET CB  CG   sing N N 235 
MET CB  HB2  sing N N 236 
MET CB  HB3  sing N N 237 
MET CG  SD   sing N N 238 
MET CG  HG2  sing N N 239 
MET CG  HG3  sing N N 240 
MET SD  CE   sing N N 241 
MET CE  HE1  sing N N 242 
MET CE  HE2  sing N N 243 
MET CE  HE3  sing N N 244 
MET OXT HXT  sing N N 245 
PHE N   CA   sing N N 246 
PHE N   H    sing N N 247 
PHE N   H2   sing N N 248 
PHE CA  C    sing N N 249 
PHE CA  CB   sing N N 250 
PHE CA  HA   sing N N 251 
PHE C   O    doub N N 252 
PHE C   OXT  sing N N 253 
PHE CB  CG   sing N N 254 
PHE CB  HB2  sing N N 255 
PHE CB  HB3  sing N N 256 
PHE CG  CD1  doub Y N 257 
PHE CG  CD2  sing Y N 258 
PHE CD1 CE1  sing Y N 259 
PHE CD1 HD1  sing N N 260 
PHE CD2 CE2  doub Y N 261 
PHE CD2 HD2  sing N N 262 
PHE CE1 CZ   doub Y N 263 
PHE CE1 HE1  sing N N 264 
PHE CE2 CZ   sing Y N 265 
PHE CE2 HE2  sing N N 266 
PHE CZ  HZ   sing N N 267 
PHE OXT HXT  sing N N 268 
PRO N   CA   sing N N 269 
PRO N   CD   sing N N 270 
PRO N   H    sing N N 271 
PRO CA  C    sing N N 272 
PRO CA  CB   sing N N 273 
PRO CA  HA   sing N N 274 
PRO C   O    doub N N 275 
PRO C   OXT  sing N N 276 
PRO CB  CG   sing N N 277 
PRO CB  HB2  sing N N 278 
PRO CB  HB3  sing N N 279 
PRO CG  CD   sing N N 280 
PRO CG  HG2  sing N N 281 
PRO CG  HG3  sing N N 282 
PRO CD  HD2  sing N N 283 
PRO CD  HD3  sing N N 284 
PRO OXT HXT  sing N N 285 
RK7 BR  C8   sing N N 286 
RK7 C8  C9   doub Y N 287 
RK7 C8  C7   sing Y N 288 
RK7 C9  N    sing Y N 289 
RK7 C7  C6   doub Y N 290 
RK7 N   C5   doub Y N 291 
RK7 C6  C5   sing Y N 292 
RK7 C5  C4   sing N N 293 
RK7 C4  O2   sing N N 294 
RK7 C4  C3   sing N N 295 
RK7 C3  F    sing N N 296 
RK7 C3  C2   sing N N 297 
RK7 O   C2   sing N N 298 
RK7 O   C1   sing N N 299 
RK7 C2  O1   doub N N 300 
RK7 C1  C    sing N N 301 
RK7 C4  H1   sing N N 302 
RK7 C6  H2   sing N N 303 
RK7 C7  H3   sing N N 304 
RK7 C   H4   sing N N 305 
RK7 C   H5   sing N N 306 
RK7 C   H6   sing N N 307 
RK7 C1  H7   sing N N 308 
RK7 C1  H8   sing N N 309 
RK7 C3  H9   sing N N 310 
RK7 C9  H10  sing N N 311 
RK7 O2  H11  sing N N 312 
SER N   CA   sing N N 313 
SER N   H    sing N N 314 
SER N   H2   sing N N 315 
SER CA  C    sing N N 316 
SER CA  CB   sing N N 317 
SER CA  HA   sing N N 318 
SER C   O    doub N N 319 
SER C   OXT  sing N N 320 
SER CB  OG   sing N N 321 
SER CB  HB2  sing N N 322 
SER CB  HB3  sing N N 323 
SER OG  HG   sing N N 324 
SER OXT HXT  sing N N 325 
SO4 S   O1   doub N N 326 
SO4 S   O2   doub N N 327 
SO4 S   O3   sing N N 328 
SO4 S   O4   sing N N 329 
THR N   CA   sing N N 330 
THR N   H    sing N N 331 
THR N   H2   sing N N 332 
THR CA  C    sing N N 333 
THR CA  CB   sing N N 334 
THR CA  HA   sing N N 335 
THR C   O    doub N N 336 
THR C   OXT  sing N N 337 
THR CB  OG1  sing N N 338 
THR CB  CG2  sing N N 339 
THR CB  HB   sing N N 340 
THR OG1 HG1  sing N N 341 
THR CG2 HG21 sing N N 342 
THR CG2 HG22 sing N N 343 
THR CG2 HG23 sing N N 344 
THR OXT HXT  sing N N 345 
TYR N   CA   sing N N 346 
TYR N   H    sing N N 347 
TYR N   H2   sing N N 348 
TYR CA  C    sing N N 349 
TYR CA  CB   sing N N 350 
TYR CA  HA   sing N N 351 
TYR C   O    doub N N 352 
TYR C   OXT  sing N N 353 
TYR CB  CG   sing N N 354 
TYR CB  HB2  sing N N 355 
TYR CB  HB3  sing N N 356 
TYR CG  CD1  doub Y N 357 
TYR CG  CD2  sing Y N 358 
TYR CD1 CE1  sing Y N 359 
TYR CD1 HD1  sing N N 360 
TYR CD2 CE2  doub Y N 361 
TYR CD2 HD2  sing N N 362 
TYR CE1 CZ   doub Y N 363 
TYR CE1 HE1  sing N N 364 
TYR CE2 CZ   sing Y N 365 
TYR CE2 HE2  sing N N 366 
TYR CZ  OH   sing N N 367 
TYR OH  HH   sing N N 368 
TYR OXT HXT  sing N N 369 
VAL N   CA   sing N N 370 
VAL N   H    sing N N 371 
VAL N   H2   sing N N 372 
VAL CA  C    sing N N 373 
VAL CA  CB   sing N N 374 
VAL CA  HA   sing N N 375 
VAL C   O    doub N N 376 
VAL C   OXT  sing N N 377 
VAL CB  CG1  sing N N 378 
VAL CB  CG2  sing N N 379 
VAL CB  HB   sing N N 380 
VAL CG1 HG11 sing N N 381 
VAL CG1 HG12 sing N N 382 
VAL CG1 HG13 sing N N 383 
VAL CG2 HG21 sing N N 384 
VAL CG2 HG22 sing N N 385 
VAL CG2 HG23 sing N N 386 
VAL OXT HXT  sing N N 387 
# 
_pdbx_deposit_group.group_id            G_1002118 
_pdbx_deposit_group.group_description   
;Bromodomain of human ATAD2 screened against the Leeds 3D Fragment Library by X-ray Crystallography at the XChem
facility of Diamond Light Source beamline I04-1
;
_pdbx_deposit_group.group_title         'PanDDA analysis group deposition - Bromodomain of human ATAD2 fragment screening' 
_pdbx_deposit_group.group_type          'changed state' 
# 
_pdbx_entity_instance_feature.ordinal        1 
_pdbx_entity_instance_feature.comp_id        RK7 
_pdbx_entity_instance_feature.asym_id        ? 
_pdbx_entity_instance_feature.seq_num        ? 
_pdbx_entity_instance_feature.auth_comp_id   RK7 
_pdbx_entity_instance_feature.auth_asym_id   ? 
_pdbx_entity_instance_feature.auth_seq_num   ? 
_pdbx_entity_instance_feature.feature_type   'SUBJECT OF INVESTIGATION' 
_pdbx_entity_instance_feature.details        ? 
# 
_atom_sites.entry_id                    5QXY 
_atom_sites.fract_transf_matrix[1][1]   0.00716632 
_atom_sites.fract_transf_matrix[1][2]   -0.01108727 
_atom_sites.fract_transf_matrix[1][3]   -0.00539580 
_atom_sites.fract_transf_matrix[2][1]   0.01044524 
_atom_sites.fract_transf_matrix[2][2]   0.00218341 
_atom_sites.fract_transf_matrix[2][3]   -0.00946226 
_atom_sites.fract_transf_matrix[3][1]   0.00472663 
_atom_sites.fract_transf_matrix[3][2]   0.00046375 
_atom_sites.fract_transf_matrix[3][3]   0.00532467 
_atom_sites.fract_transf_vector[1]      0.446957 
_atom_sites.fract_transf_vector[2]      0.599337 
_atom_sites.fract_transf_vector[3]      -0.026125 
# 
loop_
_atom_type.symbol 
BR 
C  
F  
N  
O  
S  
# 
loop_
_atom_site.group_PDB 
_atom_site.id 
_atom_site.type_symbol 
_atom_site.label_atom_id 
_atom_site.label_alt_id 
_atom_site.label_comp_id 
_atom_site.label_asym_id 
_atom_site.label_entity_id 
_atom_site.label_seq_id 
_atom_site.pdbx_PDB_ins_code 
_atom_site.Cartn_x 
_atom_site.Cartn_y 
_atom_site.Cartn_z 
_atom_site.occupancy 
_atom_site.B_iso_or_equiv 
_atom_site.pdbx_formal_charge 
_atom_site.auth_seq_id 
_atom_site.auth_comp_id 
_atom_site.auth_asym_id 
_atom_site.auth_atom_id 
_atom_site.pdbx_PDB_model_num 
ATOM   1    N  N   . SER A 1 1   ? 4.265   26.222  3.500   1.00 32.36  ? 979  SER A N   1 
ATOM   2    C  CA  . SER A 1 1   ? 5.282   26.675  4.439   1.00 35.23  ? 979  SER A CA  1 
ATOM   3    C  C   . SER A 1 1   ? 6.340   25.559  4.610   1.00 40.71  ? 979  SER A C   1 
ATOM   4    O  O   . SER A 1 1   ? 6.075   24.388  4.185   1.00 30.92  ? 979  SER A O   1 
ATOM   5    C  CB  . SER A 1 1   ? 4.665   27.008  5.747   1.00 40.07  ? 979  SER A CB  1 
ATOM   6    O  OG  . SER A 1 1   ? 4.148   25.811  6.376   1.00 35.00  ? 979  SER A OG  1 
ATOM   7    N  N   . MET A 1 2   ? 7.488   25.910  5.180   1.00 39.17  ? 980  MET A N   1 
ATOM   8    C  CA  . MET A 1 2   ? 8.578   24.953  5.492   1.00 45.22  ? 980  MET A CA  1 
ATOM   9    C  C   . MET A 1 2   ? 8.039   23.914  6.485   1.00 34.72  ? 980  MET A C   1 
ATOM   10   O  O   . MET A 1 2   ? 8.432   22.734  6.412   1.00 29.40  ? 980  MET A O   1 
ATOM   11   C  CB  . MET A 1 2   ? 9.774   25.666  6.144   1.00 47.87  ? 980  MET A CB  1 
ATOM   12   C  CG  . MET A 1 2   ? 10.780  24.701  6.766   1.00 59.23  ? 980  MET A CG  1 
ATOM   13   S  SD  . MET A 1 2   ? 11.948  24.047  5.528   1.00 81.61  ? 980  MET A SD  1 
ATOM   14   C  CE  . MET A 1 2   ? 11.019  22.859  4.556   1.00 64.56  ? 980  MET A CE  1 
ATOM   15   N  N   . GLN A 1 3   ? 7.245   24.347  7.439   1.00 29.96  ? 981  GLN A N   1 
ATOM   16   C  CA  . GLN A 1 3   ? 6.646   23.484  8.473   1.00 33.85  ? 981  GLN A CA  1 
ATOM   17   C  C   . GLN A 1 3   ? 5.791   22.432  7.774   1.00 26.02  ? 981  GLN A C   1 
ATOM   18   O  O   . GLN A 1 3   ? 5.798   21.275  8.240   1.00 26.46  ? 981  GLN A O   1 
ATOM   19   C  CB  . GLN A 1 3   ? 5.807   24.268  9.477   1.00 37.49  ? 981  GLN A CB  1 
ATOM   20   C  CG  . GLN A 1 3   ? 6.653   25.297  10.239  1.00 57.84  ? 981  GLN A CG  1 
ATOM   21   C  CD  . GLN A 1 3   ? 6.651   26.681  9.609   1.00 66.69  ? 981  GLN A CD  1 
ATOM   22   O  OE1 . GLN A 1 3   ? 7.176   26.936  8.503   1.00 60.25  ? 981  GLN A OE1 1 
ATOM   23   N  NE2 . GLN A 1 3   ? 6.039   27.605  10.334  1.00 71.72  ? 981  GLN A NE2 1 
ATOM   24   N  N   . GLU A 1 4   ? 5.026   22.806  6.755   1.00 23.05  ? 982  GLU A N   1 
ATOM   25   C  CA  . GLU A 1 4   ? 4.158   21.839  6.038   1.00 20.44  ? 982  GLU A CA  1 
ATOM   26   C  C   . GLU A 1 4   ? 5.088   20.879  5.263   1.00 19.14  ? 982  GLU A C   1 
ATOM   27   O  O   . GLU A 1 4   ? 4.764   19.641  5.219   1.00 18.00  ? 982  GLU A O   1 
ATOM   28   C  CB  . GLU A 1 4   ? 3.178   22.592  5.113   1.00 20.73  ? 982  GLU A CB  1 
ATOM   29   C  CG  . GLU A 1 4   ? 2.058   23.282  5.900   1.00 22.91  ? 982  GLU A CG  1 
ATOM   30   C  CD  . GLU A 1 4   ? 1.180   24.247  5.101   1.00 28.68  ? 982  GLU A CD  1 
ATOM   31   O  OE1 . GLU A 1 4   ? 1.597   24.546  3.964   1.00 28.85  ? 982  GLU A OE1 1 
ATOM   32   O  OE2 . GLU A 1 4   ? -0.014  24.580  5.559   1.00 27.05  ? 982  GLU A OE2 1 
ATOM   33   N  N   . GLU A 1 5   ? 6.152   21.331  4.621   1.00 19.66  ? 983  GLU A N   1 
ATOM   34   C  CA  . GLU A 1 5   ? 7.062   20.398  3.900   1.00 22.13  ? 983  GLU A CA  1 
ATOM   35   C  C   . GLU A 1 5   ? 7.732   19.433  4.910   1.00 20.57  ? 983  GLU A C   1 
ATOM   36   O  O   . GLU A 1 5   ? 7.902   18.238  4.535   1.00 19.98  ? 983  GLU A O   1 
ATOM   37   C  CB  . GLU A 1 5   ? 8.085   21.163  3.042   1.00 26.56  ? 983  GLU A CB  1 
ATOM   38   C  CG  . GLU A 1 5   ? 7.396   21.915  1.853   1.00 32.63  ? 983  GLU A CG  1 
ATOM   39   C  CD  . GLU A 1 5   ? 6.353   21.144  1.024   1.00 43.57  ? 983  GLU A CD  1 
ATOM   40   O  OE1 . GLU A 1 5   ? 6.678   20.013  0.570   1.00 47.46  ? 983  GLU A OE1 1 
ATOM   41   O  OE2 . GLU A 1 5   ? 5.141   21.606  0.920   1.00 50.85  ? 983  GLU A OE2 1 
ATOM   42   N  N   . ASP A 1 6   ? 8.038   19.852  6.117   1.00 19.85  ? 984  ASP A N   1 
ATOM   43   C  CA  . ASP A 1 6   ? 8.597   18.986  7.180   1.00 19.75  ? 984  ASP A CA  1 
ATOM   44   C  C   . ASP A 1 6   ? 7.527   17.930  7.573   1.00 18.46  ? 984  ASP A C   1 
ATOM   45   O  O   . ASP A 1 6   ? 7.892   16.744  7.849   1.00 16.56  ? 984  ASP A O   1 
ATOM   46   C  CB  . ASP A 1 6   ? 9.006   19.766  8.428   1.00 23.20  ? 984  ASP A CB  1 
ATOM   47   C  CG  . ASP A 1 6   ? 10.331  20.548  8.287   1.00 29.62  ? 984  ASP A CG  1 
ATOM   48   O  OD1 . ASP A 1 6   ? 11.015  20.412  7.256   1.00 31.05  ? 984  ASP A OD1 1 
ATOM   49   O  OD2 . ASP A 1 6   ? 10.602  21.269  9.209   1.00 36.61  ? 984  ASP A OD2 1 
ATOM   50   N  N   . THR A 1 7   ? 6.242   18.284  7.628   1.00 16.53  ? 985  THR A N   1 
ATOM   51   C  CA  . THR A 1 7   ? 5.143   17.346  7.908   1.00 14.22  ? 985  THR A CA  1 
ATOM   52   C  C   . THR A 1 7   ? 5.163   16.248  6.850   1.00 15.06  ? 985  THR A C   1 
ATOM   53   O  O   . THR A 1 7   ? 5.113   15.022  7.200   1.00 14.05  ? 985  THR A O   1 
ATOM   54   C  CB  . THR A 1 7   ? 3.773   18.030  8.031   1.00 15.49  ? 985  THR A CB  1 
ATOM   55   O  OG1 . THR A 1 7   ? 3.856   19.041  9.073   1.00 18.08  ? 985  THR A OG1 1 
ATOM   56   C  CG2 . THR A 1 7   ? 2.643   17.079  8.312   1.00 16.87  ? 985  THR A CG2 1 
ATOM   57   N  N   . PHE A 1 8   ? 5.154   16.617  5.572   1.00 15.47  ? 986  PHE A N   1 
ATOM   58   C  CA  . PHE A 1 8   ? 5.119   15.588  4.493   1.00 15.42  ? 986  PHE A CA  1 
ATOM   59   C  C   . PHE A 1 8   ? 6.388   14.705  4.485   1.00 14.72  ? 986  PHE A C   1 
ATOM   60   O  O   . PHE A 1 8   ? 6.301   13.497  4.178   1.00 15.22  ? 986  PHE A O   1 
ATOM   61   C  CB  . PHE A 1 8   ? 4.761   16.131  3.108   1.00 15.44  ? 986  PHE A CB  1 
ATOM   62   C  CG  . PHE A 1 8   ? 3.402   16.750  2.991   1.00 17.47  ? 986  PHE A CG  1 
ATOM   63   C  CD1 . PHE A 1 8   ? 2.260   16.066  3.345   1.00 16.79  ? 986  PHE A CD1 1 
ATOM   64   C  CD2 . PHE A 1 8   ? 3.254   18.025  2.475   1.00 18.83  ? 986  PHE A CD2 1 
ATOM   65   C  CE1 . PHE A 1 8   ? 0.988   16.613  3.236   1.00 19.19  ? 986  PHE A CE1 1 
ATOM   66   C  CE2 . PHE A 1 8   ? 1.992   18.573  2.372   1.00 18.85  ? 986  PHE A CE2 1 
ATOM   67   C  CZ  . PHE A 1 8   ? 0.861   17.878  2.699   1.00 17.78  ? 986  PHE A CZ  1 
ATOM   68   N  N   A ARG A 1 9   ? 7.545   15.274  4.838   0.23 15.38  ? 987  ARG A N   1 
ATOM   69   N  N   B ARG A 1 9   ? 7.532   15.285  4.812   0.23 14.37  ? 987  ARG A N   1 
ATOM   70   N  N   C ARG A 1 9   ? 7.551   15.247  4.871   0.04 13.51  ? 987  ARG A N   1 
ATOM   71   C  CA  A ARG A 1 9   ? 8.821   14.514  4.958   0.23 16.03  ? 987  ARG A CA  1 
ATOM   72   C  CA  B ARG A 1 9   ? 8.774   14.495  4.923   0.23 14.45  ? 987  ARG A CA  1 
ATOM   73   C  CA  C ARG A 1 9   ? 8.822   14.463  4.936   0.04 12.70  ? 987  ARG A CA  1 
ATOM   74   C  C   A ARG A 1 9   ? 8.708   13.460  6.082   0.23 14.97  ? 987  ARG A C   1 
ATOM   75   C  C   B ARG A 1 9   ? 8.618   13.432  6.030   0.23 14.13  ? 987  ARG A C   1 
ATOM   76   C  C   C ARG A 1 9   ? 8.773   13.463  6.103   0.04 12.77  ? 987  ARG A C   1 
ATOM   77   O  O   A ARG A 1 9   ? 9.171   12.311  5.889   0.23 13.96  ? 987  ARG A O   1 
ATOM   78   O  O   B ARG A 1 9   ? 8.930   12.253  5.754   0.23 13.27  ? 987  ARG A O   1 
ATOM   79   O  O   C ARG A 1 9   ? 9.375   12.378  5.972   0.04 12.56  ? 987  ARG A O   1 
ATOM   80   C  CB  A ARG A 1 9   ? 9.995   15.458  5.206   0.23 19.99  ? 987  ARG A CB  1 
ATOM   81   C  CB  B ARG A 1 9   ? 9.958   15.411  5.169   0.23 16.51  ? 987  ARG A CB  1 
ATOM   82   C  CB  C ARG A 1 9   ? 10.053  15.363  5.068   0.04 12.12  ? 987  ARG A CB  1 
ATOM   83   C  CG  A ARG A 1 9   ? 11.324  14.923  4.697   0.23 21.92  ? 987  ARG A CG  1 
ATOM   84   C  CG  B ARG A 1 9   ? 11.257  14.641  5.216   0.23 16.70  ? 987  ARG A CG  1 
ATOM   85   C  CG  C ARG A 1 9   ? 11.372  14.602  5.103   0.04 11.44  ? 987  ARG A CG  1 
ATOM   86   C  CD  A ARG A 1 9   ? 12.451  15.946  4.756   0.23 23.19  ? 987  ARG A CD  1 
ATOM   87   C  CD  B ARG A 1 9   ? 12.432  15.572  5.021   0.23 17.19  ? 987  ARG A CD  1 
ATOM   88   C  CD  C ARG A 1 9   ? 12.389  15.331  4.249   0.04 10.72  ? 987  ARG A CD  1 
ATOM   89   N  NE  A ARG A 1 9   ? 12.186  17.092  3.913   0.23 28.13  ? 987  ARG A NE  1 
ATOM   90   N  NE  B ARG A 1 9   ? 13.633  14.768  5.000   0.23 18.11  ? 987  ARG A NE  1 
ATOM   91   N  NE  C ARG A 1 9   ? 13.792  14.919  4.229   0.04 10.16  ? 987  ARG A NE  1 
ATOM   92   C  CZ  A ARG A 1 9   ? 11.923  18.324  4.354   0.23 26.71  ? 987  ARG A CZ  1 
ATOM   93   C  CZ  B ARG A 1 9   ? 14.410  14.460  6.060   0.23 15.36  ? 987  ARG A CZ  1 
ATOM   94   C  CZ  C ARG A 1 9   ? 14.388  13.912  4.876   0.04 9.76   ? 987  ARG A CZ  1 
ATOM   95   N  NH1 A ARG A 1 9   ? 11.919  18.586  5.643   0.23 25.69  ? 987  ARG A NH1 1 
ATOM   96   N  NH1 B ARG A 1 9   ? 15.464  13.716  5.767   0.23 19.80  ? 987  ARG A NH1 1 
ATOM   97   N  NH1 C ARG A 1 9   ? 15.690  13.768  4.712   0.04 9.56   ? 987  ARG A NH1 1 
ATOM   98   N  NH2 A ARG A 1 9   ? 11.676  19.284  3.489   0.23 24.13  ? 987  ARG A NH2 1 
ATOM   99   N  NH2 B ARG A 1 9   ? 14.140  14.785  7.335   0.23 14.11  ? 987  ARG A NH2 1 
ATOM   100  N  NH2 C ARG A 1 9   ? 13.730  13.047  5.638   0.04 9.09   ? 987  ARG A NH2 1 
ATOM   101  N  N   . GLU A 1 10  ? 8.096   13.815  7.211   0.51 13.65  ? 988  GLU A N   1 
ATOM   102  C  CA  . GLU A 1 10  ? 7.845   12.881  8.354   0.51 13.19  ? 988  GLU A CA  1 
ATOM   103  C  C   . GLU A 1 10  ? 6.891   11.765  7.882   0.51 12.65  ? 988  GLU A C   1 
ATOM   104  O  O   . GLU A 1 10  ? 7.127   10.579  8.227   0.51 12.48  ? 988  GLU A O   1 
ATOM   105  C  CB  . GLU A 1 10  ? 7.316   13.653  9.574   0.51 13.44  ? 988  GLU A CB  1 
ATOM   106  C  CG  . GLU A 1 10  ? 7.124   12.821  10.836  0.51 13.49  ? 988  GLU A CG  1 
ATOM   107  C  CD  . GLU A 1 10  ? 6.888   13.619  12.117  0.51 14.94  ? 988  GLU A CD  1 
ATOM   108  O  OE1 . GLU A 1 10  ? 6.733   12.996  13.205  0.51 17.02  ? 988  GLU A OE1 1 
ATOM   109  O  OE2 . GLU A 1 10  ? 6.928   14.859  12.046  0.51 15.94  ? 988  GLU A OE2 1 
ATOM   110  N  N   . LEU A 1 11  ? 5.853   12.108  7.111   1.00 12.34  ? 989  LEU A N   1 
ATOM   111  C  CA  . LEU A 1 11  ? 4.930   11.099  6.555   1.00 12.64  ? 989  LEU A CA  1 
ATOM   112  C  C   . LEU A 1 11  ? 5.692   10.106  5.668   1.00 12.95  ? 989  LEU A C   1 
ATOM   113  O  O   . LEU A 1 11  ? 5.543   8.860   5.820   1.00 13.17  ? 989  LEU A O   1 
ATOM   114  C  CB  . LEU A 1 11  ? 3.837   11.762  5.744   1.00 14.98  ? 989  LEU A CB  1 
ATOM   115  C  CG  . LEU A 1 11  ? 2.897   10.782  5.015   1.00 15.65  ? 989  LEU A CG  1 
ATOM   116  C  CD1 . LEU A 1 11  ? 2.084   9.978   6.004   1.00 18.13  ? 989  LEU A CD1 1 
ATOM   117  C  CD2 . LEU A 1 11  ? 2.021   11.524  4.034   1.00 21.50  ? 989  LEU A CD2 1 
ATOM   118  N  N   . ARG A 1 12  ? 6.551   10.597  4.769   1.00 12.12  ? 990  ARG A N   1 
ATOM   119  C  CA  . ARG A 1 12  ? 7.324   9.694   3.887   1.00 11.93  ? 990  ARG A CA  1 
ATOM   120  C  C   . ARG A 1 12  ? 8.236   8.757   4.688   1.00 11.76  ? 990  ARG A C   1 
ATOM   121  O  O   . ARG A 1 12  ? 8.347   7.536   4.325   1.00 11.72  ? 990  ARG A O   1 
ATOM   122  C  CB  . ARG A 1 12  ? 8.124   10.453  2.805   1.00 13.08  ? 990  ARG A CB  1 
ATOM   123  C  CG  . ARG A 1 12  ? 7.235   11.190  1.816   1.00 14.13  ? 990  ARG A CG  1 
ATOM   124  C  CD  . ARG A 1 12  ? 7.999   11.822  0.643   1.00 14.64  ? 990  ARG A CD  1 
ATOM   125  N  NE  . ARG A 1 12  ? 9.011   12.807  1.037   1.00 15.60  ? 990  ARG A NE  1 
ATOM   126  C  CZ  . ARG A 1 12  ? 8.753   14.127  1.069   1.00 15.74  ? 990  ARG A CZ  1 
ATOM   127  N  NH1 . ARG A 1 12  ? 9.757   14.934  1.416   1.00 18.93  ? 990  ARG A NH1 1 
ATOM   128  N  NH2 . ARG A 1 12  ? 7.545   14.579  0.877   1.00 16.37  ? 990  ARG A NH2 1 
ATOM   129  N  N   . ILE A 1 13  ? 8.930   9.250   5.716   1.00 11.66  ? 991  ILE A N   1 
ATOM   130  C  CA  . ILE A 1 13  ? 9.813   8.414   6.572   1.00 11.91  ? 991  ILE A CA  1 
ATOM   131  C  C   . ILE A 1 13  ? 8.968   7.276   7.199   1.00 11.88  ? 991  ILE A C   1 
ATOM   132  O  O   . ILE A 1 13  ? 9.373   6.078   7.145   1.00 12.74  ? 991  ILE A O   1 
ATOM   133  C  CB  . ILE A 1 13  ? 10.540  9.294   7.610   1.00 14.14  ? 991  ILE A CB  1 
ATOM   134  C  CG1 . ILE A 1 13  ? 11.516  10.194  6.857   1.00 18.18  ? 991  ILE A CG1 1 
ATOM   135  C  CG2 . ILE A 1 13  ? 11.235  8.437   8.650   1.00 16.15  ? 991  ILE A CG2 1 
ATOM   136  C  CD1 . ILE A 1 13  ? 11.985  11.395  7.669   1.00 21.04  ? 991  ILE A CD1 1 
ATOM   137  N  N   . PHE A 1 14  ? 7.813   7.619   7.742   1.00 12.89  ? 992  PHE A N   1 
ATOM   138  C  CA  . PHE A 1 14  ? 6.891   6.622   8.347   1.00 12.95  ? 992  PHE A CA  1 
ATOM   139  C  C   . PHE A 1 14  ? 6.457   5.571   7.296   1.00 13.39  ? 992  PHE A C   1 
ATOM   140  O  O   . PHE A 1 14  ? 6.556   4.354   7.562   1.00 13.60  ? 992  PHE A O   1 
ATOM   141  C  CB  . PHE A 1 14  ? 5.699   7.324   8.979   1.00 13.60  ? 992  PHE A CB  1 
ATOM   142  C  CG  . PHE A 1 14  ? 4.606   6.427   9.519   1.00 14.89  ? 992  PHE A CG  1 
ATOM   143  C  CD1 . PHE A 1 14  ? 4.835   5.711   10.664  1.00 18.34  ? 992  PHE A CD1 1 
ATOM   144  C  CD2 . PHE A 1 14  ? 3.416   6.312   8.853   1.00 17.88  ? 992  PHE A CD2 1 
ATOM   145  C  CE1 . PHE A 1 14  ? 3.842   4.848   11.165  1.00 19.51  ? 992  PHE A CE1 1 
ATOM   146  C  CE2 . PHE A 1 14  ? 2.423   5.466   9.370   1.00 18.83  ? 992  PHE A CE2 1 
ATOM   147  C  CZ  . PHE A 1 14  ? 2.670   4.757   10.505  1.00 17.76  ? 992  PHE A CZ  1 
ATOM   148  N  N   . LEU A 1 15  ? 6.042   6.030   6.108   1.00 11.83  ? 993  LEU A N   1 
ATOM   149  C  CA  . LEU A 1 15  ? 5.531   5.089   5.075   1.00 12.07  ? 993  LEU A CA  1 
ATOM   150  C  C   . LEU A 1 15  ? 6.638   4.179   4.575   1.00 12.96  ? 993  LEU A C   1 
ATOM   151  O  O   . LEU A 1 15  ? 6.404   2.954   4.304   1.00 13.00  ? 993  LEU A O   1 
ATOM   152  C  CB  . LEU A 1 15  ? 4.889   5.833   3.925   1.00 12.55  ? 993  LEU A CB  1 
ATOM   153  C  CG  . LEU A 1 15  ? 3.631   6.645   4.257   1.00 14.12  ? 993  LEU A CG  1 
ATOM   154  C  CD1 . LEU A 1 15  ? 3.101   7.367   3.014   1.00 14.56  ? 993  LEU A CD1 1 
ATOM   155  C  CD2 . LEU A 1 15  ? 2.550   5.751   4.920   1.00 13.82  ? 993  LEU A CD2 1 
ATOM   156  N  N   . ARG A 1 16  ? 7.873   4.650   4.403   1.00 11.82  ? 994  ARG A N   1 
ATOM   157  C  CA  . ARG A 1 16  ? 8.969   3.770   3.989   1.00 11.75  ? 994  ARG A CA  1 
ATOM   158  C  C   . ARG A 1 16  ? 9.230   2.662   5.011   1.00 12.94  ? 994  ARG A C   1 
ATOM   159  O  O   . ARG A 1 16  ? 9.483   1.511   4.643   1.00 13.48  ? 994  ARG A O   1 
ATOM   160  C  CB  . ARG A 1 16  ? 10.314  4.530   3.751   1.00 13.77  ? 994  ARG A CB  1 
ATOM   161  C  CG  . ARG A 1 16  ? 10.339  5.516   2.589   1.00 14.82  ? 994  ARG A CG  1 
ATOM   162  C  CD  . ARG A 1 16  ? 11.802  6.007   2.275   1.00 15.19  ? 994  ARG A CD  1 
ATOM   163  N  NE  . ARG A 1 16  ? 11.711  7.162   1.431   1.00 15.40  ? 994  ARG A NE  1 
ATOM   164  C  CZ  . ARG A 1 16  ? 11.552  8.408   1.800   1.00 15.51  ? 994  ARG A CZ  1 
ATOM   165  N  NH1 . ARG A 1 16  ? 11.720  8.810   3.047   1.00 14.16  ? 994  ARG A NH1 1 
ATOM   166  N  NH2 . ARG A 1 16  ? 11.293  9.318   0.881   1.00 18.94  ? 994  ARG A NH2 1 
ATOM   167  N  N   . ASN A 1 17  ? 9.175   3.019   6.296   1.00 12.63  ? 995  ASN A N   1 
ATOM   168  C  CA  . ASN A 1 17  ? 9.413   2.053   7.406   1.00 13.63  ? 995  ASN A CA  1 
ATOM   169  C  C   . ASN A 1 17  ? 8.287   0.978   7.397   1.00 13.10  ? 995  ASN A C   1 
ATOM   170  O  O   . ASN A 1 17  ? 8.646   -0.234  7.474   1.00 12.92  ? 995  ASN A O   1 
ATOM   171  C  CB  . ASN A 1 17  ? 9.573   2.781   8.725   1.00 14.11  ? 995  ASN A CB  1 
ATOM   172  C  CG  . ASN A 1 17  ? 9.771   1.772   9.846   1.00 18.09  ? 995  ASN A CG  1 
ATOM   173  O  OD1 . ASN A 1 17  ? 8.811   1.448   10.462  1.00 17.52  ? 995  ASN A OD1 1 
ATOM   174  N  ND2 . ASN A 1 17  ? 10.983  1.245   10.008  1.00 20.51  ? 995  ASN A ND2 1 
ATOM   175  N  N   . VAL A 1 18  ? 7.032   1.390   7.331   1.00 12.58  ? 996  VAL A N   1 
ATOM   176  C  CA  . VAL A 1 18  ? 5.920   0.383   7.323   1.00 12.70  ? 996  VAL A CA  1 
ATOM   177  C  C   . VAL A 1 18  ? 6.131   -0.536  6.102   1.00 13.07  ? 996  VAL A C   1 
ATOM   178  O  O   . VAL A 1 18  ? 5.980   -1.787  6.186   1.00 12.98  ? 996  VAL A O   1 
ATOM   179  C  CB  . VAL A 1 18  ? 4.560   1.059   7.284   1.00 12.69  ? 996  VAL A CB  1 
ATOM   180  C  CG1 . VAL A 1 18  ? 3.437   0.030   7.084   1.00 13.48  ? 996  VAL A CG1 1 
ATOM   181  C  CG2 . VAL A 1 18  ? 4.330   1.907   8.539   1.00 14.30  ? 996  VAL A CG2 1 
ATOM   182  N  N   . THR A 1 19  ? 6.388   0.035   4.925   1.00 12.36  ? 997  THR A N   1 
ATOM   183  C  CA  . THR A 1 19  ? 6.462   -0.741  3.661   1.00 12.36  ? 997  THR A CA  1 
ATOM   184  C  C   . THR A 1 19  ? 7.612   -1.769  3.741   1.00 13.42  ? 997  THR A C   1 
ATOM   185  O  O   . THR A 1 19  ? 7.424   -2.927  3.296   1.00 14.01  ? 997  THR A O   1 
ATOM   186  C  CB  . THR A 1 19  ? 6.585   0.160   2.420   1.00 13.01  ? 997  THR A CB  1 
ATOM   187  O  OG1 . THR A 1 19  ? 5.530   1.123   2.463   1.00 13.19  ? 997  THR A OG1 1 
ATOM   188  C  CG2 . THR A 1 19  ? 6.458   -0.582  1.105   1.00 15.37  ? 997  THR A CG2 1 
ATOM   189  N  N   . HIS A 1 20  ? 8.798   -1.392  4.245   0.37 13.06  ? 998  HIS A N   1 
ATOM   190  C  CA  . HIS A 1 20  ? 9.920   -2.364  4.411   0.37 13.48  ? 998  HIS A CA  1 
ATOM   191  C  C   . HIS A 1 20  ? 9.460   -3.521  5.305   0.37 13.66  ? 998  HIS A C   1 
ATOM   192  O  O   . HIS A 1 20  ? 9.703   -4.698  4.940   0.37 14.13  ? 998  HIS A O   1 
ATOM   193  C  CB  . HIS A 1 20  ? 11.190  -1.726  4.994   0.37 14.29  ? 998  HIS A CB  1 
ATOM   194  C  CG  . HIS A 1 20  ? 12.267  -2.697  5.388   0.37 14.89  ? 998  HIS A CG  1 
ATOM   195  N  ND1 . HIS A 1 20  ? 13.025  -3.381  4.458   0.37 15.63  ? 998  HIS A ND1 1 
ATOM   196  C  CD2 . HIS A 1 20  ? 12.743  -3.092  6.597   0.37 15.78  ? 998  HIS A CD2 1 
ATOM   197  C  CE1 . HIS A 1 20  ? 13.923  -4.137  5.068   0.37 15.81  ? 998  HIS A CE1 1 
ATOM   198  N  NE2 . HIS A 1 20  ? 13.780  -3.976  6.375   0.37 15.85  ? 998  HIS A NE2 1 
ATOM   199  N  N   . ARG A 1 21  ? 8.832   -3.202  6.443   1.00 12.79  ? 999  ARG A N   1 
ATOM   200  C  CA  . ARG A 1 21  ? 8.434   -4.248  7.403   1.00 13.67  ? 999  ARG A CA  1 
ATOM   201  C  C   . ARG A 1 21  ? 7.500   -5.257  6.690   1.00 15.21  ? 999  ARG A C   1 
ATOM   202  O  O   . ARG A 1 21  ? 7.570   -6.490  6.953   1.00 16.78  ? 999  ARG A O   1 
ATOM   203  C  CB  . ARG A 1 21  ? 7.872   -3.667  8.674   1.00 14.38  ? 999  ARG A CB  1 
ATOM   204  C  CG  . ARG A 1 21  ? 8.963   -2.968  9.514   1.00 15.71  ? 999  ARG A CG  1 
ATOM   205  C  CD  . ARG A 1 21  ? 8.445   -1.837  10.451  1.00 16.30  ? 999  ARG A CD  1 
ATOM   206  N  NE  . ARG A 1 21  ? 7.577   -2.388  11.401  1.00 17.22  ? 999  ARG A NE  1 
ATOM   207  C  CZ  . ARG A 1 21  ? 6.866   -1.589  12.205  1.00 14.68  ? 999  ARG A CZ  1 
ATOM   208  N  NH1 . ARG A 1 21  ? 6.050   -2.130  13.070  1.00 15.61  ? 999  ARG A NH1 1 
ATOM   209  N  NH2 . ARG A 1 21  ? 6.941   -0.267  12.096  1.00 16.13  ? 999  ARG A NH2 1 
ATOM   210  N  N   . LEU A 1 22  ? 6.590   -4.793  5.824   1.00 13.74  ? 1000 LEU A N   1 
ATOM   211  C  CA  . LEU A 1 22  ? 5.704   -5.708  5.074   1.00 13.29  ? 1000 LEU A CA  1 
ATOM   212  C  C   . LEU A 1 22  ? 6.552   -6.471  4.067   1.00 14.49  ? 1000 LEU A C   1 
ATOM   213  O  O   . LEU A 1 22  ? 6.361   -7.736  3.900   1.00 15.36  ? 1000 LEU A O   1 
ATOM   214  C  CB  . LEU A 1 22  ? 4.605   -4.907  4.374   1.00 13.28  ? 1000 LEU A CB  1 
ATOM   215  C  CG  . LEU A 1 22  ? 3.650   -4.143  5.286   1.00 14.25  ? 1000 LEU A CG  1 
ATOM   216  C  CD1 . LEU A 1 22  ? 2.727   -3.224  4.469   1.00 15.06  ? 1000 LEU A CD1 1 
ATOM   217  C  CD2 . LEU A 1 22  ? 2.832   -5.057  6.215   1.00 15.15  ? 1000 LEU A CD2 1 
ATOM   218  N  N   . ALA A 1 23  ? 7.476   -5.861  3.348   1.00 14.09  ? 1001 ALA A N   1 
ATOM   219  C  CA  . ALA A 1 23  ? 8.225   -6.466  2.230   1.00 15.07  ? 1001 ALA A CA  1 
ATOM   220  C  C   . ALA A 1 23  ? 9.187   -7.562  2.687   1.00 17.02  ? 1001 ALA A C   1 
ATOM   221  O  O   . ALA A 1 23  ? 9.441   -8.457  1.848   1.00 18.85  ? 1001 ALA A O   1 
ATOM   222  C  CB  . ALA A 1 23  ? 8.927   -5.422  1.440   1.00 16.99  ? 1001 ALA A CB  1 
ATOM   223  N  N   . ILE A 1 24  ? 9.647   -7.502  3.932   1.00 16.55  ? 1002 ILE A N   1 
ATOM   224  C  CA  . ILE A 1 24  ? 10.575  -8.577  4.420   1.00 18.42  ? 1002 ILE A CA  1 
ATOM   225  C  C   . ILE A 1 24  ? 9.828   -9.780  4.975   1.00 20.98  ? 1002 ILE A C   1 
ATOM   226  O  O   . ILE A 1 24  ? 10.502  -10.806 5.324   1.00 21.58  ? 1002 ILE A O   1 
ATOM   227  C  CB  . ILE A 1 24  ? 11.610  -8.023  5.414   1.00 18.74  ? 1002 ILE A CB  1 
ATOM   228  C  CG1 . ILE A 1 24  ? 10.973  -7.540  6.703   1.00 20.47  ? 1002 ILE A CG1 1 
ATOM   229  C  CG2 . ILE A 1 24  ? 12.427  -6.969  4.704   1.00 22.22  ? 1002 ILE A CG2 1 
ATOM   230  C  CD1 . ILE A 1 24  ? 12.008  -6.972  7.702   1.00 27.51  ? 1002 ILE A CD1 1 
ATOM   231  N  N   . ASP A 1 25  ? 8.532   -9.727  5.184   1.00 17.81  ? 1003 ASP A N   1 
ATOM   232  C  CA  . ASP A 1 25  ? 7.737   -10.843 5.756   1.00 18.33  ? 1003 ASP A CA  1 
ATOM   233  C  C   . ASP A 1 25  ? 7.634   -11.936 4.694   1.00 19.29  ? 1003 ASP A C   1 
ATOM   234  O  O   . ASP A 1 25  ? 7.118   -11.669 3.599   1.00 17.83  ? 1003 ASP A O   1 
ATOM   235  C  CB  . ASP A 1 25  ? 6.393   -10.358 6.222   1.00 18.78  ? 1003 ASP A CB  1 
ATOM   236  C  CG  . ASP A 1 25  ? 5.598   -11.369 7.039   1.00 21.92  ? 1003 ASP A CG  1 
ATOM   237  O  OD1 . ASP A 1 25  ? 5.387   -12.486 6.529   1.00 21.96  ? 1003 ASP A OD1 1 
ATOM   238  O  OD2 . ASP A 1 25  ? 5.091   -10.975 8.106   1.00 22.64  ? 1003 ASP A OD2 1 
ATOM   239  N  N   . LYS A 1 26  ? 8.133   -13.169 4.955   1.00 19.80  ? 1004 LYS A N   1 
ATOM   240  C  CA  . LYS A 1 26  ? 8.098   -14.267 3.949   1.00 21.21  ? 1004 LYS A CA  1 
ATOM   241  C  C   . LYS A 1 26  ? 6.708   -14.536 3.372   1.00 17.72  ? 1004 LYS A C   1 
ATOM   242  O  O   . LYS A 1 26  ? 6.656   -14.967 2.197   1.00 20.84  ? 1004 LYS A O   1 
ATOM   243  C  CB  . LYS A 1 26  ? 8.617   -15.574 4.636   1.00 24.90  ? 1004 LYS A CB  1 
ATOM   244  N  N   . ARG A 1 27  ? 5.644   -14.316 4.097   1.00 17.43  ? 1005 ARG A N   1 
ATOM   245  C  CA  . ARG A 1 27  ? 4.235   -14.567 3.628   1.00 17.74  ? 1005 ARG A CA  1 
ATOM   246  C  C   . ARG A 1 27  ? 3.951   -13.670 2.427   1.00 17.74  ? 1005 ARG A C   1 
ATOM   247  O  O   . ARG A 1 27  ? 3.069   -14.002 1.619   1.00 18.09  ? 1005 ARG A O   1 
ATOM   248  C  CB  . ARG A 1 27  ? 3.166   -14.359 4.687   1.00 17.88  ? 1005 ARG A CB  1 
ATOM   249  C  CG  . ARG A 1 27  ? 3.262   -15.299 5.916   1.00 19.20  ? 1005 ARG A CG  1 
ATOM   250  C  CD  . ARG A 1 27  ? 2.284   -14.874 6.955   1.00 20.28  ? 1005 ARG A CD  1 
ATOM   251  N  NE  . ARG A 1 27  ? 2.719   -13.617 7.617   1.00 19.31  ? 1005 ARG A NE  1 
ATOM   252  C  CZ  . ARG A 1 27  ? 1.999   -12.936 8.475   1.00 18.09  ? 1005 ARG A CZ  1 
ATOM   253  N  NH1 . ARG A 1 27  ? 0.765   -13.282 8.812   1.00 21.09  ? 1005 ARG A NH1 1 
ATOM   254  N  NH2 . ARG A 1 27  ? 2.515   -11.818 9.003   1.00 21.83  ? 1005 ARG A NH2 1 
ATOM   255  N  N   . PHE A 1 28  ? 4.591   -12.492 2.388   1.00 16.50  ? 1006 PHE A N   1 
ATOM   256  C  CA  . PHE A 1 28  ? 4.168   -11.444 1.418   1.00 15.82  ? 1006 PHE A CA  1 
ATOM   257  C  C   . PHE A 1 28  ? 5.085   -11.357 0.229   1.00 18.17  ? 1006 PHE A C   1 
ATOM   258  O  O   . PHE A 1 28  ? 4.986   -10.383 -0.570  1.00 17.28  ? 1006 PHE A O   1 
ATOM   259  C  CB  . PHE A 1 28  ? 4.055   -10.096 2.143   1.00 15.37  ? 1006 PHE A CB  1 
ATOM   260  C  CG  . PHE A 1 28  ? 3.164   -10.135 3.365   1.00 15.34  ? 1006 PHE A CG  1 
ATOM   261  C  CD1 . PHE A 1 28  ? 2.060   -11.007 3.473   1.00 15.96  ? 1006 PHE A CD1 1 
ATOM   262  C  CD2 . PHE A 1 28  ? 3.382   -9.311  4.469   1.00 15.07  ? 1006 PHE A CD2 1 
ATOM   263  C  CE1 . PHE A 1 28  ? 1.254   -11.031 4.601   1.00 15.52  ? 1006 PHE A CE1 1 
ATOM   264  C  CE2 . PHE A 1 28  ? 2.619   -9.359  5.610   1.00 15.05  ? 1006 PHE A CE2 1 
ATOM   265  C  CZ  . PHE A 1 28  ? 1.544   -10.231 5.713   1.00 16.69  ? 1006 PHE A CZ  1 
ATOM   266  N  N   . ARG A 1 29  ? 6.022   -12.306 0.022   1.00 17.32  ? 1007 ARG A N   1 
ATOM   267  C  CA  . ARG A 1 29  ? 6.949   -12.282 -1.129  1.00 17.42  ? 1007 ARG A CA  1 
ATOM   268  C  C   . ARG A 1 29  ? 6.244   -12.085 -2.453  1.00 17.39  ? 1007 ARG A C   1 
ATOM   269  O  O   . ARG A 1 29  ? 6.801   -11.374 -3.296  1.00 20.11  ? 1007 ARG A O   1 
ATOM   270  C  CB  . ARG A 1 29  ? 7.810   -13.568 -1.088  1.00 22.86  ? 1007 ARG A CB  1 
ATOM   271  C  CG  . ARG A 1 29  ? 8.934   -13.530 -2.101  1.00 29.11  ? 1007 ARG A CG  1 
ATOM   272  C  CD  . ARG A 1 29  ? 9.645   -14.892 -2.193  1.00 43.42  ? 1007 ARG A CD  1 
ATOM   273  N  NE  . ARG A 1 29  ? 10.823  -14.811 -3.074  1.00 57.35  ? 1007 ARG A NE  1 
ATOM   274  C  CZ  . ARG A 1 29  ? 10.807  -14.616 -4.409  1.00 78.35  ? 1007 ARG A CZ  1 
ATOM   275  N  NH1 . ARG A 1 29  ? 11.946  -14.559 -5.086  1.00 81.96  ? 1007 ARG A NH1 1 
ATOM   276  N  NH2 . ARG A 1 29  ? 9.667   -14.474 -5.074  1.00 83.55  ? 1007 ARG A NH2 1 
ATOM   277  N  N   . VAL A 1 30  ? 5.126   -12.779 -2.696  1.00 18.49  ? 1008 VAL A N   1 
ATOM   278  C  CA  . VAL A 1 30  ? 4.414   -12.710 -3.999  1.00 19.63  ? 1008 VAL A CA  1 
ATOM   279  C  C   . VAL A 1 30  ? 3.948   -11.266 -4.279  1.00 19.00  ? 1008 VAL A C   1 
ATOM   280  O  O   . VAL A 1 30  ? 3.740   -10.928 -5.457  1.00 22.06  ? 1008 VAL A O   1 
ATOM   281  C  CB  . VAL A 1 30  ? 3.212   -13.673 -4.003  1.00 23.13  ? 1008 VAL A CB  1 
ATOM   282  C  CG1 . VAL A 1 30  ? 2.120   -13.366 -2.987  1.00 26.49  ? 1008 VAL A CG1 1 
ATOM   283  C  CG2 . VAL A 1 30  ? 2.624   -13.847 -5.369  1.00 30.71  ? 1008 VAL A CG2 1 
ATOM   284  N  N   . PHE A 1 31  ? 3.809   -10.401 -3.255  1.00 15.99  ? 1009 PHE A N   1 
ATOM   285  C  CA  . PHE A 1 31  ? 3.305   -9.009  -3.459  1.00 15.45  ? 1009 PHE A CA  1 
ATOM   286  C  C   . PHE A 1 31  ? 4.482   -8.005  -3.596  1.00 16.02  ? 1009 PHE A C   1 
ATOM   287  O  O   . PHE A 1 31  ? 4.184   -6.781  -3.612  1.00 16.75  ? 1009 PHE A O   1 
ATOM   288  C  CB  . PHE A 1 31  ? 2.412   -8.657  -2.288  1.00 14.33  ? 1009 PHE A CB  1 
ATOM   289  C  CG  . PHE A 1 31  ? 1.280   -9.627  -2.014  1.00 13.83  ? 1009 PHE A CG  1 
ATOM   290  C  CD1 . PHE A 1 31  ? 0.341   -9.924  -2.985  1.00 15.67  ? 1009 PHE A CD1 1 
ATOM   291  C  CD2 . PHE A 1 31  ? 1.175   -10.275 -0.799  1.00 17.67  ? 1009 PHE A CD2 1 
ATOM   292  C  CE1 . PHE A 1 31  ? -0.647  -10.896 -2.779  1.00 16.43  ? 1009 PHE A CE1 1 
ATOM   293  C  CE2 . PHE A 1 31  ? 0.153   -11.205 -0.555  1.00 18.61  ? 1009 PHE A CE2 1 
ATOM   294  C  CZ  . PHE A 1 31  ? -0.746  -11.535 -1.552  1.00 17.55  ? 1009 PHE A CZ  1 
ATOM   295  N  N   . THR A 1 32  ? 5.734   -8.426  -3.582  1.00 15.97  ? 1010 THR A N   1 
ATOM   296  C  CA  . THR A 1 32  ? 6.909   -7.521  -3.576  1.00 17.51  ? 1010 THR A CA  1 
ATOM   297  C  C   . THR A 1 32  ? 7.304   -7.007  -4.957  1.00 19.86  ? 1010 THR A C   1 
ATOM   298  O  O   . THR A 1 32  ? 8.053   -6.016  -4.941  1.00 24.06  ? 1010 THR A O   1 
ATOM   299  C  CB  . THR A 1 32  ? 8.130   -8.101  -2.874  1.00 17.98  ? 1010 THR A CB  1 
ATOM   300  O  OG1 . THR A 1 32  ? 8.585   -9.271  -3.576  1.00 19.19  ? 1010 THR A OG1 1 
ATOM   301  C  CG2 . THR A 1 32  ? 7.822   -8.383  -1.417  1.00 19.14  ? 1010 THR A CG2 1 
ATOM   302  N  N   . LYS A 1 33  ? 6.885   -7.639  -6.048  1.00 19.91  ? 1011 LYS A N   1 
ATOM   303  C  CA  . LYS A 1 33  ? 7.318   -7.251  -7.407  1.00 23.02  ? 1011 LYS A CA  1 
ATOM   304  C  C   . LYS A 1 33  ? 6.098   -7.350  -8.295  1.00 20.67  ? 1011 LYS A C   1 
ATOM   305  O  O   . LYS A 1 33  ? 5.165   -8.143  -8.046  1.00 20.24  ? 1011 LYS A O   1 
ATOM   306  C  CB  . LYS A 1 33  ? 8.436   -8.163  -7.933  1.00 29.08  ? 1011 LYS A CB  1 
ATOM   307  C  CG  . LYS A 1 33  ? 9.759   -8.068  -7.177  1.00 35.08  ? 1011 LYS A CG  1 
ATOM   308  C  CD  . LYS A 1 33  ? 10.911  -8.884  -7.787  1.00 51.77  ? 1011 LYS A CD  1 
ATOM   309  C  CE  . LYS A 1 33  ? 10.710  -10.393 -7.782  1.00 63.98  ? 1011 LYS A CE  1 
ATOM   310  N  NZ  . LYS A 1 33  ? 11.879  -11.107 -8.363  1.00 75.55  ? 1011 LYS A NZ  1 
ATOM   311  N  N   . PRO A 1 34  ? 6.112   -6.582  -9.414  1.00 23.43  ? 1012 PRO A N   1 
ATOM   312  C  CA  . PRO A 1 34  ? 5.040   -6.728  -10.385 1.00 28.16  ? 1012 PRO A CA  1 
ATOM   313  C  C   . PRO A 1 34  ? 4.973   -8.156  -10.934 1.00 26.66  ? 1012 PRO A C   1 
ATOM   314  O  O   . PRO A 1 34  ? 6.003   -8.849  -11.001 1.00 30.32  ? 1012 PRO A O   1 
ATOM   315  C  CB  . PRO A 1 34  ? 5.372   -5.728  -11.521 1.00 28.23  ? 1012 PRO A CB  1 
ATOM   316  C  CG  . PRO A 1 34  ? 6.425   -4.767  -10.921 1.00 31.53  ? 1012 PRO A CG  1 
ATOM   317  C  CD  . PRO A 1 34  ? 7.104   -5.567  -9.795  1.00 27.67  ? 1012 PRO A CD  1 
ATOM   318  N  N   . VAL A 1 35  ? 3.796   -8.563  -11.370 1.00 28.79  ? 1013 VAL A N   1 
ATOM   319  C  CA  . VAL A 1 35  ? 3.563   -9.869  -12.061 1.00 35.89  ? 1013 VAL A CA  1 
ATOM   320  C  C   . VAL A 1 35  ? 4.310   -9.820  -13.408 1.00 43.36  ? 1013 VAL A C   1 
ATOM   321  O  O   . VAL A 1 35  ? 4.229   -8.787  -14.122 1.00 40.65  ? 1013 VAL A O   1 
ATOM   322  C  CB  . VAL A 1 35  ? 2.061   -10.150 -12.280 1.00 32.48  ? 1013 VAL A CB  1 
ATOM   323  C  CG1 . VAL A 1 35  ? 1.844   -11.323 -13.236 1.00 39.96  ? 1013 VAL A CG1 1 
ATOM   324  C  CG2 . VAL A 1 35  ? 1.347   -10.379 -10.997 1.00 32.08  ? 1013 VAL A CG2 1 
ATOM   325  N  N   . ASP A 1 36  ? 5.017   -10.893 -13.759 1.00 43.82  ? 1014 ASP A N   1 
ATOM   326  C  CA  . ASP A 1 36  ? 5.862   -10.920 -14.990 1.00 54.57  ? 1014 ASP A CA  1 
ATOM   327  C  C   . ASP A 1 36  ? 4.943   -11.149 -16.189 1.00 53.02  ? 1014 ASP A C   1 
ATOM   328  O  O   . ASP A 1 36  ? 4.289   -12.180 -16.248 1.00 50.89  ? 1014 ASP A O   1 
ATOM   329  C  CB  . ASP A 1 36  ? 6.958   -11.984 -14.886 1.00 54.72  ? 1014 ASP A CB  1 
ATOM   330  C  CG  . ASP A 1 36  ? 8.007   -11.872 -15.986 1.00 69.16  ? 1014 ASP A CG  1 
ATOM   331  O  OD1 . ASP A 1 36  ? 7.684   -11.338 -17.092 1.00 59.93  ? 1014 ASP A OD1 1 
ATOM   332  O  OD2 . ASP A 1 36  ? 9.141   -12.312 -15.735 1.00 76.49  ? 1014 ASP A OD2 1 
ATOM   333  N  N   . PRO A 1 37  ? 4.816   -10.189 -17.142 1.00 60.45  ? 1015 PRO A N   1 
ATOM   334  C  CA  . PRO A 1 37  ? 3.963   -10.381 -18.322 1.00 71.30  ? 1015 PRO A CA  1 
ATOM   335  C  C   . PRO A 1 37  ? 4.214   -11.701 -19.073 1.00 77.86  ? 1015 PRO A C   1 
ATOM   336  O  O   . PRO A 1 37  ? 3.256   -12.292 -19.559 1.00 83.67  ? 1015 PRO A O   1 
ATOM   337  C  CB  . PRO A 1 37  ? 4.329   -9.200  -19.233 1.00 66.83  ? 1015 PRO A CB  1 
ATOM   338  C  CG  . PRO A 1 37  ? 4.812   -8.128  -18.279 1.00 67.75  ? 1015 PRO A CG  1 
ATOM   339  C  CD  . PRO A 1 37  ? 5.482   -8.876  -17.141 1.00 62.92  ? 1015 PRO A CD  1 
ATOM   340  N  N   . ASP A 1 38  ? 5.478   -12.137 -19.129 1.00 81.35  ? 1016 ASP A N   1 
ATOM   341  C  CA  . ASP A 1 38  ? 5.899   -13.419 -19.752 1.00 80.61  ? 1016 ASP A CA  1 
ATOM   342  C  C   . ASP A 1 38  ? 5.153   -14.561 -19.073 1.00 82.78  ? 1016 ASP A C   1 
ATOM   343  O  O   . ASP A 1 38  ? 4.291   -15.186 -19.724 1.00 87.16  ? 1016 ASP A O   1 
ATOM   344  C  CB  . ASP A 1 38  ? 7.403   -13.653 -19.620 1.00 82.13  ? 1016 ASP A CB  1 
ATOM   345  C  CG  . ASP A 1 38  ? 8.239   -12.635 -20.366 1.00 80.85  ? 1016 ASP A CG  1 
ATOM   346  O  OD1 . ASP A 1 38  ? 7.673   -11.913 -21.223 1.00 68.04  ? 1016 ASP A OD1 1 
ATOM   347  O  OD2 . ASP A 1 38  ? 9.448   -12.571 -20.072 1.00 89.88  ? 1016 ASP A OD2 1 
ATOM   348  N  N   . GLU A 1 39  ? 5.456   -14.793 -17.798 1.00 74.19  ? 1017 GLU A N   1 
ATOM   349  C  CA  . GLU A 1 39  ? 4.913   -15.939 -17.029 1.00 70.05  ? 1017 GLU A CA  1 
ATOM   350  C  C   . GLU A 1 39  ? 3.380   -15.902 -16.987 1.00 65.86  ? 1017 GLU A C   1 
ATOM   351  O  O   . GLU A 1 39  ? 2.789   -16.999 -16.900 1.00 60.98  ? 1017 GLU A O   1 
ATOM   352  C  CB  . GLU A 1 39  ? 5.441   -15.928 -15.599 1.00 78.94  ? 1017 GLU A CB  1 
ATOM   353  C  CG  . GLU A 1 39  ? 6.940   -16.085 -15.488 1.00 85.82  ? 1017 GLU A CG  1 
ATOM   354  C  CD  . GLU A 1 39  ? 7.357   -16.195 -14.035 1.00 96.93  ? 1017 GLU A CD  1 
ATOM   355  O  OE1 . GLU A 1 39  ? 8.244   -15.417 -13.615 1.00 100.59 ? 1017 GLU A OE1 1 
ATOM   356  O  OE2 . GLU A 1 39  ? 6.760   -17.037 -13.317 1.00 92.76  ? 1017 GLU A OE2 1 
ATOM   357  N  N   . VAL A 1 40  ? 2.750   -14.714 -16.954 1.00 56.13  ? 1018 VAL A N   1 
ATOM   358  C  CA  . VAL A 1 40  ? 1.266   -14.605 -16.783 1.00 47.80  ? 1018 VAL A CA  1 
ATOM   359  C  C   . VAL A 1 40  ? 0.719   -13.566 -17.759 1.00 54.28  ? 1018 VAL A C   1 
ATOM   360  O  O   . VAL A 1 40  ? 0.313   -12.486 -17.344 1.00 39.81  ? 1018 VAL A O   1 
ATOM   361  C  CB  . VAL A 1 40  ? 0.879   -14.255 -15.329 1.00 51.04  ? 1018 VAL A CB  1 
ATOM   362  C  CG1 . VAL A 1 40  ? -0.573  -14.590 -15.047 1.00 47.89  ? 1018 VAL A CG1 1 
ATOM   363  C  CG2 . VAL A 1 40  ? 1.780   -14.917 -14.283 1.00 48.17  ? 1018 VAL A CG2 1 
ATOM   364  N  N   . PRO A 1 41  ? 0.630   -13.860 -19.082 1.00 56.33  ? 1019 PRO A N   1 
ATOM   365  C  CA  . PRO A 1 41  ? 0.265   -12.838 -20.075 1.00 48.23  ? 1019 PRO A CA  1 
ATOM   366  C  C   . PRO A 1 41  ? -1.201  -12.401 -19.940 1.00 38.17  ? 1019 PRO A C   1 
ATOM   367  O  O   . PRO A 1 41  ? -1.625  -11.301 -20.312 1.00 42.30  ? 1019 PRO A O   1 
ATOM   368  C  CB  . PRO A 1 41  ? 0.509   -13.550 -21.420 1.00 55.42  ? 1019 PRO A CB  1 
ATOM   369  C  CG  . PRO A 1 41  ? 0.263   -15.020 -21.092 1.00 59.44  ? 1019 PRO A CG  1 
ATOM   370  C  CD  . PRO A 1 41  ? 0.778   -15.203 -19.673 1.00 63.72  ? 1019 PRO A CD  1 
ATOM   371  N  N   . ASP A 1 42  ? -1.980  -13.274 -19.356 1.00 35.75  ? 1020 ASP A N   1 
ATOM   372  C  CA  . ASP A 1 42  ? -3.412  -13.061 -19.044 1.00 31.71  ? 1020 ASP A CA  1 
ATOM   373  C  C   . ASP A 1 42  ? -3.620  -11.996 -17.905 1.00 30.28  ? 1020 ASP A C   1 
ATOM   374  O  O   . ASP A 1 42  ? -4.719  -11.453 -17.752 1.00 31.19  ? 1020 ASP A O   1 
ATOM   375  C  CB  . ASP A 1 42  ? -3.873  -14.448 -18.657 1.00 42.19  ? 1020 ASP A CB  1 
ATOM   376  C  CG  . ASP A 1 42  ? -5.260  -14.442 -18.132 1.00 47.92  ? 1020 ASP A CG  1 
ATOM   377  O  OD1 . ASP A 1 42  ? -6.141  -14.062 -18.920 1.00 56.44  ? 1020 ASP A OD1 1 
ATOM   378  O  OD2 . ASP A 1 42  ? -5.417  -14.774 -16.934 1.00 47.53  ? 1020 ASP A OD2 1 
ATOM   379  N  N   . TYR A 1 43  ? -2.624  -11.768 -17.060 1.00 31.07  ? 1021 TYR A N   1 
ATOM   380  C  CA  . TYR A 1 43  ? -2.858  -10.958 -15.812 1.00 31.33  ? 1021 TYR A CA  1 
ATOM   381  C  C   . TYR A 1 43  ? -3.399  -9.555  -16.161 1.00 27.46  ? 1021 TYR A C   1 
ATOM   382  O  O   . TYR A 1 43  ? -4.416  -9.133  -15.576 1.00 27.55  ? 1021 TYR A O   1 
ATOM   383  C  CB  . TYR A 1 43  ? -1.569  -10.885 -14.972 1.00 27.75  ? 1021 TYR A CB  1 
ATOM   384  C  CG  . TYR A 1 43  ? -1.774  -10.270 -13.588 1.00 25.20  ? 1021 TYR A CG  1 
ATOM   385  C  CD1 . TYR A 1 43  ? -2.409  -10.987 -12.608 1.00 23.14  ? 1021 TYR A CD1 1 
ATOM   386  C  CD2 . TYR A 1 43  ? -1.441  -8.951  -13.316 1.00 24.74  ? 1021 TYR A CD2 1 
ATOM   387  C  CE1 . TYR A 1 43  ? -2.639  -10.455 -11.328 1.00 22.87  ? 1021 TYR A CE1 1 
ATOM   388  C  CE2 . TYR A 1 43  ? -1.685  -8.396  -12.049 1.00 23.92  ? 1021 TYR A CE2 1 
ATOM   389  C  CZ  . TYR A 1 43  ? -2.276  -9.151  -11.062 1.00 21.04  ? 1021 TYR A CZ  1 
ATOM   390  O  OH  . TYR A 1 43  ? -2.559  -8.607  -9.807  1.00 20.48  ? 1021 TYR A OH  1 
ATOM   391  N  N   . ARG A 1 44  ? -2.708  -8.858  -17.054 1.00 29.98  ? 1022 ARG A N   1 
ATOM   392  C  CA  . ARG A 1 44  ? -3.027  -7.448  -17.425 1.00 34.36  ? 1022 ARG A CA  1 
ATOM   393  C  C   . ARG A 1 44  ? -4.290  -7.345  -18.270 1.00 35.37  ? 1022 ARG A C   1 
ATOM   394  O  O   . ARG A 1 44  ? -4.860  -6.238  -18.271 1.00 37.85  ? 1022 ARG A O   1 
ATOM   395  C  CB  . ARG A 1 44  ? -1.812  -6.762  -18.025 1.00 38.55  ? 1022 ARG A CB  1 
ATOM   396  C  CG  . ARG A 1 44  ? -0.837  -6.336  -16.947 1.00 44.78  ? 1022 ARG A CG  1 
ATOM   397  C  CD  . ARG A 1 44  ? 0.540   -5.934  -17.420 1.00 51.07  ? 1022 ARG A CD  1 
ATOM   398  N  NE  . ARG A 1 44  ? 1.309   -5.746  -16.192 1.00 55.67  ? 1022 ARG A NE  1 
ATOM   399  C  CZ  . ARG A 1 44  ? 1.879   -6.721  -15.457 1.00 66.84  ? 1022 ARG A CZ  1 
ATOM   400  N  NH1 . ARG A 1 44  ? 1.879   -8.006  -15.844 1.00 46.01  ? 1022 ARG A NH1 1 
ATOM   401  N  NH2 . ARG A 1 44  ? 2.511   -6.360  -14.345 1.00 65.95  ? 1022 ARG A NH2 1 
ATOM   402  N  N   . THR A 1 45  ? -4.856  -8.439  -18.750 1.00 37.23  ? 1023 THR A N   1 
ATOM   403  C  CA  . THR A 1 45  ? -6.194  -8.384  -19.384 1.00 43.32  ? 1023 THR A CA  1 
ATOM   404  C  C   . THR A 1 45  ? -7.298  -8.407  -18.337 1.00 40.65  ? 1023 THR A C   1 
ATOM   405  O  O   . THR A 1 45  ? -8.339  -7.772  -18.606 1.00 41.54  ? 1023 THR A O   1 
ATOM   406  C  CB  . THR A 1 45  ? -6.292  -9.427  -20.506 1.00 45.38  ? 1023 THR A CB  1 
ATOM   407  O  OG1 . THR A 1 45  ? -6.574  -10.733 -19.988 1.00 48.72  ? 1023 THR A OG1 1 
ATOM   408  C  CG2 . THR A 1 45  ? -4.998  -9.421  -21.286 1.00 45.23  ? 1023 THR A CG2 1 
ATOM   409  N  N   . VAL A 1 46  ? -7.112  -9.029  -17.155 1.00 27.78  ? 1024 VAL A N   1 
ATOM   410  C  CA  . VAL A 1 46  ? -8.148  -9.084  -16.103 1.00 25.72  ? 1024 VAL A CA  1 
ATOM   411  C  C   . VAL A 1 46  ? -7.964  -7.907  -15.108 1.00 22.78  ? 1024 VAL A C   1 
ATOM   412  O  O   . VAL A 1 46  ? -8.945  -7.369  -14.647 1.00 25.04  ? 1024 VAL A O   1 
ATOM   413  C  CB  . VAL A 1 46  ? -8.031  -10.434 -15.346 1.00 31.69  ? 1024 VAL A CB  1 
ATOM   414  C  CG1 . VAL A 1 46  ? -9.042  -10.534 -14.209 1.00 32.07  ? 1024 VAL A CG1 1 
ATOM   415  C  CG2 . VAL A 1 46  ? -8.142  -11.602 -16.334 1.00 40.48  ? 1024 VAL A CG2 1 
ATOM   416  N  N   . ILE A 1 47  ? -6.732  -7.712  -14.640 1.00 22.32  ? 1025 ILE A N   1 
ATOM   417  C  CA  . ILE A 1 47  ? -6.394  -6.746  -13.567 1.00 19.95  ? 1025 ILE A CA  1 
ATOM   418  C  C   . ILE A 1 47  ? -6.013  -5.403  -14.264 1.00 16.35  ? 1025 ILE A C   1 
ATOM   419  O  O   . ILE A 1 47  ? -4.910  -5.300  -14.845 1.00 19.53  ? 1025 ILE A O   1 
ATOM   420  C  CB  . ILE A 1 47  ? -5.324  -7.312  -12.610 1.00 17.69  ? 1025 ILE A CB  1 
ATOM   421  C  CG1 . ILE A 1 47  ? -5.846  -8.590  -11.937 1.00 19.60  ? 1025 ILE A CG1 1 
ATOM   422  C  CG2 . ILE A 1 47  ? -4.938  -6.228  -11.585 1.00 17.86  ? 1025 ILE A CG2 1 
ATOM   423  C  CD1 . ILE A 1 47  ? -7.023  -8.422  -11.073 1.00 21.23  ? 1025 ILE A CD1 1 
ATOM   424  N  N   . LYS A 1 48  ? -6.903  -4.464  -14.070 1.00 19.50  ? 1026 LYS A N   1 
ATOM   425  C  CA  . LYS A 1 48  ? -6.761  -3.191  -14.865 1.00 20.24  ? 1026 LYS A CA  1 
ATOM   426  C  C   . LYS A 1 48  ? -5.776  -2.210  -14.203 1.00 20.27  ? 1026 LYS A C   1 
ATOM   427  O  O   . LYS A 1 48  ? -5.179  -1.407  -14.928 1.00 19.98  ? 1026 LYS A O   1 
ATOM   428  C  CB  . LYS A 1 48  ? -8.110  -2.539  -15.006 1.00 20.55  ? 1026 LYS A CB  1 
ATOM   429  C  CG  . LYS A 1 48  ? -9.148  -3.372  -15.760 1.00 22.84  ? 1026 LYS A CG  1 
ATOM   430  C  CD  . LYS A 1 48  ? -8.690  -3.800  -17.094 1.00 25.18  ? 1026 LYS A CD  1 
ATOM   431  C  CE  . LYS A 1 48  ? -9.762  -4.593  -17.851 1.00 26.99  ? 1026 LYS A CE  1 
ATOM   432  N  NZ  . LYS A 1 48  ? -9.187  -5.047  -19.137 1.00 30.24  ? 1026 LYS A NZ  1 
ATOM   433  N  N   . GLU A 1 49  ? -5.525  -2.288  -12.884 1.00 17.66  ? 1027 GLU A N   1 
ATOM   434  C  CA  . GLU A 1 49  ? -4.523  -1.405  -12.206 1.00 16.30  ? 1027 GLU A CA  1 
ATOM   435  C  C   . GLU A 1 49  ? -3.656  -2.295  -11.281 1.00 14.41  ? 1027 GLU A C   1 
ATOM   436  O  O   . GLU A 1 49  ? -3.921  -2.361  -10.076 1.00 16.24  ? 1027 GLU A O   1 
ATOM   437  C  CB  . GLU A 1 49  ? -5.208  -0.292  -11.437 1.00 16.76  ? 1027 GLU A CB  1 
ATOM   438  C  CG  . GLU A 1 49  ? -4.203  0.810   -11.042 1.00 18.14  ? 1027 GLU A CG  1 
ATOM   439  C  CD  . GLU A 1 49  ? -4.674  2.073   -10.375 1.00 19.42  ? 1027 GLU A CD  1 
ATOM   440  O  OE1 . GLU A 1 49  ? -5.883  2.222   -10.139 1.00 21.33  ? 1027 GLU A OE1 1 
ATOM   441  O  OE2 . GLU A 1 49  ? -3.728  2.962   -10.089 1.00 20.61  ? 1027 GLU A OE2 1 
ATOM   442  N  N   . PRO A 1 50  ? -2.638  -2.943  -11.857 1.00 14.58  ? 1028 PRO A N   1 
ATOM   443  C  CA  . PRO A 1 50  ? -1.684  -3.721  -11.059 1.00 14.75  ? 1028 PRO A CA  1 
ATOM   444  C  C   . PRO A 1 50  ? -1.024  -2.849  -9.983  1.00 15.97  ? 1028 PRO A C   1 
ATOM   445  O  O   . PRO A 1 50  ? -0.786  -1.586  -10.162 1.00 17.17  ? 1028 PRO A O   1 
ATOM   446  C  CB  . PRO A 1 50  ? -0.671  -4.269  -12.047 1.00 17.14  ? 1028 PRO A CB  1 
ATOM   447  C  CG  . PRO A 1 50  ? -1.334  -4.169  -13.394 1.00 20.83  ? 1028 PRO A CG  1 
ATOM   448  C  CD  . PRO A 1 50  ? -2.328  -3.036  -13.296 1.00 17.91  ? 1028 PRO A CD  1 
ATOM   449  N  N   . MET A 1 51  ? -0.700  -3.482  -8.827  1.00 14.68  ? 1029 MET A N   1 
ATOM   450  C  CA  . MET A 1 51  ? 0.048   -2.751  -7.770  1.00 14.41  ? 1029 MET A CA  1 
ATOM   451  C  C   . MET A 1 51  ? 0.869   -3.780  -6.971  1.00 14.03  ? 1029 MET A C   1 
ATOM   452  O  O   . MET A 1 51  ? 0.456   -4.942  -6.864  1.00 15.61  ? 1029 MET A O   1 
ATOM   453  C  CB  . MET A 1 51  ? -0.902  -1.956  -6.879  1.00 15.53  ? 1029 MET A CB  1 
ATOM   454  C  CG  . MET A 1 51  ? -0.248  -1.012  -5.867  1.00 15.53  ? 1029 MET A CG  1 
ATOM   455  S  SD  . MET A 1 51  ? 0.916   0.195   -6.513  1.00 16.84  ? 1029 MET A SD  1 
ATOM   456  C  CE  . MET A 1 51  ? -0.096  1.080   -7.727  1.00 16.93  ? 1029 MET A CE  1 
ATOM   457  N  N   . ASP A 1 52  ? 2.000   -3.321  -6.435  1.00 13.87  ? 1030 ASP A N   1 
ATOM   458  C  CA  . ASP A 1 52  ? 2.917   -4.209  -5.656  1.00 13.92  ? 1030 ASP A CA  1 
ATOM   459  C  C   . ASP A 1 52  ? 3.775   -3.346  -4.735  1.00 14.77  ? 1030 ASP A C   1 
ATOM   460  O  O   . ASP A 1 52  ? 3.804   -2.093  -4.900  1.00 14.43  ? 1030 ASP A O   1 
ATOM   461  C  CB  . ASP A 1 52  ? 3.799   -5.019  -6.609  1.00 15.95  ? 1030 ASP A CB  1 
ATOM   462  C  CG  . ASP A 1 52  ? 4.786   -4.108  -7.318  1.00 20.18  ? 1030 ASP A CG  1 
ATOM   463  O  OD1 . ASP A 1 52  ? 4.425   -3.469  -8.358  1.00 24.19  ? 1030 ASP A OD1 1 
ATOM   464  O  OD2 . ASP A 1 52  ? 5.859   -3.843  -6.776  1.00 21.01  ? 1030 ASP A OD2 1 
ATOM   465  N  N   . LEU A 1 53  ? 4.493   -3.928  -3.765  1.00 14.68  ? 1031 LEU A N   1 
ATOM   466  C  CA  . LEU A 1 53  ? 5.207   -3.122  -2.742  1.00 14.44  ? 1031 LEU A CA  1 
ATOM   467  C  C   . LEU A 1 53  ? 6.436   -2.370  -3.287  1.00 15.36  ? 1031 LEU A C   1 
ATOM   468  O  O   . LEU A 1 53  ? 6.762   -1.329  -2.738  1.00 15.06  ? 1031 LEU A O   1 
ATOM   469  C  CB  . LEU A 1 53  ? 5.570   -4.028  -1.542  1.00 14.67  ? 1031 LEU A CB  1 
ATOM   470  C  CG  . LEU A 1 53  ? 4.399   -4.648  -0.770  1.00 14.39  ? 1031 LEU A CG  1 
ATOM   471  C  CD1 . LEU A 1 53  ? 4.902   -5.689  0.242   1.00 16.35  ? 1031 LEU A CD1 1 
ATOM   472  C  CD2 . LEU A 1 53  ? 3.566   -3.605  -0.071  1.00 15.18  ? 1031 LEU A CD2 1 
ATOM   473  N  N   A SER A 1 54  ? 7.094   -2.865  -4.342  0.12 15.56  ? 1032 SER A N   1 
ATOM   474  N  N   B SER A 1 54  ? 7.086   -2.886  -4.338  0.11 16.10  ? 1032 SER A N   1 
ATOM   475  N  N   C SER A 1 54  ? 7.093   -2.876  -4.344  0.14 15.38  ? 1032 SER A N   1 
ATOM   476  C  CA  A SER A 1 54  ? 8.208   -2.121  -4.994  0.12 15.97  ? 1032 SER A CA  1 
ATOM   477  C  CA  B SER A 1 54  ? 8.185   -2.166  -5.037  0.11 16.96  ? 1032 SER A CA  1 
ATOM   478  C  CA  C SER A 1 54  ? 8.205   -2.147  -5.021  0.14 15.76  ? 1032 SER A CA  1 
ATOM   479  C  C   A SER A 1 54  ? 7.663   -0.852  -5.676  0.12 15.57  ? 1032 SER A C   1 
ATOM   480  C  C   B SER A 1 54  ? 7.647   -0.863  -5.647  0.11 16.15  ? 1032 SER A C   1 
ATOM   481  C  C   C SER A 1 54  ? 7.662   -0.862  -5.673  0.14 15.44  ? 1032 SER A C   1 
ATOM   482  O  O   A SER A 1 54  ? 8.338   0.203   -5.602  0.12 16.57  ? 1032 SER A O   1 
ATOM   483  O  O   B SER A 1 54  ? 8.315   0.191   -5.506  0.11 17.42  ? 1032 SER A O   1 
ATOM   484  O  O   C SER A 1 54  ? 8.332   0.194   -5.574  0.14 16.65  ? 1032 SER A O   1 
ATOM   485  C  CB  A SER A 1 54  ? 8.979   -3.003  -5.949  0.12 17.26  ? 1032 SER A CB  1 
ATOM   486  C  CB  B SER A 1 54  ? 8.839   -3.028  -6.089  0.11 18.95  ? 1032 SER A CB  1 
ATOM   487  C  CB  C SER A 1 54  ? 8.961   -3.030  -6.016  0.14 16.97  ? 1032 SER A CB  1 
ATOM   488  O  OG  A SER A 1 54  ? 9.695   -3.996  -5.230  0.12 17.88  ? 1032 SER A OG  1 
ATOM   489  O  OG  B SER A 1 54  ? 10.006  -2.390  -6.579  0.11 20.96  ? 1032 SER A OG  1 
ATOM   490  O  OG  C SER A 1 54  ? 8.238   -3.220  -7.226  0.14 17.17  ? 1032 SER A OG  1 
ATOM   491  N  N   . SER A 1 55  ? 6.488   -0.933  -6.306  1.00 15.34  ? 1033 SER A N   1 
ATOM   492  C  CA  . SER A 1 55  ? 5.833   0.262   -6.910  1.00 15.49  ? 1033 SER A CA  1 
ATOM   493  C  C   . SER A 1 55  ? 5.449   1.230   -5.798  1.00 15.28  ? 1033 SER A C   1 
ATOM   494  O  O   . SER A 1 55  ? 5.575   2.468   -5.973  1.00 14.01  ? 1033 SER A O   1 
ATOM   495  C  CB  . SER A 1 55  ? 4.667   -0.074  -7.774  1.00 17.77  ? 1033 SER A CB  1 
ATOM   496  O  OG  . SER A 1 55  ? 5.129   -0.942  -8.830  1.00 20.96  ? 1033 SER A OG  1 
ATOM   497  N  N   . VAL A 1 56  ? 4.950   0.739   -4.667  1.00 14.06  ? 1034 VAL A N   1 
ATOM   498  C  CA  . VAL A 1 56  ? 4.605   1.626   -3.523  1.00 13.96  ? 1034 VAL A CA  1 
ATOM   499  C  C   . VAL A 1 56  ? 5.826   2.421   -3.042  1.00 13.41  ? 1034 VAL A C   1 
ATOM   500  O  O   . VAL A 1 56  ? 5.710   3.657   -2.806  1.00 13.75  ? 1034 VAL A O   1 
ATOM   501  C  CB  . VAL A 1 56  ? 3.912   0.818   -2.393  1.00 13.51  ? 1034 VAL A CB  1 
ATOM   502  C  CG1 . VAL A 1 56  ? 3.779   1.655   -1.125  1.00 14.94  ? 1034 VAL A CG1 1 
ATOM   503  C  CG2 . VAL A 1 56  ? 2.561   0.349   -2.811  1.00 14.45  ? 1034 VAL A CG2 1 
ATOM   504  N  N   . ILE A 1 57  ? 6.981   1.790   -2.840  0.37 13.56  ? 1035 ILE A N   1 
ATOM   505  C  CA  . ILE A 1 57  ? 8.197   2.570   -2.449  0.37 13.81  ? 1035 ILE A CA  1 
ATOM   506  C  C   . ILE A 1 57  ? 8.472   3.624   -3.524  0.37 13.95  ? 1035 ILE A C   1 
ATOM   507  O  O   . ILE A 1 57  ? 8.658   4.809   -3.163  0.37 13.83  ? 1035 ILE A O   1 
ATOM   508  C  CB  . ILE A 1 57  ? 9.427   1.678   -2.218  0.37 14.37  ? 1035 ILE A CB  1 
ATOM   509  C  CG1 . ILE A 1 57  ? 9.289   0.878   -0.925  0.37 14.83  ? 1035 ILE A CG1 1 
ATOM   510  C  CG2 . ILE A 1 57  ? 10.710  2.513   -2.241  0.37 14.11  ? 1035 ILE A CG2 1 
ATOM   511  C  CD1 . ILE A 1 57  ? 9.381   1.707   0.335   0.37 15.05  ? 1035 ILE A CD1 1 
ATOM   512  N  N   . SER A 1 58  ? 8.478   3.223   -4.803  1.00 13.78  ? 1036 SER A N   1 
ATOM   513  C  CA  . SER A 1 58  ? 8.749   4.242   -5.848  1.00 14.76  ? 1036 SER A CA  1 
ATOM   514  C  C   . SER A 1 58  ? 7.780   5.425   -5.727  1.00 14.85  ? 1036 SER A C   1 
ATOM   515  O  O   . SER A 1 58  ? 8.174   6.634   -5.867  1.00 15.41  ? 1036 SER A O   1 
ATOM   516  C  CB  . SER A 1 58  ? 8.611   3.631   -7.237  1.00 16.08  ? 1036 SER A CB  1 
ATOM   517  O  OG  . SER A 1 58  ? 9.696   2.751   -7.431  1.00 20.94  ? 1036 SER A OG  1 
ATOM   518  N  N   . LYS A 1 59  ? 6.479   5.192   -5.474  1.00 14.06  ? 1037 LYS A N   1 
ATOM   519  C  CA  . LYS A 1 59  ? 5.448   6.232   -5.346  1.00 13.81  ? 1037 LYS A CA  1 
ATOM   520  C  C   . LYS A 1 59  ? 5.761   7.133   -4.117  1.00 13.49  ? 1037 LYS A C   1 
ATOM   521  O  O   . LYS A 1 59  ? 5.467   8.341   -4.152  1.00 13.96  ? 1037 LYS A O   1 
ATOM   522  C  CB  . LYS A 1 59  ? 4.047   5.616   -5.360  1.00 13.64  ? 1037 LYS A CB  1 
ATOM   523  C  CG  . LYS A 1 59  ? 3.626   5.043   -6.725  1.00 14.26  ? 1037 LYS A CG  1 
ATOM   524  C  CD  . LYS A 1 59  ? 2.180   4.558   -6.766  1.00 14.84  ? 1037 LYS A CD  1 
ATOM   525  C  CE  . LYS A 1 59  ? 1.159   5.640   -6.592  1.00 15.60  ? 1037 LYS A CE  1 
ATOM   526  N  NZ  . LYS A 1 59  ? -0.243  5.231   -6.859  1.00 17.08  ? 1037 LYS A NZ  1 
ATOM   527  N  N   . ILE A 1 60  ? 6.187   6.526   -2.986  1.00 13.56  ? 1038 ILE A N   1 
ATOM   528  C  CA  . ILE A 1 60  ? 6.542   7.369   -1.818  1.00 14.51  ? 1038 ILE A CA  1 
ATOM   529  C  C   . ILE A 1 60  ? 7.580   8.425   -2.267  1.00 14.13  ? 1038 ILE A C   1 
ATOM   530  O  O   . ILE A 1 60  ? 7.432   9.609   -1.933  1.00 14.21  ? 1038 ILE A O   1 
ATOM   531  C  CB  . ILE A 1 60  ? 7.050   6.507   -0.624  1.00 13.36  ? 1038 ILE A CB  1 
ATOM   532  C  CG1 . ILE A 1 60  ? 5.962   5.597   -0.082  1.00 14.19  ? 1038 ILE A CG1 1 
ATOM   533  C  CG2 . ILE A 1 60  ? 7.605   7.428   0.466   1.00 14.78  ? 1038 ILE A CG2 1 
ATOM   534  C  CD1 . ILE A 1 60  ? 6.507   4.494   0.859   1.00 14.77  ? 1038 ILE A CD1 1 
ATOM   535  N  N   . ASP A 1 61  ? 8.621   7.962   -2.908  1.00 13.64  ? 1039 ASP A N   1 
ATOM   536  C  CA  . ASP A 1 61  ? 9.777   8.822   -3.290  1.00 15.63  ? 1039 ASP A CA  1 
ATOM   537  C  C   . ASP A 1 61  ? 9.354   9.831   -4.387  1.00 18.07  ? 1039 ASP A C   1 
ATOM   538  O  O   . ASP A 1 61  ? 10.007  10.907  -4.469  1.00 19.19  ? 1039 ASP A O   1 
ATOM   539  C  CB  . ASP A 1 61  ? 10.959  7.955   -3.696  1.00 17.39  ? 1039 ASP A CB  1 
ATOM   540  C  CG  . ASP A 1 61  ? 11.653  7.139   -2.594  1.00 20.24  ? 1039 ASP A CG  1 
ATOM   541  O  OD1 . ASP A 1 61  ? 11.452  7.528   -1.409  1.00 21.81  ? 1039 ASP A OD1 1 
ATOM   542  O  OD2 . ASP A 1 61  ? 12.415  6.179   -2.888  1.00 21.37  ? 1039 ASP A OD2 1 
ATOM   543  N  N   . LEU A 1 62  ? 8.337   9.566   -5.186  1.00 15.30  ? 1040 LEU A N   1 
ATOM   544  C  CA  . LEU A 1 62  ? 7.761   10.522  -6.176  1.00 15.55  ? 1040 LEU A CA  1 
ATOM   545  C  C   . LEU A 1 62  ? 6.779   11.464  -5.533  1.00 16.95  ? 1040 LEU A C   1 
ATOM   546  O  O   . LEU A 1 62  ? 6.133   12.362  -6.191  1.00 18.44  ? 1040 LEU A O   1 
ATOM   547  C  CB  . LEU A 1 62  ? 7.085   9.751   -7.315  1.00 14.65  ? 1040 LEU A CB  1 
ATOM   548  C  CG  . LEU A 1 62  ? 7.986   9.030   -8.278  1.00 17.81  ? 1040 LEU A CG  1 
ATOM   549  C  CD1 . LEU A 1 62  ? 7.211   8.048   -9.125  1.00 17.27  ? 1040 LEU A CD1 1 
ATOM   550  C  CD2 . LEU A 1 62  ? 8.687   10.037  -9.217  1.00 19.73  ? 1040 LEU A CD2 1 
ATOM   551  N  N   . HIS A 1 63  ? 6.553   11.408  -4.199  1.00 15.41  ? 1041 HIS A N   1 
ATOM   552  C  CA  . HIS A 1 63  ? 5.637   12.309  -3.473  1.00 15.19  ? 1041 HIS A CA  1 
ATOM   553  C  C   . HIS A 1 63  ? 4.203   12.134  -3.914  1.00 15.32  ? 1041 HIS A C   1 
ATOM   554  O  O   . HIS A 1 63  ? 3.370   13.090  -3.903  1.00 19.34  ? 1041 HIS A O   1 
ATOM   555  C  CB  . HIS A 1 63  ? 6.149   13.783  -3.538  1.00 18.68  ? 1041 HIS A CB  1 
ATOM   556  C  CG  . HIS A 1 63  ? 7.494   14.013  -2.977  1.00 18.07  ? 1041 HIS A CG  1 
ATOM   557  N  ND1 . HIS A 1 63  ? 7.956   15.315  -2.775  1.00 25.07  ? 1041 HIS A ND1 1 
ATOM   558  C  CD2 . HIS A 1 63  ? 8.497   13.184  -2.616  1.00 18.58  ? 1041 HIS A CD2 1 
ATOM   559  C  CE1 . HIS A 1 63  ? 9.187   15.209  -2.329  1.00 20.02  ? 1041 HIS A CE1 1 
ATOM   560  N  NE2 . HIS A 1 63  ? 9.617   13.941  -2.180  1.00 22.42  ? 1041 HIS A NE2 1 
ATOM   561  N  N   . LYS A 1 64  ? 3.796   10.888  -4.239  1.00 15.31  ? 1042 LYS A N   1 
ATOM   562  C  CA  . LYS A 1 64  ? 2.423   10.594  -4.623  1.00 15.68  ? 1042 LYS A CA  1 
ATOM   563  C  C   . LYS A 1 64  ? 1.426   10.563  -3.444  1.00 15.65  ? 1042 LYS A C   1 
ATOM   564  O  O   . LYS A 1 64  ? 0.207   10.649  -3.674  1.00 17.85  ? 1042 LYS A O   1 
ATOM   565  C  CB  . LYS A 1 64  ? 2.367   9.284   -5.409  1.00 15.98  ? 1042 LYS A CB  1 
ATOM   566  C  CG  . LYS A 1 64  ? 3.127   9.154   -6.731  1.00 17.87  ? 1042 LYS A CG  1 
ATOM   567  C  CD  . LYS A 1 64  ? 2.383   9.618   -7.905  1.00 20.36  ? 1042 LYS A CD  1 
ATOM   568  C  CE  . LYS A 1 64  ? 3.154   9.429   -9.205  1.00 21.07  ? 1042 LYS A CE  1 
ATOM   569  N  NZ  . LYS A 1 64  ? 2.268   9.874   -10.311 1.00 23.03  ? 1042 LYS A NZ  1 
ATOM   570  N  N   . TYR A 1 65  ? 1.936   10.265  -2.231  1.00 15.39  ? 1043 TYR A N   1 
ATOM   571  C  CA  . TYR A 1 65  ? 1.093   10.137  -1.034  1.00 13.73  ? 1043 TYR A CA  1 
ATOM   572  C  C   . TYR A 1 65  ? 1.271   11.366  -0.121  1.00 15.57  ? 1043 TYR A C   1 
ATOM   573  O  O   . TYR A 1 65  ? 2.394   11.629  0.362   1.00 17.94  ? 1043 TYR A O   1 
ATOM   574  C  CB  . TYR A 1 65  ? 1.442   8.833   -0.268  1.00 15.09  ? 1043 TYR A CB  1 
ATOM   575  C  CG  . TYR A 1 65  ? 1.452   7.546   -1.092  1.00 14.10  ? 1043 TYR A CG  1 
ATOM   576  C  CD1 . TYR A 1 65  ? 0.330   7.127   -1.786  1.00 14.65  ? 1043 TYR A CD1 1 
ATOM   577  C  CD2 . TYR A 1 65  ? 2.580   6.744   -1.180  1.00 14.08  ? 1043 TYR A CD2 1 
ATOM   578  C  CE1 . TYR A 1 65  ? 0.342   5.954   -2.536  1.00 15.31  ? 1043 TYR A CE1 1 
ATOM   579  C  CE2 . TYR A 1 65  ? 2.623   5.556   -1.919  1.00 13.24  ? 1043 TYR A CE2 1 
ATOM   580  C  CZ  . TYR A 1 65  ? 1.496   5.170   -2.581  1.00 14.04  ? 1043 TYR A CZ  1 
ATOM   581  O  OH  . TYR A 1 65  ? 1.579   3.964   -3.290  1.00 15.02  ? 1043 TYR A OH  1 
ATOM   582  N  N   A LEU A 1 66  ? 0.173   12.095  0.096   0.14 16.19  ? 1044 LEU A N   1 
ATOM   583  N  N   B LEU A 1 66  ? 0.172   12.099  0.103   0.23 15.62  ? 1044 LEU A N   1 
ATOM   584  N  N   C LEU A 1 66  ? 0.173   12.095  0.096   0.14 16.19  ? 1044 LEU A N   1 
ATOM   585  C  CA  A LEU A 1 66  ? 0.130   13.260  1.019   0.14 16.77  ? 1044 LEU A CA  1 
ATOM   586  C  CA  B LEU A 1 66  ? 0.135   13.262  1.039   0.23 16.01  ? 1044 LEU A CA  1 
ATOM   587  C  CA  C LEU A 1 66  ? 0.130   13.260  1.019   0.14 16.77  ? 1044 LEU A CA  1 
ATOM   588  C  C   A LEU A 1 66  ? -0.551  12.863  2.330   0.14 16.03  ? 1044 LEU A C   1 
ATOM   589  C  C   B LEU A 1 66  ? -0.679  12.927  2.285   0.23 15.67  ? 1044 LEU A C   1 
ATOM   590  C  C   C LEU A 1 66  ? -0.551  12.863  2.330   0.14 16.03  ? 1044 LEU A C   1 
ATOM   591  O  O   A LEU A 1 66  ? -0.398  13.615  3.314   0.14 15.61  ? 1044 LEU A O   1 
ATOM   592  O  O   B LEU A 1 66  ? -0.785  13.808  3.180   0.23 16.09  ? 1044 LEU A O   1 
ATOM   593  O  O   C LEU A 1 66  ? -0.398  13.615  3.314   0.14 15.61  ? 1044 LEU A O   1 
ATOM   594  C  CB  A LEU A 1 66  ? -0.617  14.406  0.327   0.14 18.47  ? 1044 LEU A CB  1 
ATOM   595  C  CB  B LEU A 1 66  ? -0.495  14.466  0.326   0.23 17.18  ? 1044 LEU A CB  1 
ATOM   596  C  CB  C LEU A 1 66  ? -0.617  14.406  0.327   0.14 18.47  ? 1044 LEU A CB  1 
ATOM   597  C  CG  A LEU A 1 66  ? -0.003  14.869  -0.994  0.14 20.37  ? 1044 LEU A CG  1 
ATOM   598  C  CG  B LEU A 1 66  ? 0.458   15.281  -0.540  0.23 18.46  ? 1044 LEU A CG  1 
ATOM   599  C  CG  C LEU A 1 66  ? -0.003  14.869  -0.994  0.14 20.37  ? 1044 LEU A CG  1 
ATOM   600  C  CD1 A LEU A 1 66  ? -0.681  16.145  -1.470  0.14 22.06  ? 1044 LEU A CD1 1 
ATOM   601  C  CD1 B LEU A 1 66  ? 0.689   14.590  -1.880  0.23 19.28  ? 1044 LEU A CD1 1 
ATOM   602  C  CD1 C LEU A 1 66  ? -0.681  16.145  -1.470  0.14 22.06  ? 1044 LEU A CD1 1 
ATOM   603  C  CD2 A LEU A 1 66  ? 1.506   15.069  -0.863  0.14 20.58  ? 1044 LEU A CD2 1 
ATOM   604  C  CD2 B LEU A 1 66  ? -0.088  16.689  -0.741  0.23 20.02  ? 1044 LEU A CD2 1 
ATOM   605  C  CD2 C LEU A 1 66  ? 1.506   15.069  -0.863  0.14 20.58  ? 1044 LEU A CD2 1 
ATOM   606  N  N   . THR A 1 67  ? -1.254  11.720  2.364   1.00 15.04  ? 1045 THR A N   1 
ATOM   607  C  CA  . THR A 1 67  ? -1.929  11.249  3.586   1.00 14.88  ? 1045 THR A CA  1 
ATOM   608  C  C   . THR A 1 67  ? -1.748  9.740   3.747   1.00 15.56  ? 1045 THR A C   1 
ATOM   609  O  O   . THR A 1 67  ? -1.477  9.054   2.730   1.00 14.71  ? 1045 THR A O   1 
ATOM   610  C  CB  . THR A 1 67  ? -3.427  11.522  3.603   1.00 16.96  ? 1045 THR A CB  1 
ATOM   611  O  OG1 . THR A 1 67  ? -4.102  10.758  2.599   1.00 17.81  ? 1045 THR A OG1 1 
ATOM   612  C  CG2 . THR A 1 67  ? -3.732  12.994  3.350   1.00 18.79  ? 1045 THR A CG2 1 
ATOM   613  N  N   . VAL A 1 68  ? -1.960  9.222   4.934   1.00 14.65  ? 1046 VAL A N   1 
ATOM   614  C  CA  . VAL A 1 68  ? -1.900  7.742   5.137   1.00 14.26  ? 1046 VAL A CA  1 
ATOM   615  C  C   . VAL A 1 68  ? -3.119  7.150   4.422   1.00 15.19  ? 1046 VAL A C   1 
ATOM   616  O  O   . VAL A 1 68  ? -3.024  6.002   3.930   1.00 15.66  ? 1046 VAL A O   1 
ATOM   617  C  CB  . VAL A 1 68  ? -1.759  7.321   6.623   1.00 16.91  ? 1046 VAL A CB  1 
ATOM   618  C  CG1 . VAL A 1 68  ? -1.585  5.826   6.759   1.00 18.66  ? 1046 VAL A CG1 1 
ATOM   619  C  CG2 . VAL A 1 68  ? -0.473  7.906   7.211   1.00 20.30  ? 1046 VAL A CG2 1 
ATOM   620  N  N   . LYS A 1 69  ? -4.267  7.800   4.337   1.00 16.58  ? 1047 LYS A N   1 
ATOM   621  C  CA  . LYS A 1 69  ? -5.430  7.304   3.584   1.00 18.69  ? 1047 LYS A CA  1 
ATOM   622  C  C   . LYS A 1 69  ? -5.084  7.012   2.110   1.00 17.36  ? 1047 LYS A C   1 
ATOM   623  O  O   . LYS A 1 69  ? -5.492  5.934   1.567   1.00 18.39  ? 1047 LYS A O   1 
ATOM   624  C  CB  . LYS A 1 69  ? -6.565  8.331   3.756   1.00 23.94  ? 1047 LYS A CB  1 
ATOM   625  C  CG  . LYS A 1 69  ? -7.853  7.928   3.106   1.00 36.23  ? 1047 LYS A CG  1 
ATOM   626  C  CD  . LYS A 1 69  ? -9.028  8.765   3.655   1.00 47.19  ? 1047 LYS A CD  1 
ATOM   627  C  CE  . LYS A 1 69  ? -9.705  8.095   4.842   1.00 57.68  ? 1047 LYS A CE  1 
ATOM   628  N  NZ  . LYS A 1 69  ? -9.269  8.654   6.146   1.00 62.95  ? 1047 LYS A NZ  1 
ATOM   629  N  N   A ASP A 1 70  ? -4.298  7.844   1.439   0.24 16.35  ? 1048 ASP A N   1 
ATOM   630  N  N   B ASP A 1 70  ? -4.356  7.938   1.460   0.13 16.90  ? 1048 ASP A N   1 
ATOM   631  N  N   C ASP A 1 70  ? -4.356  7.938   1.460   0.13 16.90  ? 1048 ASP A N   1 
ATOM   632  C  CA  A ASP A 1 70  ? -3.950  7.594   0.017   0.24 16.84  ? 1048 ASP A CA  1 
ATOM   633  C  CA  B ASP A 1 70  ? -3.787  7.783   0.088   0.13 16.96  ? 1048 ASP A CA  1 
ATOM   634  C  CA  C ASP A 1 70  ? -3.787  7.783   0.088   0.13 16.96  ? 1048 ASP A CA  1 
ATOM   635  C  C   A ASP A 1 70  ? -2.922  6.433   -0.102  0.24 15.82  ? 1048 ASP A C   1 
ATOM   636  C  C   B ASP A 1 70  ? -3.043  6.436   0.009   0.13 15.94  ? 1048 ASP A C   1 
ATOM   637  C  C   C ASP A 1 70  ? -3.043  6.436   0.009   0.13 15.94  ? 1048 ASP A C   1 
ATOM   638  O  O   A ASP A 1 70  ? -2.895  5.704   -1.139  0.24 14.40  ? 1048 ASP A O   1 
ATOM   639  O  O   B ASP A 1 70  ? -3.381  5.601   -0.857  0.13 15.76  ? 1048 ASP A O   1 
ATOM   640  O  O   C ASP A 1 70  ? -3.381  5.601   -0.857  0.13 15.76  ? 1048 ASP A O   1 
ATOM   641  C  CB  A ASP A 1 70  ? -3.530  8.921   -0.618  0.24 18.63  ? 1048 ASP A CB  1 
ATOM   642  C  CB  B ASP A 1 70  ? -2.808  8.914   -0.295  0.13 17.87  ? 1048 ASP A CB  1 
ATOM   643  C  CB  C ASP A 1 70  ? -2.808  8.914   -0.295  0.13 17.87  ? 1048 ASP A CB  1 
ATOM   644  C  CG  A ASP A 1 70  ? -4.662  9.917   -0.868  0.24 20.33  ? 1048 ASP A CG  1 
ATOM   645  C  CG  B ASP A 1 70  ? -3.401  10.269  -0.697  0.13 19.34  ? 1048 ASP A CG  1 
ATOM   646  C  CG  C ASP A 1 70  ? -3.401  10.269  -0.697  0.13 19.34  ? 1048 ASP A CG  1 
ATOM   647  O  OD1 A ASP A 1 70  ? -5.848  9.602   -0.612  0.24 23.36  ? 1048 ASP A OD1 1 
ATOM   648  O  OD1 B ASP A 1 70  ? -4.659  10.352  -0.780  0.13 20.45  ? 1048 ASP A OD1 1 
ATOM   649  O  OD1 C ASP A 1 70  ? -4.659  10.352  -0.780  0.13 20.45  ? 1048 ASP A OD1 1 
ATOM   650  O  OD2 A ASP A 1 70  ? -4.337  11.033  -1.292  0.24 22.83  ? 1048 ASP A OD2 1 
ATOM   651  O  OD2 B ASP A 1 70  ? -2.588  11.243  -0.960  0.13 18.94  ? 1048 ASP A OD2 1 
ATOM   652  O  OD2 C ASP A 1 70  ? -2.588  11.243  -0.960  0.13 18.94  ? 1048 ASP A OD2 1 
ATOM   653  N  N   . TYR A 1 71  ? -2.057  6.248   0.888   1.00 14.59  ? 1049 TYR A N   1 
ATOM   654  C  CA  . TYR A 1 71  ? -1.187  5.051   0.943   1.00 13.56  ? 1049 TYR A CA  1 
ATOM   655  C  C   . TYR A 1 71  ? -2.056  3.786   1.096   1.00 14.13  ? 1049 TYR A C   1 
ATOM   656  O  O   . TYR A 1 71  ? -1.803  2.762   0.357   1.00 13.84  ? 1049 TYR A O   1 
ATOM   657  C  CB  . TYR A 1 71  ? -0.198  5.192   2.095   1.00 12.90  ? 1049 TYR A CB  1 
ATOM   658  C  CG  . TYR A 1 71  ? 0.621   3.969   2.410   1.00 12.50  ? 1049 TYR A CG  1 
ATOM   659  C  CD1 . TYR A 1 71  ? 1.835   3.688   1.803   1.00 12.97  ? 1049 TYR A CD1 1 
ATOM   660  C  CD2 . TYR A 1 71  ? 0.246   3.119   3.470   1.00 13.98  ? 1049 TYR A CD2 1 
ATOM   661  C  CE1 . TYR A 1 71  ? 2.590   2.570   2.133   1.00 11.80  ? 1049 TYR A CE1 1 
ATOM   662  C  CE2 . TYR A 1 71  ? 0.976   1.993   3.822   1.00 13.39  ? 1049 TYR A CE2 1 
ATOM   663  C  CZ  . TYR A 1 71  ? 2.166   1.717   3.177   1.00 12.57  ? 1049 TYR A CZ  1 
ATOM   664  O  OH  . TYR A 1 71  ? 2.997   0.661   3.488   1.00 14.69  ? 1049 TYR A OH  1 
ATOM   665  N  N   . LEU A 1 72  ? -2.995  3.790   2.048   1.00 14.18  ? 1050 LEU A N   1 
ATOM   666  C  CA  . LEU A 1 72  ? -3.810  2.559   2.324   1.00 14.52  ? 1050 LEU A CA  1 
ATOM   667  C  C   . LEU A 1 72  ? -4.668  2.245   1.089   1.00 14.92  ? 1050 LEU A C   1 
ATOM   668  O  O   . LEU A 1 72  ? -4.995  1.018   0.877   1.00 15.71  ? 1050 LEU A O   1 
ATOM   669  C  CB  . LEU A 1 72  ? -4.646  2.710   3.589   1.00 14.83  ? 1050 LEU A CB  1 
ATOM   670  C  CG  . LEU A 1 72  ? -3.825  2.590   4.857   1.00 16.11  ? 1050 LEU A CG  1 
ATOM   671  C  CD1 . LEU A 1 72  ? -4.664  3.023   6.059   1.00 20.08  ? 1050 LEU A CD1 1 
ATOM   672  C  CD2 . LEU A 1 72  ? -3.265  1.194   5.072   1.00 20.14  ? 1050 LEU A CD2 1 
ATOM   673  N  N   . ARG A 1 73  ? -5.050  3.210   0.261   1.00 13.55  ? 1051 ARG A N   1 
ATOM   674  C  CA  . ARG A 1 73  ? -5.791  2.865   -0.963  1.00 15.25  ? 1051 ARG A CA  1 
ATOM   675  C  C   . ARG A 1 73  ? -4.922  1.925   -1.849  1.00 14.48  ? 1051 ARG A C   1 
ATOM   676  O  O   . ARG A 1 73  ? -5.507  0.956   -2.496  1.00 15.10  ? 1051 ARG A O   1 
ATOM   677  C  CB  . ARG A 1 73  ? -6.153  4.081   -1.824  1.00 19.93  ? 1051 ARG A CB  1 
ATOM   678  C  CG  . ARG A 1 73  ? -7.297  4.876   -1.250  1.00 28.65  ? 1051 ARG A CG  1 
ATOM   679  C  CD  . ARG A 1 73  ? -7.812  5.955   -2.240  1.00 36.25  ? 1051 ARG A CD  1 
ATOM   680  N  NE  . ARG A 1 73  ? -7.592  7.265   -1.663  1.00 47.04  ? 1051 ARG A NE  1 
ATOM   681  C  CZ  . ARG A 1 73  ? -8.341  7.801   -0.704  1.00 54.00  ? 1051 ARG A CZ  1 
ATOM   682  N  NH1 . ARG A 1 73  ? -9.393  7.149   -0.230  1.00 62.96  ? 1051 ARG A NH1 1 
ATOM   683  N  NH2 . ARG A 1 73  ? -8.036  9.006   -0.235  1.00 67.60  ? 1051 ARG A NH2 1 
ATOM   684  N  N   . ASP A 1 74  ? -3.603  2.109   -1.937  1.00 13.57  ? 1052 ASP A N   1 
ATOM   685  C  CA  . ASP A 1 74  ? -2.735  1.235   -2.739  1.00 13.25  ? 1052 ASP A CA  1 
ATOM   686  C  C   . ASP A 1 74  ? -2.550  -0.134  -2.011  1.00 13.70  ? 1052 ASP A C   1 
ATOM   687  O  O   . ASP A 1 74  ? -2.477  -1.199  -2.705  1.00 13.46  ? 1052 ASP A O   1 
ATOM   688  C  CB  . ASP A 1 74  ? -1.438  1.904   -3.154  1.00 14.29  ? 1052 ASP A CB  1 
ATOM   689  C  CG  . ASP A 1 74  ? -1.584  2.746   -4.439  1.00 16.35  ? 1052 ASP A CG  1 
ATOM   690  O  OD1 . ASP A 1 74  ? -2.573  2.516   -5.201  1.00 17.49  ? 1052 ASP A OD1 1 
ATOM   691  O  OD2 . ASP A 1 74  ? -0.632  3.514   -4.726  1.00 15.25  ? 1052 ASP A OD2 1 
ATOM   692  N  N   . ILE A 1 75  ? -2.407  -0.182  -0.685  1.00 13.61  ? 1053 ILE A N   1 
ATOM   693  C  CA  . ILE A 1 75  ? -2.352  -1.506  0.026   1.00 13.90  ? 1053 ILE A CA  1 
ATOM   694  C  C   . ILE A 1 75  ? -3.686  -2.248  -0.216  1.00 14.55  ? 1053 ILE A C   1 
ATOM   695  O  O   . ILE A 1 75  ? -3.644  -3.490  -0.571  1.00 13.49  ? 1053 ILE A O   1 
ATOM   696  C  CB  . ILE A 1 75  ? -2.111  -1.308  1.536   1.00 15.03  ? 1053 ILE A CB  1 
ATOM   697  C  CG1 . ILE A 1 75  ? -0.795  -0.577  1.842   1.00 15.96  ? 1053 ILE A CG1 1 
ATOM   698  C  CG2 . ILE A 1 75  ? -2.209  -2.646  2.262   1.00 18.22  ? 1053 ILE A CG2 1 
ATOM   699  C  CD1 . ILE A 1 75  ? 0.495   -1.225  1.272   1.00 18.69  ? 1053 ILE A CD1 1 
ATOM   700  N  N   . ASP A 1 76  ? -4.828  -1.581  -0.153  1.00 13.25  ? 1054 ASP A N   1 
ATOM   701  C  CA  . ASP A 1 76  ? -6.138  -2.211  -0.441  1.00 14.89  ? 1054 ASP A CA  1 
ATOM   702  C  C   . ASP A 1 76  ? -6.165  -2.718  -1.878  1.00 15.72  ? 1054 ASP A C   1 
ATOM   703  O  O   . ASP A 1 76  ? -6.784  -3.805  -2.083  1.00 15.12  ? 1054 ASP A O   1 
ATOM   704  C  CB  . ASP A 1 76  ? -7.285  -1.255  -0.080  1.00 15.96  ? 1054 ASP A CB  1 
ATOM   705  C  CG  . ASP A 1 76  ? -7.491  -1.198  1.444   1.00 19.13  ? 1054 ASP A CG  1 
ATOM   706  O  OD1 . ASP A 1 76  ? -7.488  -2.277  2.061   1.00 25.63  ? 1054 ASP A OD1 1 
ATOM   707  O  OD2 . ASP A 1 76  ? -7.934  -0.221  1.882   1.00 27.56  ? 1054 ASP A OD2 1 
ATOM   708  N  N   . LEU A 1 77  ? -5.577  -2.020  -2.852  1.00 13.37  ? 1055 LEU A N   1 
ATOM   709  C  CA  . LEU A 1 77  ? -5.583  -2.459  -4.270  1.00 13.89  ? 1055 LEU A CA  1 
ATOM   710  C  C   . LEU A 1 77  ? -4.703  -3.726  -4.434  1.00 15.26  ? 1055 LEU A C   1 
ATOM   711  O  O   . LEU A 1 77  ? -5.114  -4.677  -5.197  1.00 14.87  ? 1055 LEU A O   1 
ATOM   712  C  CB  . LEU A 1 77  ? -5.077  -1.265  -5.128  1.00 14.98  ? 1055 LEU A CB  1 
ATOM   713  C  CG  . LEU A 1 77  ? -4.990  -1.496  -6.644  1.00 16.37  ? 1055 LEU A CG  1 
ATOM   714  C  CD1 . LEU A 1 77  ? -6.327  -1.821  -7.283  1.00 16.96  ? 1055 LEU A CD1 1 
ATOM   715  C  CD2 . LEU A 1 77  ? -4.410  -0.192  -7.329  1.00 16.78  ? 1055 LEU A CD2 1 
ATOM   716  N  N   . ILE A 1 78  ? -3.552  -3.808  -3.772  1.00 13.17  ? 1056 ILE A N   1 
ATOM   717  C  CA  . ILE A 1 78  ? -2.755  -5.075  -3.791  1.00 14.44  ? 1056 ILE A CA  1 
ATOM   718  C  C   . ILE A 1 78  ? -3.654  -6.225  -3.367  1.00 14.72  ? 1056 ILE A C   1 
ATOM   719  O  O   . ILE A 1 78  ? -3.646  -7.324  -4.078  1.00 15.73  ? 1056 ILE A O   1 
ATOM   720  C  CB  . ILE A 1 78  ? -1.490  -4.956  -2.919  1.00 14.49  ? 1056 ILE A CB  1 
ATOM   721  C  CG1 . ILE A 1 78  ? -0.540  -3.912  -3.468  1.00 14.03  ? 1056 ILE A CG1 1 
ATOM   722  C  CG2 . ILE A 1 78  ? -0.771  -6.323  -2.862  1.00 16.64  ? 1056 ILE A CG2 1 
ATOM   723  C  CD1 . ILE A 1 78  ? 0.653   -3.605  -2.576  1.00 14.71  ? 1056 ILE A CD1 1 
ATOM   724  N  N   . CYS A 1 79  ? -4.360  -6.115  -2.259  1.00 14.64  ? 1057 CYS A N   1 
ATOM   725  C  CA  . CYS A 1 79  ? -5.183  -7.195  -1.677  1.00 15.46  ? 1057 CYS A CA  1 
ATOM   726  C  C   . CYS A 1 79  ? -6.367  -7.468  -2.619  1.00 18.11  ? 1057 CYS A C   1 
ATOM   727  O  O   . CYS A 1 79  ? -6.590  -8.664  -2.975  1.00 16.65  ? 1057 CYS A O   1 
ATOM   728  C  CB  . CYS A 1 79  ? -5.645  -6.798  -0.301  1.00 14.98  ? 1057 CYS A CB  1 
ATOM   729  S  SG  . CYS A 1 79  ? -6.743  -8.047  0.479   1.00 20.15  ? 1057 CYS A SG  1 
ATOM   730  N  N   . SER A 1 80  ? -7.123  -6.462  -3.078  1.00 14.52  ? 1058 SER A N   1 
ATOM   731  C  CA  . SER A 1 80  ? -8.350  -6.726  -3.887  1.00 15.45  ? 1058 SER A CA  1 
ATOM   732  C  C   . SER A 1 80  ? -7.901  -7.324  -5.226  1.00 16.38  ? 1058 SER A C   1 
ATOM   733  O  O   . SER A 1 80  ? -8.630  -8.294  -5.738  1.00 16.08  ? 1058 SER A O   1 
ATOM   734  C  CB  . SER A 1 80  ? -9.196  -5.485  -3.976  1.00 19.41  ? 1058 SER A CB  1 
ATOM   735  O  OG  . SER A 1 80  ? -8.547  -4.495  -4.733  1.00 21.19  ? 1058 SER A OG  1 
ATOM   736  N  N   . ASN A 1 81  ? -6.797  -6.985  -5.821  1.00 14.65  ? 1059 ASN A N   1 
ATOM   737  C  CA  . ASN A 1 81  ? -6.284  -7.545  -7.109  1.00 13.32  ? 1059 ASN A CA  1 
ATOM   738  C  C   . ASN A 1 81  ? -6.057  -9.075  -6.909  1.00 15.81  ? 1059 ASN A C   1 
ATOM   739  O  O   . ASN A 1 81  ? -6.438  -9.903  -7.749  1.00 16.72  ? 1059 ASN A O   1 
ATOM   740  C  CB  . ASN A 1 81  ? -5.063  -6.882  -7.659  1.00 14.28  ? 1059 ASN A CB  1 
ATOM   741  C  CG  . ASN A 1 81  ? -5.309  -5.477  -8.263  1.00 14.60  ? 1059 ASN A CG  1 
ATOM   742  O  OD1 . ASN A 1 81  ? -6.441  -5.124  -8.542  1.00 15.81  ? 1059 ASN A OD1 1 
ATOM   743  N  ND2 . ASN A 1 81  ? -4.193  -4.731  -8.444  1.00 15.59  ? 1059 ASN A ND2 1 
ATOM   744  N  N   . ALA A 1 82  ? -5.434  -9.454  -5.785  1.00 15.47  ? 1060 ALA A N   1 
ATOM   745  C  CA  . ALA A 1 82  ? -5.168  -10.900 -5.534  1.00 17.01  ? 1060 ALA A CA  1 
ATOM   746  C  C   . ALA A 1 82  ? -6.483  -11.616 -5.263  1.00 16.61  ? 1060 ALA A C   1 
ATOM   747  O  O   . ALA A 1 82  ? -6.574  -12.809 -5.774  1.00 18.45  ? 1060 ALA A O   1 
ATOM   748  C  CB  . ALA A 1 82  ? -4.240  -11.005 -4.322  1.00 16.34  ? 1060 ALA A CB  1 
ATOM   749  N  N   . LEU A 1 83  ? -7.467  -11.113 -4.568  1.00 16.88  ? 1061 LEU A N   1 
ATOM   750  C  CA  . LEU A 1 83  ? -8.776  -11.770 -4.336  1.00 17.83  ? 1061 LEU A CA  1 
ATOM   751  C  C   . LEU A 1 83  ? -9.490  -11.994 -5.679  1.00 22.39  ? 1061 LEU A C   1 
ATOM   752  O  O   . LEU A 1 83  ? -10.050 -13.091 -5.906  1.00 21.94  ? 1061 LEU A O   1 
ATOM   753  C  CB  . LEU A 1 83  ? -9.630  -11.054 -3.332  1.00 19.60  ? 1061 LEU A CB  1 
ATOM   754  C  CG  . LEU A 1 83  ? -9.006  -10.725 -1.969  1.00 24.51  ? 1061 LEU A CG  1 
ATOM   755  C  CD1 . LEU A 1 83  ? -10.053 -10.066 -1.087  1.00 25.19  ? 1061 LEU A CD1 1 
ATOM   756  C  CD2 . LEU A 1 83  ? -8.365  -11.914 -1.298  1.00 23.32  ? 1061 LEU A CD2 1 
ATOM   757  N  N   A GLU A 1 84  ? -9.471  -10.970 -6.549  0.14 20.30  ? 1062 GLU A N   1 
ATOM   758  N  N   B GLU A 1 84  ? -9.418  -11.033 -6.596  0.23 18.00  ? 1062 GLU A N   1 
ATOM   759  N  N   C GLU A 1 84  ? -9.471  -10.970 -6.549  0.14 20.30  ? 1062 GLU A N   1 
ATOM   760  C  CA  A GLU A 1 84  ? -10.146 -10.960 -7.883  0.14 22.01  ? 1062 GLU A CA  1 
ATOM   761  C  CA  B GLU A 1 84  ? -10.193 -11.098 -7.868  0.23 18.97  ? 1062 GLU A CA  1 
ATOM   762  C  CA  C GLU A 1 84  ? -10.146 -10.960 -7.883  0.14 22.01  ? 1062 GLU A CA  1 
ATOM   763  C  C   A GLU A 1 84  ? -9.522  -12.016 -8.802  0.14 21.12  ? 1062 GLU A C   1 
ATOM   764  C  C   B GLU A 1 84  ? -9.497  -12.007 -8.887  0.23 19.42  ? 1062 GLU A C   1 
ATOM   765  C  C   C GLU A 1 84  ? -9.522  -12.016 -8.802  0.14 21.12  ? 1062 GLU A C   1 
ATOM   766  O  O   A GLU A 1 84  ? -10.340 -12.799 -9.435  0.14 24.04  ? 1062 GLU A O   1 
ATOM   767  O  O   B GLU A 1 84  ? -10.189 -12.678 -9.715  0.23 19.04  ? 1062 GLU A O   1 
ATOM   768  O  O   C GLU A 1 84  ? -10.340 -12.799 -9.435  0.14 24.04  ? 1062 GLU A O   1 
ATOM   769  C  CB  A GLU A 1 84  ? -10.071 -9.582  -8.567  0.14 23.50  ? 1062 GLU A CB  1 
ATOM   770  C  CB  B GLU A 1 84  ? -10.383 -9.666  -8.380  0.23 19.85  ? 1062 GLU A CB  1 
ATOM   771  C  CB  C GLU A 1 84  ? -10.071 -9.582  -8.567  0.14 23.50  ? 1062 GLU A CB  1 
ATOM   772  C  CG  A GLU A 1 84  ? -10.882 -9.493  -9.872  0.14 25.34  ? 1062 GLU A CG  1 
ATOM   773  C  CG  B GLU A 1 84  ? -11.334 -8.860  -7.539  0.23 22.04  ? 1062 GLU A CG  1 
ATOM   774  C  CG  C GLU A 1 84  ? -10.882 -9.493  -9.872  0.14 25.34  ? 1062 GLU A CG  1 
ATOM   775  C  CD  A GLU A 1 84  ? -10.807 -8.194  -10.690 0.14 28.89  ? 1062 GLU A CD  1 
ATOM   776  C  CD  B GLU A 1 84  ? -11.234 -7.340  -7.683  0.23 23.74  ? 1062 GLU A CD  1 
ATOM   777  C  CD  C GLU A 1 84  ? -10.807 -8.194  -10.690 0.14 28.89  ? 1062 GLU A CD  1 
ATOM   778  O  OE1 A GLU A 1 84  ? -11.285 -8.200  -11.847 0.14 30.78  ? 1062 GLU A OE1 1 
ATOM   779  O  OE1 B GLU A 1 84  ? -10.575 -6.876  -8.627  0.23 22.21  ? 1062 GLU A OE1 1 
ATOM   780  O  OE1 C GLU A 1 84  ? -11.285 -8.200  -11.847 0.14 30.78  ? 1062 GLU A OE1 1 
ATOM   781  O  OE2 A GLU A 1 84  ? -10.294 -7.176  -10.190 0.14 28.37  ? 1062 GLU A OE2 1 
ATOM   782  O  OE2 B GLU A 1 84  ? -11.844 -6.631  -6.856  0.23 27.13  ? 1062 GLU A OE2 1 
ATOM   783  O  OE2 C GLU A 1 84  ? -10.294 -7.176  -10.190 0.14 28.37  ? 1062 GLU A OE2 1 
ATOM   784  N  N   . TYR A 1 85  ? -8.181  -12.036 -8.908  1.00 18.57  ? 1063 TYR A N   1 
ATOM   785  C  CA  . TYR A 1 85  ? -7.445  -12.853 -9.880  1.00 18.92  ? 1063 TYR A CA  1 
ATOM   786  C  C   . TYR A 1 85  ? -7.460  -14.360 -9.450  1.00 19.63  ? 1063 TYR A C   1 
ATOM   787  O  O   . TYR A 1 85  ? -7.234  -15.216 -10.355 1.00 20.14  ? 1063 TYR A O   1 
ATOM   788  C  CB  . TYR A 1 85  ? -6.028  -12.380 -10.189 1.00 20.17  ? 1063 TYR A CB  1 
ATOM   789  C  CG  . TYR A 1 85  ? -5.395  -13.044 -11.404 1.00 23.18  ? 1063 TYR A CG  1 
ATOM   790  C  CD1 . TYR A 1 85  ? -5.851  -12.694 -12.677 1.00 24.79  ? 1063 TYR A CD1 1 
ATOM   791  C  CD2 . TYR A 1 85  ? -4.394  -13.998 -11.308 1.00 25.36  ? 1063 TYR A CD2 1 
ATOM   792  C  CE1 . TYR A 1 85  ? -5.332  -13.314 -13.818 1.00 26.69  ? 1063 TYR A CE1 1 
ATOM   793  C  CE2 . TYR A 1 85  ? -3.848  -14.615 -12.445 1.00 28.50  ? 1063 TYR A CE2 1 
ATOM   794  C  CZ  . TYR A 1 85  ? -4.331  -14.262 -13.694 1.00 31.15  ? 1063 TYR A CZ  1 
ATOM   795  O  OH  . TYR A 1 85  ? -3.793  -14.822 -14.843 1.00 39.14  ? 1063 TYR A OH  1 
ATOM   796  N  N   . ASN A 1 86  ? -7.544  -14.608 -8.152  1.00 18.55  ? 1064 ASN A N   1 
ATOM   797  C  CA  . ASN A 1 86  ? -7.348  -16.014 -7.613  1.00 19.03  ? 1064 ASN A CA  1 
ATOM   798  C  C   . ASN A 1 86  ? -8.561  -16.420 -6.822  1.00 18.17  ? 1064 ASN A C   1 
ATOM   799  O  O   . ASN A 1 86  ? -8.496  -16.569 -5.571  1.00 18.11  ? 1064 ASN A O   1 
ATOM   800  C  CB  . ASN A 1 86  ? -6.054  -16.069 -6.794  1.00 18.48  ? 1064 ASN A CB  1 
ATOM   801  C  CG  . ASN A 1 86  ? -4.826  -15.684 -7.575  1.00 20.15  ? 1064 ASN A CG  1 
ATOM   802  O  OD1 . ASN A 1 86  ? -4.210  -16.412 -8.329  1.00 23.32  ? 1064 ASN A OD1 1 
ATOM   803  N  ND2 . ASN A 1 86  ? -4.411  -14.426 -7.339  1.00 18.85  ? 1064 ASN A ND2 1 
ATOM   804  N  N   . PRO A 1 87  ? -9.798  -16.566 -7.388  1.00 18.60  ? 1065 PRO A N   1 
ATOM   805  C  CA  . PRO A 1 87  ? -11.024 -16.736 -6.643  1.00 18.46  ? 1065 PRO A CA  1 
ATOM   806  C  C   . PRO A 1 87  ? -11.541 -18.191 -6.380  1.00 17.95  ? 1065 PRO A C   1 
ATOM   807  O  O   . PRO A 1 87  ? -12.585 -18.339 -5.748  1.00 20.69  ? 1065 PRO A O   1 
ATOM   808  C  CB  . PRO A 1 87  ? -12.062 -16.036 -7.553  1.00 20.65  ? 1065 PRO A CB  1 
ATOM   809  C  CG  . PRO A 1 87  ? -11.543 -16.374 -8.889  1.00 19.67  ? 1065 PRO A CG  1 
ATOM   810  C  CD  . PRO A 1 87  ? -10.049 -16.374 -8.846  1.00 20.76  ? 1065 PRO A CD  1 
ATOM   811  N  N   . ASP A 1 88  ? -10.766 -19.184 -6.816  0.51 19.32  ? 1066 ASP A N   1 
ATOM   812  C  CA  . ASP A 1 88  ? -11.206 -20.608 -6.910  0.51 19.96  ? 1066 ASP A CA  1 
ATOM   813  C  C   . ASP A 1 88  ? -10.982 -21.351 -5.576  0.51 20.23  ? 1066 ASP A C   1 
ATOM   814  O  O   . ASP A 1 88  ? -10.293 -20.820 -4.658  0.51 18.48  ? 1066 ASP A O   1 
ATOM   815  C  CB  . ASP A 1 88  ? -10.508 -21.304 -8.082  0.51 20.69  ? 1066 ASP A CB  1 
ATOM   816  C  CG  . ASP A 1 88  ? -10.939 -20.823 -9.475  0.51 22.41  ? 1066 ASP A CG  1 
ATOM   817  O  OD1 . ASP A 1 88  ? -11.924 -20.038 -9.554  0.51 24.62  ? 1066 ASP A OD1 1 
ATOM   818  O  OD2 . ASP A 1 88  ? -10.287 -21.250 -10.470 0.51 27.15  ? 1066 ASP A OD2 1 
ATOM   819  N  N   . ARG A 1 89  ? -11.490 -22.589 -5.485  0.51 19.67  ? 1067 ARG A N   1 
ATOM   820  C  CA  . ARG A 1 89  ? -11.472 -23.406 -4.237  0.51 19.63  ? 1067 ARG A CA  1 
ATOM   821  C  C   . ARG A 1 89  ? -10.122 -24.136 -4.042  0.51 19.82  ? 1067 ARG A C   1 
ATOM   822  O  O   . ARG A 1 89  ? -9.869  -24.721 -2.873  0.51 26.12  ? 1067 ARG A O   1 
ATOM   823  C  CB  . ARG A 1 89  ? -12.598 -24.449 -4.228  0.51 19.59  ? 1067 ARG A CB  1 
ATOM   824  C  CG  . ARG A 1 89  ? -12.444 -25.593 -5.229  0.51 20.76  ? 1067 ARG A CG  1 
ATOM   825  C  CD  . ARG A 1 89  ? -11.874 -26.924 -4.717  0.51 19.06  ? 1067 ARG A CD  1 
ATOM   826  N  NE  . ARG A 1 89  ? -12.083 -27.251 -3.311  0.51 17.92  ? 1067 ARG A NE  1 
ATOM   827  C  CZ  . ARG A 1 89  ? -11.207 -27.932 -2.567  0.51 17.34  ? 1067 ARG A CZ  1 
ATOM   828  N  NH1 . ARG A 1 89  ? -11.430 -28.155 -1.271  0.51 16.85  ? 1067 ARG A NH1 1 
ATOM   829  N  NH2 . ARG A 1 89  ? -10.085 -28.341 -3.131  0.51 17.67  ? 1067 ARG A NH2 1 
ATOM   830  N  N   . ASP A 1 90  ? -9.293  -24.165 -5.099  1.00 18.38  ? 1068 ASP A N   1 
ATOM   831  C  CA  . ASP A 1 90  ? -8.064  -24.962 -5.062  1.00 20.24  ? 1068 ASP A CA  1 
ATOM   832  C  C   . ASP A 1 90  ? -7.046  -24.369 -4.072  1.00 19.76  ? 1068 ASP A C   1 
ATOM   833  O  O   . ASP A 1 90  ? -7.097  -23.172 -3.737  1.00 18.90  ? 1068 ASP A O   1 
ATOM   834  C  CB  . ASP A 1 90  ? -7.388  -25.129 -6.375  1.00 24.05  ? 1068 ASP A CB  1 
ATOM   835  C  CG  . ASP A 1 90  ? -6.930  -23.839 -6.943  1.00 28.59  ? 1068 ASP A CG  1 
ATOM   836  O  OD1 . ASP A 1 90  ? -7.807  -23.187 -7.596  1.00 42.15  ? 1068 ASP A OD1 1 
ATOM   837  O  OD2 . ASP A 1 90  ? -5.753  -23.492 -6.713  1.00 35.95  ? 1068 ASP A OD2 1 
ATOM   838  N  N   . PRO A 1 91  ? -6.197  -25.212 -3.490  1.00 17.05  ? 1069 PRO A N   1 
ATOM   839  C  CA  . PRO A 1 91  ? -5.268  -24.790 -2.472  1.00 16.75  ? 1069 PRO A CA  1 
ATOM   840  C  C   . PRO A 1 91  ? -4.408  -23.598 -2.906  1.00 16.52  ? 1069 PRO A C   1 
ATOM   841  O  O   . PRO A 1 91  ? -4.066  -22.802 -1.974  1.00 16.30  ? 1069 PRO A O   1 
ATOM   842  C  CB  . PRO A 1 91  ? -4.420  -26.037 -2.128  1.00 19.06  ? 1069 PRO A CB  1 
ATOM   843  C  CG  . PRO A 1 91  ? -5.358  -27.165 -2.465  1.00 21.51  ? 1069 PRO A CG  1 
ATOM   844  C  CD  . PRO A 1 91  ? -6.120  -26.707 -3.687  1.00 19.16  ? 1069 PRO A CD  1 
ATOM   845  N  N   . GLY A 1 92  ? -3.920  -23.536 -4.139  1.00 16.42  ? 1070 GLY A N   1 
ATOM   846  C  CA  . GLY A 1 92  ? -3.007  -22.445 -4.517  1.00 17.12  ? 1070 GLY A CA  1 
ATOM   847  C  C   . GLY A 1 92  ? -3.775  -21.138 -4.402  1.00 17.06  ? 1070 GLY A C   1 
ATOM   848  O  O   . GLY A 1 92  ? -3.209  -20.099 -3.864  1.00 17.36  ? 1070 GLY A O   1 
ATOM   849  N  N   . ASP A 1 93  ? -4.984  -21.043 -4.893  1.00 17.20  ? 1071 ASP A N   1 
ATOM   850  C  CA  . ASP A 1 93  ? -5.835  -19.817 -4.788  1.00 16.26  ? 1071 ASP A CA  1 
ATOM   851  C  C   . ASP A 1 93  ? -6.158  -19.496 -3.351  1.00 17.88  ? 1071 ASP A C   1 
ATOM   852  O  O   . ASP A 1 93  ? -6.049  -18.277 -2.903  1.00 16.36  ? 1071 ASP A O   1 
ATOM   853  C  CB  . ASP A 1 93  ? -7.100  -19.831 -5.623  1.00 18.16  ? 1071 ASP A CB  1 
ATOM   854  C  CG  . ASP A 1 93  ? -6.887  -19.698 -7.150  1.00 18.95  ? 1071 ASP A CG  1 
ATOM   855  O  OD1 . ASP A 1 93  ? -5.751  -19.823 -7.653  1.00 23.27  ? 1071 ASP A OD1 1 
ATOM   856  O  OD2 . ASP A 1 93  ? -7.927  -19.288 -7.837  1.00 19.57  ? 1071 ASP A OD2 1 
ATOM   857  N  N   . ARG A 1 94  ? -6.561  -20.451 -2.507  1.00 15.86  ? 1072 ARG A N   1 
ATOM   858  C  CA  . ARG A 1 94  ? -6.895  -20.161 -1.122  1.00 16.08  ? 1072 ARG A CA  1 
ATOM   859  C  C   . ARG A 1 94  ? -5.634  -19.668 -0.354  1.00 14.47  ? 1072 ARG A C   1 
ATOM   860  O  O   . ARG A 1 94  ? -5.845  -18.798 0.518   1.00 16.17  ? 1072 ARG A O   1 
ATOM   861  C  CB  . ARG A 1 94  ? -7.542  -21.395 -0.429  1.00 16.11  ? 1072 ARG A CB  1 
ATOM   862  C  CG  . ARG A 1 94  ? -8.962  -21.655 -0.931  1.00 18.64  ? 1072 ARG A CG  1 
ATOM   863  C  CD  . ARG A 1 94  ? -9.679  -22.853 -0.256  1.00 22.90  ? 1072 ARG A CD  1 
ATOM   864  N  NE  . ARG A 1 94  ? -11.168 -22.771 -0.475  1.00 30.60  ? 1072 ARG A NE  1 
ATOM   865  C  CZ  . ARG A 1 94  ? -12.084 -23.742 -0.192  1.00 42.01  ? 1072 ARG A CZ  1 
ATOM   866  N  NH1 . ARG A 1 94  ? -11.723 -24.886 0.349   1.00 41.29  ? 1072 ARG A NH1 1 
ATOM   867  N  NH2 . ARG A 1 94  ? -13.384 -23.552 -0.415  1.00 39.74  ? 1072 ARG A NH2 1 
ATOM   868  N  N   . LEU A 1 95  ? -4.469  -20.165 -0.645  1.00 14.57  ? 1073 LEU A N   1 
ATOM   869  C  CA  . LEU A 1 95  ? -3.219  -19.763 0.042   1.00 14.29  ? 1073 LEU A CA  1 
ATOM   870  C  C   . LEU A 1 95  ? -2.931  -18.272 -0.284  1.00 16.01  ? 1073 LEU A C   1 
ATOM   871  O  O   . LEU A 1 95  ? -2.693  -17.449 0.668   1.00 15.47  ? 1073 LEU A O   1 
ATOM   872  C  CB  . LEU A 1 95  ? -2.044  -20.665 -0.271  1.00 14.35  ? 1073 LEU A CB  1 
ATOM   873  C  CG  . LEU A 1 95  ? -0.720  -20.286 0.362   1.00 15.18  ? 1073 LEU A CG  1 
ATOM   874  C  CD1 . LEU A 1 95  ? -0.762  -20.314 1.885   1.00 17.31  ? 1073 LEU A CD1 1 
ATOM   875  C  CD2 . LEU A 1 95  ? 0.388   -21.164 -0.144  1.00 17.46  ? 1073 LEU A CD2 1 
ATOM   876  N  N   A ILE A 1 96  ? -3.002  -17.898 -1.566  0.15 16.26  ? 1074 ILE A N   1 
ATOM   877  N  N   B ILE A 1 96  ? -3.017  -17.874 -1.555  0.21 14.58  ? 1074 ILE A N   1 
ATOM   878  N  N   C ILE A 1 96  ? -3.002  -17.898 -1.566  0.15 16.26  ? 1074 ILE A N   1 
ATOM   879  C  CA  A ILE A 1 96  ? -2.767  -16.483 -2.000  0.15 16.82  ? 1074 ILE A CA  1 
ATOM   880  C  CA  B ILE A 1 96  ? -2.715  -16.445 -1.895  0.21 13.99  ? 1074 ILE A CA  1 
ATOM   881  C  CA  C ILE A 1 96  ? -2.767  -16.483 -2.000  0.15 16.82  ? 1074 ILE A CA  1 
ATOM   882  C  C   A ILE A 1 96  ? -3.772  -15.560 -1.297  0.15 16.88  ? 1074 ILE A C   1 
ATOM   883  C  C   B ILE A 1 96  ? -3.787  -15.536 -1.272  0.21 15.21  ? 1074 ILE A C   1 
ATOM   884  C  C   C ILE A 1 96  ? -3.772  -15.560 -1.297  0.15 16.88  ? 1074 ILE A C   1 
ATOM   885  O  O   A ILE A 1 96  ? -3.332  -14.482 -0.791  0.15 17.43  ? 1074 ILE A O   1 
ATOM   886  O  O   B ILE A 1 96  ? -3.431  -14.430 -0.759  0.21 14.65  ? 1074 ILE A O   1 
ATOM   887  O  O   C ILE A 1 96  ? -3.332  -14.482 -0.791  0.15 17.43  ? 1074 ILE A O   1 
ATOM   888  C  CB  A ILE A 1 96  ? -2.814  -16.338 -3.534  0.15 17.71  ? 1074 ILE A CB  1 
ATOM   889  C  CB  B ILE A 1 96  ? -2.497  -16.223 -3.411  0.21 13.18  ? 1074 ILE A CB  1 
ATOM   890  C  CB  C ILE A 1 96  ? -2.814  -16.338 -3.534  0.15 17.71  ? 1074 ILE A CB  1 
ATOM   891  C  CG1 A ILE A 1 96  ? -1.589  -16.965 -4.201  0.15 18.82  ? 1074 ILE A CG1 1 
ATOM   892  C  CG1 B ILE A 1 96  ? -1.767  -14.888 -3.629  0.21 12.96  ? 1074 ILE A CG1 1 
ATOM   893  C  CG1 C ILE A 1 96  ? -1.589  -16.965 -4.201  0.15 18.82  ? 1074 ILE A CG1 1 
ATOM   894  C  CG2 A ILE A 1 96  ? -2.964  -14.867 -3.921  0.15 18.48  ? 1074 ILE A CG2 1 
ATOM   895  C  CG2 B ILE A 1 96  ? -3.814  -16.273 -4.185  0.21 13.19  ? 1074 ILE A CG2 1 
ATOM   896  C  CG2 C ILE A 1 96  ? -2.964  -14.867 -3.921  0.15 18.48  ? 1074 ILE A CG2 1 
ATOM   897  C  CD1 A ILE A 1 96  ? -1.782  -17.308 -5.674  0.15 19.96  ? 1074 ILE A CD1 1 
ATOM   898  C  CD1 B ILE A 1 96  ? -1.296  -14.673 -5.009  0.21 13.86  ? 1074 ILE A CD1 1 
ATOM   899  C  CD1 C ILE A 1 96  ? -1.782  -17.308 -5.674  0.15 19.96  ? 1074 ILE A CD1 1 
ATOM   900  N  N   . ARG A 1 97  ? -5.066  -15.916 -1.286  1.00 15.76  ? 1075 ARG A N   1 
ATOM   901  C  CA  . ARG A 1 97  ? -6.125  -15.088 -0.677  1.00 15.57  ? 1075 ARG A CA  1 
ATOM   902  C  C   . ARG A 1 97  ? -5.801  -14.892 0.815   1.00 15.80  ? 1075 ARG A C   1 
ATOM   903  O  O   . ARG A 1 97  ? -6.004  -13.797 1.382   1.00 15.87  ? 1075 ARG A O   1 
ATOM   904  C  CB  . ARG A 1 97  ? -7.532  -15.606 -0.924  1.00 16.14  ? 1075 ARG A CB  1 
ATOM   905  C  CG  . ARG A 1 97  ? -7.935  -15.543 -2.398  1.00 17.68  ? 1075 ARG A CG  1 
ATOM   906  C  CD  . ARG A 1 97  ? -9.420  -15.529 -2.587  1.00 20.37  ? 1075 ARG A CD  1 
ATOM   907  N  NE  . ARG A 1 97  ? -10.174 -16.622 -1.948  1.00 20.05  ? 1075 ARG A NE  1 
ATOM   908  C  CZ  . ARG A 1 97  ? -10.352 -17.850 -2.497  1.00 19.69  ? 1075 ARG A CZ  1 
ATOM   909  N  NH1 . ARG A 1 97  ? -9.746  -18.199 -3.621  1.00 19.12  ? 1075 ARG A NH1 1 
ATOM   910  N  NH2 . ARG A 1 97  ? -11.067 -18.740 -1.822  1.00 24.58  ? 1075 ARG A NH2 1 
ATOM   911  N  N   . HIS A 1 98  ? -5.466  -16.003 1.543   1.00 15.26  ? 1076 HIS A N   1 
ATOM   912  C  CA  . HIS A 1 98  ? -5.168  -15.874 2.997   1.00 15.20  ? 1076 HIS A CA  1 
ATOM   913  C  C   . HIS A 1 98  ? -3.970  -14.912 3.203   1.00 14.77  ? 1076 HIS A C   1 
ATOM   914  O  O   . HIS A 1 98  ? -4.093  -14.080 4.161   1.00 15.35  ? 1076 HIS A O   1 
ATOM   915  C  CB  . HIS A 1 98  ? -4.867  -17.303 3.527   1.00 15.82  ? 1076 HIS A CB  1 
ATOM   916  C  CG  . HIS A 1 98  ? -4.878  -17.373 5.027   1.00 16.81  ? 1076 HIS A CG  1 
ATOM   917  N  ND1 . HIS A 1 98  ? -3.701  -17.294 5.758   1.00 18.74  ? 1076 HIS A ND1 1 
ATOM   918  C  CD2 . HIS A 1 98  ? -5.898  -17.558 5.885   1.00 16.84  ? 1076 HIS A CD2 1 
ATOM   919  C  CE1 . HIS A 1 98  ? -4.070  -17.407 7.064   1.00 18.47  ? 1076 HIS A CE1 1 
ATOM   920  N  NE2 . HIS A 1 98  ? -5.385  -17.574 7.173   1.00 18.85  ? 1076 HIS A NE2 1 
ATOM   921  N  N   . ARG A 1 99  ? -2.943  -15.009 2.378   1.00 13.54  ? 1077 ARG A N   1 
ATOM   922  C  CA  . ARG A 1 99  ? -1.765  -14.115 2.475   1.00 13.68  ? 1077 ARG A CA  1 
ATOM   923  C  C   . ARG A 1 99  ? -2.222  -12.669 2.150   1.00 15.33  ? 1077 ARG A C   1 
ATOM   924  O  O   . ARG A 1 99  ? -1.654  -11.747 2.822   1.00 15.36  ? 1077 ARG A O   1 
ATOM   925  C  CB  . ARG A 1 99  ? -0.641  -14.583 1.585   1.00 14.55  ? 1077 ARG A CB  1 
ATOM   926  C  CG  . ARG A 1 99  ? 0.001   -15.924 2.061   1.00 15.41  ? 1077 ARG A CG  1 
ATOM   927  C  CD  . ARG A 1 99  ? 0.891   -16.550 1.066   1.00 15.37  ? 1077 ARG A CD  1 
ATOM   928  N  NE  . ARG A 1 99  ? 1.724   -17.620 1.644   1.00 15.34  ? 1077 ARG A NE  1 
ATOM   929  C  CZ  . ARG A 1 99  ? 2.598   -18.313 0.982   1.00 17.09  ? 1077 ARG A CZ  1 
ATOM   930  N  NH1 . ARG A 1 99  ? 2.702   -18.209 -0.328  1.00 17.91  ? 1077 ARG A NH1 1 
ATOM   931  N  NH2 . ARG A 1 99  ? 3.287   -19.276 1.612   1.00 20.96  ? 1077 ARG A NH2 1 
ATOM   932  N  N   . ALA A 1 100 ? -3.026  -12.455 1.112   1.00 14.33  ? 1078 ALA A N   1 
ATOM   933  C  CA  . ALA A 1 100 ? -3.460  -11.064 0.761   1.00 15.13  ? 1078 ALA A CA  1 
ATOM   934  C  C   . ALA A 1 100 ? -4.232  -10.448 1.892   1.00 16.11  ? 1078 ALA A C   1 
ATOM   935  O  O   . ALA A 1 100 ? -4.014  -9.204  2.213   1.00 16.92  ? 1078 ALA A O   1 
ATOM   936  C  CB  . ALA A 1 100 ? -4.307  -11.115 -0.515  1.00 16.46  ? 1078 ALA A CB  1 
ATOM   937  N  N   . CYS A 1 101 ? -5.151  -11.164 2.559   1.00 14.68  ? 1079 CYS A N   1 
ATOM   938  C  CA  . CYS A 1 101 ? -5.925  -10.690 3.713   1.00 16.20  ? 1079 CYS A CA  1 
ATOM   939  C  C   . CYS A 1 101 ? -4.956  -10.371 4.860   1.00 15.44  ? 1079 CYS A C   1 
ATOM   940  O  O   . CYS A 1 101 ? -5.139  -9.349  5.565   1.00 16.27  ? 1079 CYS A O   1 
ATOM   941  C  CB  . CYS A 1 101 ? -6.985  -11.675 4.165   1.00 19.52  ? 1079 CYS A CB  1 
ATOM   942  S  SG  . CYS A 1 101 ? -8.346  -11.751 2.932   1.00 22.97  ? 1079 CYS A SG  1 
ATOM   943  N  N   . ALA A 1 102 ? -3.935  -11.192 5.074   1.00 15.41  ? 1080 ALA A N   1 
ATOM   944  C  CA  . ALA A 1 102 ? -2.941  -10.973 6.155   1.00 15.76  ? 1080 ALA A CA  1 
ATOM   945  C  C   . ALA A 1 102 ? -2.122  -9.689  5.845   1.00 14.96  ? 1080 ALA A C   1 
ATOM   946  O  O   . ALA A 1 102 ? -1.818  -8.923  6.817   1.00 15.58  ? 1080 ALA A O   1 
ATOM   947  C  CB  . ALA A 1 102 ? -2.050  -12.193 6.391   1.00 15.22  ? 1080 ALA A CB  1 
ATOM   948  N  N   . LEU A 1 103 ? -1.751  -9.442  4.599   1.00 14.57  ? 1081 LEU A N   1 
ATOM   949  C  CA  . LEU A 1 103 ? -0.979  -8.196  4.221   1.00 14.25  ? 1081 LEU A CA  1 
ATOM   950  C  C   . LEU A 1 103 ? -1.858  -6.996  4.579   1.00 15.40  ? 1081 LEU A C   1 
ATOM   951  O  O   . LEU A 1 103 ? -1.344  -6.042  5.284   1.00 14.82  ? 1081 LEU A O   1 
ATOM   952  C  CB  . LEU A 1 103 ? -0.641  -8.209  2.729   1.00 14.17  ? 1081 LEU A CB  1 
ATOM   953  C  CG  . LEU A 1 103 ? -0.102  -6.870  2.204   1.00 17.01  ? 1081 LEU A CG  1 
ATOM   954  C  CD1 . LEU A 1 103 ? 1.264   -6.713  2.707   1.00 20.73  ? 1081 LEU A CD1 1 
ATOM   955  C  CD2 . LEU A 1 103 ? -0.107  -6.864  0.675   1.00 21.40  ? 1081 LEU A CD2 1 
ATOM   956  N  N   . ARG A 1 104 ? -3.123  -6.954  4.203   1.00 14.00  ? 1082 ARG A N   1 
ATOM   957  C  CA  . ARG A 1 104 ? -4.044  -5.832  4.481   1.00 14.49  ? 1082 ARG A CA  1 
ATOM   958  C  C   . ARG A 1 104 ? -4.169  -5.666  5.981   1.00 15.92  ? 1082 ARG A C   1 
ATOM   959  O  O   . ARG A 1 104 ? -4.016  -4.517  6.505   1.00 15.12  ? 1082 ARG A O   1 
ATOM   960  C  CB  . ARG A 1 104 ? -5.392  -6.085  3.784   1.00 16.80  ? 1082 ARG A CB  1 
ATOM   961  C  CG  . ARG A 1 104 ? -6.479  -5.035  4.052   1.00 20.75  ? 1082 ARG A CG  1 
ATOM   962  C  CD  . ARG A 1 104 ? -7.872  -5.724  3.757   1.00 29.06  ? 1082 ARG A CD  1 
ATOM   963  N  NE  . ARG A 1 104 ? -8.132  -6.897  4.689   1.00 31.40  ? 1082 ARG A NE  1 
ATOM   964  C  CZ  . ARG A 1 104 ? -8.925  -7.962  4.459   1.00 31.32  ? 1082 ARG A CZ  1 
ATOM   965  N  NH1 . ARG A 1 104 ? -9.036  -8.908  5.371   1.00 32.60  ? 1082 ARG A NH1 1 
ATOM   966  N  NH2 . ARG A 1 104 ? -9.595  -8.082  3.306   1.00 35.78  ? 1082 ARG A NH2 1 
ATOM   967  N  N   . ASP A 1 105 ? -4.491  -6.752  6.702   1.00 15.93  ? 1083 ASP A N   1 
ATOM   968  C  CA  . ASP A 1 105 ? -4.753  -6.645  8.141   1.00 16.08  ? 1083 ASP A CA  1 
ATOM   969  C  C   . ASP A 1 105 ? -3.481  -6.168  8.882   1.00 15.21  ? 1083 ASP A C   1 
ATOM   970  O  O   . ASP A 1 105 ? -3.609  -5.397  9.886   1.00 16.22  ? 1083 ASP A O   1 
ATOM   971  C  CB  . ASP A 1 105 ? -5.271  -7.983  8.685   1.00 17.17  ? 1083 ASP A CB  1 
ATOM   972  C  CG  . ASP A 1 105 ? -6.660  -8.361  8.169   1.00 21.07  ? 1083 ASP A CG  1 
ATOM   973  O  OD1 . ASP A 1 105 ? -7.366  -7.548  7.554   1.00 24.12  ? 1083 ASP A OD1 1 
ATOM   974  O  OD2 . ASP A 1 105 ? -7.003  -9.565  8.386   1.00 26.73  ? 1083 ASP A OD2 1 
ATOM   975  N  N   . THR A 1 106 ? -2.330  -6.671  8.498   1.00 13.79  ? 1084 THR A N   1 
ATOM   976  C  CA  . THR A 1 106 ? -1.046  -6.303  9.140   1.00 14.36  ? 1084 THR A CA  1 
ATOM   977  C  C   . THR A 1 106 ? -0.781  -4.803  8.917   1.00 14.67  ? 1084 THR A C   1 
ATOM   978  O  O   . THR A 1 106 ? -0.354  -4.080  9.888   1.00 14.67  ? 1084 THR A O   1 
ATOM   979  C  CB  . THR A 1 106 ? 0.092   -7.188  8.667   1.00 16.26  ? 1084 THR A CB  1 
ATOM   980  O  OG1 . THR A 1 106 ? -0.201  -8.586  8.988   1.00 17.81  ? 1084 THR A OG1 1 
ATOM   981  C  CG2 . THR A 1 106 ? 1.409   -6.794  9.297   1.00 16.87  ? 1084 THR A CG2 1 
ATOM   982  N  N   . ALA A 1 107 ? -0.956  -4.297  7.698   1.00 13.25  ? 1085 ALA A N   1 
ATOM   983  C  CA  . ALA A 1 107 ? -0.711  -2.861  7.430   1.00 12.64  ? 1085 ALA A CA  1 
ATOM   984  C  C   . ALA A 1 107 ? -1.645  -2.034  8.306   1.00 14.00  ? 1085 ALA A C   1 
ATOM   985  O  O   . ALA A 1 107 ? -1.188  -1.038  8.949   1.00 13.51  ? 1085 ALA A O   1 
ATOM   986  C  CB  . ALA A 1 107 ? -0.909  -2.589  5.942   1.00 13.63  ? 1085 ALA A CB  1 
ATOM   987  N  N   . TYR A 1 108 ? -2.932  -2.336  8.338   1.00 13.50  ? 1086 TYR A N   1 
ATOM   988  C  CA  . TYR A 1 108 ? -3.870  -1.522  9.142   1.00 13.82  ? 1086 TYR A CA  1 
ATOM   989  C  C   . TYR A 1 108 ? -3.478  -1.623  10.622  1.00 15.02  ? 1086 TYR A C   1 
ATOM   990  O  O   . TYR A 1 108 ? -3.659  -0.584  11.288  1.00 16.67  ? 1086 TYR A O   1 
ATOM   991  C  CB  . TYR A 1 108 ? -5.341  -1.957  8.883   1.00 15.57  ? 1086 TYR A CB  1 
ATOM   992  C  CG  . TYR A 1 108 ? -6.014  -1.339  7.692   1.00 15.24  ? 1086 TYR A CG  1 
ATOM   993  C  CD1 . TYR A 1 108 ? -5.792  -1.789  6.406   1.00 16.17  ? 1086 TYR A CD1 1 
ATOM   994  C  CD2 . TYR A 1 108 ? -6.833  -0.204  7.809   1.00 17.95  ? 1086 TYR A CD2 1 
ATOM   995  C  CE1 . TYR A 1 108 ? -6.419  -1.187  5.302   1.00 17.56  ? 1086 TYR A CE1 1 
ATOM   996  C  CE2 . TYR A 1 108 ? -7.470  0.398   6.746   1.00 18.56  ? 1086 TYR A CE2 1 
ATOM   997  C  CZ  . TYR A 1 108 ? -7.260  -0.099  5.469   1.00 17.89  ? 1086 TYR A CZ  1 
ATOM   998  O  OH  . TYR A 1 108 ? -7.890  0.484   4.362   1.00 20.13  ? 1086 TYR A OH  1 
ATOM   999  N  N   . ALA A 1 109 ? -3.069  -2.782  11.129  1.00 14.88  ? 1087 ALA A N   1 
ATOM   1000 C  CA  . ALA A 1 109 ? -2.765  -2.893  12.560  1.00 15.39  ? 1087 ALA A CA  1 
ATOM   1001 C  C   . ALA A 1 109 ? -1.512  -2.093  12.928  1.00 16.14  ? 1087 ALA A C   1 
ATOM   1002 O  O   . ALA A 1 109 ? -1.492  -1.457  14.048  1.00 17.26  ? 1087 ALA A O   1 
ATOM   1003 C  CB  . ALA A 1 109 ? -2.621  -4.342  12.936  1.00 17.53  ? 1087 ALA A CB  1 
ATOM   1004 N  N   . ILE A 1 110 ? -0.486  -2.077  12.094  1.00 14.69  ? 1088 ILE A N   1 
ATOM   1005 C  CA  . ILE A 1 110 ? 0.735   -1.241  12.356  1.00 13.28  ? 1088 ILE A CA  1 
ATOM   1006 C  C   . ILE A 1 110 ? 0.304   0.221   12.384  1.00 13.82  ? 1088 ILE A C   1 
ATOM   1007 O  O   . ILE A 1 110 ? 0.736   0.945   13.331  1.00 15.23  ? 1088 ILE A O   1 
ATOM   1008 C  CB  . ILE A 1 110 ? 1.812   -1.473  11.298  1.00 13.87  ? 1088 ILE A CB  1 
ATOM   1009 C  CG1 . ILE A 1 110 ? 2.396   -2.879  11.393  1.00 14.63  ? 1088 ILE A CG1 1 
ATOM   1010 C  CG2 . ILE A 1 110 ? 2.921   -0.406  11.384  1.00 14.80  ? 1088 ILE A CG2 1 
ATOM   1011 C  CD1 . ILE A 1 110 ? 3.333   -3.259  10.244  1.00 17.45  ? 1088 ILE A CD1 1 
ATOM   1012 N  N   . ILE A 1 111 ? -0.483  0.706   11.441  1.00 14.51  ? 1089 ILE A N   1 
ATOM   1013 C  CA  . ILE A 1 111 ? -0.926  2.122   11.381  1.00 15.41  ? 1089 ILE A CA  1 
ATOM   1014 C  C   . ILE A 1 111 ? -1.795  2.432   12.618  1.00 15.87  ? 1089 ILE A C   1 
ATOM   1015 O  O   . ILE A 1 111 ? -1.601  3.518   13.251  1.00 16.74  ? 1089 ILE A O   1 
ATOM   1016 C  CB  . ILE A 1 111 ? -1.563  2.392   10.005  1.00 16.75  ? 1089 ILE A CB  1 
ATOM   1017 C  CG1 . ILE A 1 111 ? -0.428  2.436   8.963   1.00 20.20  ? 1089 ILE A CG1 1 
ATOM   1018 C  CG2 . ILE A 1 111 ? -2.440  3.637   10.055  1.00 21.62  ? 1089 ILE A CG2 1 
ATOM   1019 C  CD1 . ILE A 1 111 ? -0.883  2.260   7.528   1.00 26.83  ? 1089 ILE A CD1 1 
ATOM   1020 N  N   . LYS A 1 112 ? -2.719  1.561   13.028  1.00 16.41  ? 1090 LYS A N   1 
ATOM   1021 C  CA  . LYS A 1 112 ? -3.561  1.849   14.207  1.00 18.77  ? 1090 LYS A CA  1 
ATOM   1022 C  C   . LYS A 1 112 ? -2.662  2.066   15.451  1.00 18.79  ? 1090 LYS A C   1 
ATOM   1023 O  O   . LYS A 1 112 ? -2.950  3.014   16.239  1.00 20.11  ? 1090 LYS A O   1 
ATOM   1024 C  CB  . LYS A 1 112 ? -4.570  0.710   14.408  1.00 23.07  ? 1090 LYS A CB  1 
ATOM   1025 C  CG  . LYS A 1 112 ? -5.554  1.054   15.558  1.00 28.45  ? 1090 LYS A CG  1 
ATOM   1026 C  CD  . LYS A 1 112 ? -6.539  -0.040  15.834  1.00 35.90  ? 1090 LYS A CD  1 
ATOM   1027 C  CE  . LYS A 1 112 ? -7.463  0.359   16.986  1.00 42.41  ? 1090 LYS A CE  1 
ATOM   1028 N  NZ  . LYS A 1 112 ? -8.337  -0.785  17.324  1.00 50.00  ? 1090 LYS A NZ  1 
ATOM   1029 N  N   . GLU A 1 113 ? -1.623  1.271   15.638  0.51 16.91  ? 1091 GLU A N   1 
ATOM   1030 C  CA  . GLU A 1 113 ? -0.781  1.418   16.843  0.51 17.02  ? 1091 GLU A CA  1 
ATOM   1031 C  C   . GLU A 1 113 ? 0.103   2.665   16.696  0.51 17.12  ? 1091 GLU A C   1 
ATOM   1032 O  O   . GLU A 1 113 ? 0.175   3.475   17.657  0.51 16.96  ? 1091 GLU A O   1 
ATOM   1033 C  CB  . GLU A 1 113 ? -0.004  0.128   17.080  0.51 18.64  ? 1091 GLU A CB  1 
ATOM   1034 C  CG  . GLU A 1 113 ? 0.844   0.192   18.322  0.51 19.44  ? 1091 GLU A CG  1 
ATOM   1035 C  CD  . GLU A 1 113 ? 0.036   0.518   19.565  0.51 22.24  ? 1091 GLU A CD  1 
ATOM   1036 O  OE1 . GLU A 1 113 ? 0.334   1.539   20.233  0.51 21.71  ? 1091 GLU A OE1 1 
ATOM   1037 O  OE2 . GLU A 1 113 ? -0.919  -0.259  19.851  0.51 25.71  ? 1091 GLU A OE2 1 
ATOM   1038 N  N   . GLU A 1 114 ? 0.762   2.833   15.550  0.51 15.40  ? 1092 GLU A N   1 
ATOM   1039 C  CA  . GLU A 1 114 ? 1.984   3.684   15.456  0.51 15.67  ? 1092 GLU A CA  1 
ATOM   1040 C  C   . GLU A 1 114 ? 1.709   5.069   14.855  0.51 15.86  ? 1092 GLU A C   1 
ATOM   1041 O  O   . GLU A 1 114 ? 2.612   5.916   14.982  0.51 17.59  ? 1092 GLU A O   1 
ATOM   1042 C  CB  . GLU A 1 114 ? 3.078   2.949   14.674  0.51 15.55  ? 1092 GLU A CB  1 
ATOM   1043 C  CG  . GLU A 1 114 ? 3.505   1.649   15.348  0.51 16.68  ? 1092 GLU A CG  1 
ATOM   1044 C  CD  . GLU A 1 114 ? 4.641   0.872   14.672  0.51 17.91  ? 1092 GLU A CD  1 
ATOM   1045 O  OE1 . GLU A 1 114 ? 5.513   1.515   13.976  0.51 20.29  ? 1092 GLU A OE1 1 
ATOM   1046 O  OE2 . GLU A 1 114 ? 4.619   -0.408  14.813  0.51 17.66  ? 1092 GLU A OE2 1 
ATOM   1047 N  N   . LEU A 1 115 ? 0.573   5.294   14.196  1.00 16.28  ? 1093 LEU A N   1 
ATOM   1048 C  CA  . LEU A 1 115 ? 0.233   6.619   13.581  1.00 16.26  ? 1093 LEU A CA  1 
ATOM   1049 C  C   . LEU A 1 115 ? -0.616  7.430   14.575  1.00 17.40  ? 1093 LEU A C   1 
ATOM   1050 O  O   . LEU A 1 115 ? -1.692  6.994   14.955  1.00 19.28  ? 1093 LEU A O   1 
ATOM   1051 C  CB  . LEU A 1 115 ? -0.582  6.404   12.313  1.00 18.68  ? 1093 LEU A CB  1 
ATOM   1052 C  CG  . LEU A 1 115 ? -1.248  7.649   11.676  1.00 24.04  ? 1093 LEU A CG  1 
ATOM   1053 C  CD1 . LEU A 1 115 ? -0.144  8.495   11.202  1.00 22.28  ? 1093 LEU A CD1 1 
ATOM   1054 C  CD2 . LEU A 1 115 ? -2.230  7.292   10.525  1.00 24.62  ? 1093 LEU A CD2 1 
ATOM   1055 N  N   . ASP A 1 116 ? -0.196  8.652   14.945  1.00 16.08  ? 1094 ASP A N   1 
ATOM   1056 C  CA  . ASP A 1 116 ? -1.054  9.517   15.767  1.00 16.98  ? 1094 ASP A CA  1 
ATOM   1057 C  C   . ASP A 1 116 ? -2.175  10.099  14.902  1.00 16.38  ? 1094 ASP A C   1 
ATOM   1058 O  O   . ASP A 1 116 ? -1.904  10.650  13.842  1.00 15.55  ? 1094 ASP A O   1 
ATOM   1059 C  CB  . ASP A 1 116 ? -0.156  10.646  16.298  1.00 18.90  ? 1094 ASP A CB  1 
ATOM   1060 C  CG  . ASP A 1 116 ? -0.809  11.529  17.363  1.00 24.50  ? 1094 ASP A CG  1 
ATOM   1061 O  OD1 . ASP A 1 116 ? -1.991  11.946  17.225  1.00 25.44  ? 1094 ASP A OD1 1 
ATOM   1062 O  OD2 . ASP A 1 116 ? -0.177  11.754  18.434  1.00 25.18  ? 1094 ASP A OD2 1 
ATOM   1063 N  N   A GLU A 1 117 ? -3.425  9.992   15.358  0.15 17.63  ? 1095 GLU A N   1 
ATOM   1064 N  N   B GLU A 1 117 ? -3.420  10.007  15.380  0.19 16.45  ? 1095 GLU A N   1 
ATOM   1065 N  N   C GLU A 1 117 ? -3.425  9.992   15.358  0.15 17.63  ? 1095 GLU A N   1 
ATOM   1066 C  CA  A GLU A 1 117 ? -4.616  10.490  14.614  0.15 19.17  ? 1095 GLU A CA  1 
ATOM   1067 C  CA  B GLU A 1 117 ? -4.626  10.475  14.642  0.19 17.20  ? 1095 GLU A CA  1 
ATOM   1068 C  CA  C GLU A 1 117 ? -4.616  10.490  14.614  0.15 19.17  ? 1095 GLU A CA  1 
ATOM   1069 C  C   A GLU A 1 117 ? -4.482  11.992  14.314  0.15 17.26  ? 1095 GLU A C   1 
ATOM   1070 C  C   B GLU A 1 117 ? -4.538  11.984  14.356  0.19 15.95  ? 1095 GLU A C   1 
ATOM   1071 C  C   C GLU A 1 117 ? -4.482  11.992  14.314  0.15 17.26  ? 1095 GLU A C   1 
ATOM   1072 O  O   A GLU A 1 117 ? -4.978  12.451  13.246  0.15 16.86  ? 1095 GLU A O   1 
ATOM   1073 O  O   B GLU A 1 117 ? -5.134  12.439  13.340  0.19 15.08  ? 1095 GLU A O   1 
ATOM   1074 O  O   C GLU A 1 117 ? -4.978  12.451  13.246  0.15 16.86  ? 1095 GLU A O   1 
ATOM   1075 C  CB  A GLU A 1 117 ? -5.906  10.219  15.399  0.15 23.75  ? 1095 GLU A CB  1 
ATOM   1076 C  CB  B GLU A 1 117 ? -5.922  10.105  15.388  0.19 20.27  ? 1095 GLU A CB  1 
ATOM   1077 C  CB  C GLU A 1 117 ? -5.906  10.219  15.399  0.15 23.75  ? 1095 GLU A CB  1 
ATOM   1078 C  CG  A GLU A 1 117 ? -6.338  8.764   15.376  0.15 28.09  ? 1095 GLU A CG  1 
ATOM   1079 C  CG  B GLU A 1 117 ? -6.073  10.735  16.768  0.19 22.60  ? 1095 GLU A CG  1 
ATOM   1080 C  CG  C GLU A 1 117 ? -6.338  8.764   15.376  0.15 28.09  ? 1095 GLU A CG  1 
ATOM   1081 C  CD  A GLU A 1 117 ? -7.638  8.468   16.115  0.15 33.88  ? 1095 GLU A CD  1 
ATOM   1082 C  CD  B GLU A 1 117 ? -7.235  10.227  17.620  0.19 26.44  ? 1095 GLU A CD  1 
ATOM   1083 C  CD  C GLU A 1 117 ? -7.638  8.468   16.115  0.15 33.88  ? 1095 GLU A CD  1 
ATOM   1084 O  OE1 A GLU A 1 117 ? -8.437  9.416   16.340  0.15 33.62  ? 1095 GLU A OE1 1 
ATOM   1085 O  OE1 B GLU A 1 117 ? -7.669  9.083   17.422  0.19 28.30  ? 1095 GLU A OE1 1 
ATOM   1086 O  OE1 C GLU A 1 117 ? -8.437  9.416   16.340  0.15 33.62  ? 1095 GLU A OE1 1 
ATOM   1087 O  OE2 A GLU A 1 117 ? -7.849  7.286   16.476  0.15 39.81  ? 1095 GLU A OE2 1 
ATOM   1088 O  OE2 B GLU A 1 117 ? -7.685  10.967  18.512  0.19 30.53  ? 1095 GLU A OE2 1 
ATOM   1089 O  OE2 C GLU A 1 117 ? -7.849  7.286   16.476  0.15 39.81  ? 1095 GLU A OE2 1 
ATOM   1090 N  N   . ASP A 1 118 ? -3.874  12.758  15.223  1.00 16.94  ? 1096 ASP A N   1 
ATOM   1091 C  CA  . ASP A 1 118 ? -3.736  14.222  14.974  1.00 16.43  ? 1096 ASP A CA  1 
ATOM   1092 C  C   . ASP A 1 118 ? -2.711  14.513  13.863  1.00 14.92  ? 1096 ASP A C   1 
ATOM   1093 O  O   . ASP A 1 118 ? -2.766  15.581  13.207  1.00 15.05  ? 1096 ASP A O   1 
ATOM   1094 C  CB  . ASP A 1 118 ? -3.444  14.997  16.265  1.00 17.83  ? 1096 ASP A CB  1 
ATOM   1095 C  CG  . ASP A 1 118 ? -4.620  15.056  17.235  1.00 22.60  ? 1096 ASP A CG  1 
ATOM   1096 O  OD1 . ASP A 1 118 ? -5.759  14.853  16.845  1.00 23.26  ? 1096 ASP A OD1 1 
ATOM   1097 O  OD2 . ASP A 1 118 ? -4.308  15.235  18.400  1.00 28.64  ? 1096 ASP A OD2 1 
ATOM   1098 N  N   . PHE A 1 119 ? -1.679  13.663  13.701  1.00 15.22  ? 1097 PHE A N   1 
ATOM   1099 C  CA  . PHE A 1 119 ? -0.703  13.761  12.578  1.00 13.71  ? 1097 PHE A CA  1 
ATOM   1100 C  C   . PHE A 1 119 ? -1.427  13.505  11.252  1.00 13.83  ? 1097 PHE A C   1 
ATOM   1101 O  O   . PHE A 1 119 ? -1.272  14.358  10.307  1.00 14.73  ? 1097 PHE A O   1 
ATOM   1102 C  CB  . PHE A 1 119 ? 0.484   12.809  12.795  1.00 13.67  ? 1097 PHE A CB  1 
ATOM   1103 C  CG  . PHE A 1 119 ? 1.520   12.950  11.711  1.00 13.36  ? 1097 PHE A CG  1 
ATOM   1104 C  CD1 . PHE A 1 119 ? 2.544   13.882  11.800  1.00 15.13  ? 1097 PHE A CD1 1 
ATOM   1105 C  CD2 . PHE A 1 119 ? 1.465   12.176  10.535  1.00 14.45  ? 1097 PHE A CD2 1 
ATOM   1106 C  CE1 . PHE A 1 119 ? 3.460   14.088  10.769  1.00 16.20  ? 1097 PHE A CE1 1 
ATOM   1107 C  CE2 . PHE A 1 119 ? 2.414   12.373  9.529   1.00 15.28  ? 1097 PHE A CE2 1 
ATOM   1108 C  CZ  . PHE A 1 119 ? 3.396   13.314  9.642   1.00 15.55  ? 1097 PHE A CZ  1 
ATOM   1109 N  N   . GLU A 1 120 ? -2.243  12.460  11.208  1.00 14.73  ? 1098 GLU A N   1 
ATOM   1110 C  CA  . GLU A 1 120 ? -2.998  12.189  9.979   1.00 14.70  ? 1098 GLU A CA  1 
ATOM   1111 C  C   . GLU A 1 120 ? -3.932  13.391  9.691   1.00 15.55  ? 1098 GLU A C   1 
ATOM   1112 O  O   . GLU A 1 120 ? -4.101  13.764  8.537   1.00 15.58  ? 1098 GLU A O   1 
ATOM   1113 C  CB  . GLU A 1 120 ? -3.775  10.876  10.073  1.00 16.57  ? 1098 GLU A CB  1 
ATOM   1114 C  CG  . GLU A 1 120 ? -4.677  10.606  8.902   1.00 16.73  ? 1098 GLU A CG  1 
ATOM   1115 C  CD  . GLU A 1 120 ? -4.047  10.403  7.509   1.00 21.23  ? 1098 GLU A CD  1 
ATOM   1116 O  OE1 . GLU A 1 120 ? -2.814  10.407  7.400   1.00 19.86  ? 1098 GLU A OE1 1 
ATOM   1117 O  OE2 . GLU A 1 120 ? -4.851  10.245  6.506   1.00 23.99  ? 1098 GLU A OE2 1 
ATOM   1118 N  N   . GLN A 1 121 ? -4.666  13.892  10.714  1.00 15.38  ? 1099 GLN A N   1 
ATOM   1119 C  CA  . GLN A 1 121 ? -5.648  15.010  10.472  1.00 15.60  ? 1099 GLN A CA  1 
ATOM   1120 C  C   . GLN A 1 121 ? -4.906  16.247  9.952   1.00 15.49  ? 1099 GLN A C   1 
ATOM   1121 O  O   . GLN A 1 121 ? -5.413  16.939  9.032   1.00 16.62  ? 1099 GLN A O   1 
ATOM   1122 C  CB  . GLN A 1 121 ? -6.393  15.267  11.777  1.00 17.44  ? 1099 GLN A CB  1 
ATOM   1123 C  CG  . GLN A 1 121 ? -7.471  16.344  11.609  1.00 19.17  ? 1099 GLN A CG  1 
ATOM   1124 C  CD  . GLN A 1 121 ? -8.600  15.861  10.737  1.00 25.21  ? 1099 GLN A CD  1 
ATOM   1125 O  OE1 . GLN A 1 121 ? -8.896  14.653  10.669  1.00 28.04  ? 1099 GLN A OE1 1 
ATOM   1126 N  NE2 . GLN A 1 121 ? -9.180  16.822  9.997   1.00 23.35  ? 1099 GLN A NE2 1 
ATOM   1127 N  N   . LEU A 1 122 ? -3.688  16.564  10.457  1.00 14.38  ? 1100 LEU A N   1 
ATOM   1128 C  CA  . LEU A 1 122 ? -2.871  17.671  9.956   1.00 14.98  ? 1100 LEU A CA  1 
ATOM   1129 C  C   . LEU A 1 122 ? -2.574  17.461  8.461   1.00 17.39  ? 1100 LEU A C   1 
ATOM   1130 O  O   . LEU A 1 122 ? -2.706  18.411  7.675   1.00 17.44  ? 1100 LEU A O   1 
ATOM   1131 C  CB  . LEU A 1 122 ? -1.623  17.883  10.812  1.00 14.90  ? 1100 LEU A CB  1 
ATOM   1132 C  CG  . LEU A 1 122 ? -0.679  18.948  10.307  1.00 15.17  ? 1100 LEU A CG  1 
ATOM   1133 C  CD1 . LEU A 1 122 ? -1.344  20.374  10.248  1.00 18.21  ? 1100 LEU A CD1 1 
ATOM   1134 C  CD2 . LEU A 1 122 ? 0.596   18.967  11.117  1.00 17.48  ? 1100 LEU A CD2 1 
ATOM   1135 N  N   . CYS A 1 123 ? -2.104  16.249  8.068   1.00 15.05  ? 1101 CYS A N   1 
ATOM   1136 C  CA  . CYS A 1 123 ? -1.789  16.008  6.635   1.00 15.98  ? 1101 CYS A CA  1 
ATOM   1137 C  C   . CYS A 1 123 ? -3.058  16.230  5.805   1.00 16.90  ? 1101 CYS A C   1 
ATOM   1138 O  O   . CYS A 1 123 ? -2.916  16.825  4.756   1.00 17.09  ? 1101 CYS A O   1 
ATOM   1139 C  CB  . CYS A 1 123 ? -1.291  14.558  6.464   1.00 14.75  ? 1101 CYS A CB  1 
ATOM   1140 S  SG  . CYS A 1 123 ? 0.339   14.186  7.143   1.00 16.17  ? 1101 CYS A SG  1 
ATOM   1141 N  N   . GLU A 1 124 ? -4.213  15.770  6.252   1.00 16.45  ? 1102 GLU A N   1 
ATOM   1142 C  CA  . GLU A 1 124 ? -5.494  15.885  5.511   1.00 17.74  ? 1102 GLU A CA  1 
ATOM   1143 C  C   . GLU A 1 124 ? -5.804  17.385  5.355   1.00 21.57  ? 1102 GLU A C   1 
ATOM   1144 O  O   . GLU A 1 124 ? -6.221  17.818  4.238   1.00 22.39  ? 1102 GLU A O   1 
ATOM   1145 C  CB  . GLU A 1 124 ? -6.614  15.069  6.134   1.00 19.04  ? 1102 GLU A CB  1 
ATOM   1146 C  CG  . GLU A 1 124 ? -6.419  13.552  6.042   1.00 25.06  ? 1102 GLU A CG  1 
ATOM   1147 C  CD  . GLU A 1 124 ? -7.473  12.579  6.623   1.00 32.88  ? 1102 GLU A CD  1 
ATOM   1148 O  OE1 . GLU A 1 124 ? -8.587  13.099  6.838   1.00 39.46  ? 1102 GLU A OE1 1 
ATOM   1149 O  OE2 . GLU A 1 124 ? -7.241  11.229  6.837   1.00 29.24  ? 1102 GLU A OE2 1 
ATOM   1150 N  N   . GLU A 1 125 ? -5.636  18.201  6.406   1.00 18.30  ? 1103 GLU A N   1 
ATOM   1151 C  CA  . GLU A 1 125 ? -5.989  19.647  6.333   1.00 19.20  ? 1103 GLU A CA  1 
ATOM   1152 C  C   . GLU A 1 125 ? -5.016  20.379  5.430   1.00 22.81  ? 1103 GLU A C   1 
ATOM   1153 O  O   . GLU A 1 125 ? -5.506  21.317  4.664   1.00 22.97  ? 1103 GLU A O   1 
ATOM   1154 C  CB  . GLU A 1 125 ? -6.135  20.205  7.772   1.00 18.05  ? 1103 GLU A CB  1 
ATOM   1155 C  CG  . GLU A 1 125 ? -7.366  19.683  8.448   1.00 18.43  ? 1103 GLU A CG  1 
ATOM   1156 C  CD  . GLU A 1 125 ? -7.780  20.195  9.850   1.00 18.28  ? 1103 GLU A CD  1 
ATOM   1157 O  OE1 . GLU A 1 125 ? -7.147  21.162  10.339  1.00 19.46  ? 1103 GLU A OE1 1 
ATOM   1158 O  OE2 . GLU A 1 125 ? -8.727  19.598  10.413  1.00 20.79  ? 1103 GLU A OE2 1 
ATOM   1159 N  N   . ILE A 1 126 ? -3.712  20.114  5.431   1.00 19.00  ? 1104 ILE A N   1 
ATOM   1160 C  CA  . ILE A 1 126 ? -2.766  20.733  4.475   1.00 19.52  ? 1104 ILE A CA  1 
ATOM   1161 C  C   . ILE A 1 126 ? -3.219  20.332  3.049   1.00 25.07  ? 1104 ILE A C   1 
ATOM   1162 O  O   . ILE A 1 126 ? -3.346  21.249  2.192   1.00 25.61  ? 1104 ILE A O   1 
ATOM   1163 C  CB  . ILE A 1 126 ? -1.300  20.320  4.734   1.00 19.65  ? 1104 ILE A CB  1 
ATOM   1164 C  CG1 . ILE A 1 126 ? -0.847  20.633  6.170   1.00 19.40  ? 1104 ILE A CG1 1 
ATOM   1165 C  CG2 . ILE A 1 126 ? -0.416  20.958  3.694   1.00 21.09  ? 1104 ILE A CG2 1 
ATOM   1166 C  CD1 . ILE A 1 126 ? 0.415   19.953  6.597   1.00 19.66  ? 1104 ILE A CD1 1 
ATOM   1167 N  N   . GLN A 1 127 ? -3.473  19.030  2.784   1.00 23.97  ? 1105 GLN A N   1 
ATOM   1168 C  CA  . GLN A 1 127 ? -3.865  18.546  1.397   1.00 25.63  ? 1105 GLN A CA  1 
ATOM   1169 C  C   . GLN A 1 127 ? -5.121  19.328  0.923   1.00 29.46  ? 1105 GLN A C   1 
ATOM   1170 O  O   . GLN A 1 127 ? -5.149  19.767  -0.257  1.00 29.52  ? 1105 GLN A O   1 
ATOM   1171 C  CB  . GLN A 1 127 ? -4.094  17.017  1.405   1.00 25.22  ? 1105 GLN A CB  1 
ATOM   1172 C  CG  . GLN A 1 127 ? -4.626  16.355  0.092   1.00 29.51  ? 1105 GLN A CG  1 
ATOM   1173 C  CD  . GLN A 1 127 ? -4.963  14.873  0.249   1.00 29.41  ? 1105 GLN A CD  1 
ATOM   1174 O  OE1 . GLN A 1 127 ? -5.791  14.468  1.091   1.00 37.83  ? 1105 GLN A OE1 1 
ATOM   1175 N  NE2 . GLN A 1 127 ? -4.365  13.996  -0.580  1.00 32.02  ? 1105 GLN A NE2 1 
ATOM   1176 N  N   A GLU A 1 128 ? -6.130  19.457  1.790   0.15 28.99  ? 1106 GLU A N   1 
ATOM   1177 N  N   B GLU A 1 128 ? -6.116  19.496  1.804   0.20 26.56  ? 1106 GLU A N   1 
ATOM   1178 N  N   C GLU A 1 128 ? -6.130  19.457  1.790   0.15 28.99  ? 1106 GLU A N   1 
ATOM   1179 C  CA  A GLU A 1 128 ? -7.424  20.133  1.486   0.15 31.72  ? 1106 GLU A CA  1 
ATOM   1180 C  CA  B GLU A 1 128 ? -7.434  20.126  1.483   0.20 28.75  ? 1106 GLU A CA  1 
ATOM   1181 C  CA  C GLU A 1 128 ? -7.424  20.133  1.486   0.15 31.72  ? 1106 GLU A CA  1 
ATOM   1182 C  C   A GLU A 1 128 ? -7.157  21.593  1.087   0.15 33.34  ? 1106 GLU A C   1 
ATOM   1183 C  C   B GLU A 1 128 ? -7.271  21.629  1.226   0.20 32.17  ? 1106 GLU A C   1 
ATOM   1184 C  C   C GLU A 1 128 ? -7.157  21.593  1.087   0.15 33.34  ? 1106 GLU A C   1 
ATOM   1185 O  O   A GLU A 1 128 ? -7.790  22.080  0.109   0.15 32.55  ? 1106 GLU A O   1 
ATOM   1186 O  O   B GLU A 1 128 ? -8.156  22.197  0.529   0.20 34.32  ? 1106 GLU A O   1 
ATOM   1187 O  O   C GLU A 1 128 ? -7.790  22.080  0.109   0.15 32.55  ? 1106 GLU A O   1 
ATOM   1188 C  CB  A GLU A 1 128 ? -8.373  20.004  2.680   0.15 33.42  ? 1106 GLU A CB  1 
ATOM   1189 C  CB  B GLU A 1 128 ? -8.454  19.905  2.602   0.20 28.09  ? 1106 GLU A CB  1 
ATOM   1190 C  CB  C GLU A 1 128 ? -8.373  20.004  2.680   0.15 33.42  ? 1106 GLU A CB  1 
ATOM   1191 C  CG  A GLU A 1 128 ? -9.240  18.760  2.612   0.15 36.70  ? 1106 GLU A CG  1 
ATOM   1192 C  CG  B GLU A 1 128 ? -9.765  20.646  2.376   0.20 29.98  ? 1106 GLU A CG  1 
ATOM   1193 C  CG  C GLU A 1 128 ? -9.240  18.760  2.612   0.15 36.70  ? 1106 GLU A CG  1 
ATOM   1194 C  CD  A GLU A 1 128 ? -9.610  18.115  3.939   0.15 40.45  ? 1106 GLU A CD  1 
ATOM   1195 C  CD  B GLU A 1 128 ? -10.517 20.233  1.122   0.20 31.93  ? 1106 GLU A CD  1 
ATOM   1196 C  CD  C GLU A 1 128 ? -9.610  18.115  3.939   0.15 40.45  ? 1106 GLU A CD  1 
ATOM   1197 O  OE1 A GLU A 1 128 ? -9.611  18.818  4.978   0.15 41.10  ? 1106 GLU A OE1 1 
ATOM   1198 O  OE1 B GLU A 1 128 ? -11.118 21.114  0.476   0.20 32.99  ? 1106 GLU A OE1 1 
ATOM   1199 O  OE1 C GLU A 1 128 ? -9.611  18.818  4.978   0.15 41.10  ? 1106 GLU A OE1 1 
ATOM   1200 O  OE2 A GLU A 1 128 ? -9.893  16.901  3.928   0.15 42.84  ? 1106 GLU A OE2 1 
ATOM   1201 O  OE2 B GLU A 1 128 ? -10.525 19.031  0.813   0.20 33.00  ? 1106 GLU A OE2 1 
ATOM   1202 O  OE2 C GLU A 1 128 ? -9.893  16.901  3.928   0.15 42.84  ? 1106 GLU A OE2 1 
ATOM   1203 N  N   . SER A 1 129 ? -6.223  22.257  1.772   1.00 33.12  ? 1107 SER A N   1 
ATOM   1204 C  CA  . SER A 1 129 ? -5.890  23.688  1.514   1.00 35.01  ? 1107 SER A CA  1 
ATOM   1205 C  C   . SER A 1 129 ? -5.184  23.912  0.174   1.00 42.41  ? 1107 SER A C   1 
ATOM   1206 O  O   . SER A 1 129 ? -4.965  25.093  -0.145  1.00 44.99  ? 1107 SER A O   1 
ATOM   1207 C  CB  . SER A 1 129 ? -5.038  24.254  2.606   1.00 33.70  ? 1107 SER A CB  1 
ATOM   1208 O  OG  . SER A 1 129 ? -3.650  23.858  2.441   1.00 33.38  ? 1107 SER A OG  1 
ATOM   1209 N  N   . ARG A 1 130 ? -4.753  22.881  -0.552  1.00 41.93  ? 1108 ARG A N   1 
ATOM   1210 C  CA  . ARG A 1 130 ? -3.872  23.092  -1.726  1.00 49.05  ? 1108 ARG A CA  1 
ATOM   1211 C  C   . ARG A 1 130 ? -4.699  23.089  -3.011  1.00 55.78  ? 1108 ARG A C   1 
ATOM   1212 O  O   . ARG A 1 130 ? -5.899  22.805  -2.944  1.00 54.35  ? 1108 ARG A O   1 
ATOM   1213 C  CB  . ARG A 1 130 ? -2.739  22.073  -1.725  1.00 48.12  ? 1108 ARG A CB  1 
ATOM   1214 C  CG  . ARG A 1 130 ? -1.778  22.443  -0.612  1.00 51.89  ? 1108 ARG A CG  1 
ATOM   1215 C  CD  . ARG A 1 130 ? -0.434  21.817  -0.715  1.00 48.79  ? 1108 ARG A CD  1 
ATOM   1216 N  NE  . ARG A 1 130 ? 0.422   22.413  0.313   1.00 39.95  ? 1108 ARG A NE  1 
ATOM   1217 C  CZ  . ARG A 1 130 ? 1.661   22.031  0.512   1.00 38.00  ? 1108 ARG A CZ  1 
ATOM   1218 N  NH1 . ARG A 1 130 ? 2.160   21.106  -0.306  1.00 43.15  ? 1108 ARG A NH1 1 
ATOM   1219 N  NH2 . ARG A 1 130 ? 2.401   22.592  1.458   1.00 36.19  ? 1108 ARG A NH2 1 
ATOM   1220 O  OXT . ARG A 1 130 ? -4.095  23.408  -4.063  1.00 59.27  ? 1108 ARG A OXT 1 
HETATM 1221 C  C4  . RK7 B 2 .   ? 15.476  4.103   5.250   0.37 14.74  ? 1201 RK7 A C4  1 
HETATM 1222 C  C5  . RK7 B 2 .   ? 14.575  3.236   4.360   0.37 15.83  ? 1201 RK7 A C5  1 
HETATM 1223 C  C6  . RK7 B 2 .   ? 13.703  2.329   4.959   0.37 15.63  ? 1201 RK7 A C6  1 
HETATM 1224 C  C7  . RK7 B 2 .   ? 12.976  1.510   4.136   0.37 15.92  ? 1201 RK7 A C7  1 
HETATM 1225 C  C8  . RK7 B 2 .   ? 13.097  1.610   2.829   0.37 16.92  ? 1201 RK7 A C8  1 
HETATM 1226 N  N   . RK7 B 2 .   ? 14.656  3.363   3.015   0.37 15.94  ? 1201 RK7 A N   1 
HETATM 1227 C  C   . RK7 B 2 .   ? 15.673  6.501   9.665   0.37 14.78  ? 1201 RK7 A C   1 
HETATM 1228 O  O   . RK7 B 2 .   ? 16.186  5.367   7.725   0.37 12.98  ? 1201 RK7 A O   1 
HETATM 1229 C  C1  . RK7 B 2 .   ? 16.819  6.271   8.655   0.37 14.01  ? 1201 RK7 A C1  1 
HETATM 1230 C  C2  . RK7 B 2 .   ? 16.761  4.211   7.353   0.37 14.02  ? 1201 RK7 A C2  1 
HETATM 1231 C  C3  . RK7 B 2 .   ? 15.932  3.267   6.499   0.37 13.27  ? 1201 RK7 A C3  1 
HETATM 1232 C  C9  . RK7 B 2 .   ? 13.910  2.557   2.252   0.37 16.89  ? 1201 RK7 A C9  1 
HETATM 1233 F  F   . RK7 B 2 .   ? 16.723  2.219   6.183   0.37 15.44  ? 1201 RK7 A F   1 
HETATM 1234 O  O1  . RK7 B 2 .   ? 17.952  3.993   7.688   0.37 13.33  ? 1201 RK7 A O1  1 
HETATM 1235 O  O2  . RK7 B 2 .   ? 16.635  4.615   4.611   0.37 13.47  ? 1201 RK7 A O2  1 
HETATM 1236 BR BR  . RK7 B 2 .   ? 12.176  0.341   1.737   0.37 25.86  ? 1201 RK7 A BR  1 
HETATM 1237 S  S   . SO4 C 3 .   ? -15.322 -27.149 -1.007  1.00 28.14  ? 1202 SO4 A S   1 
HETATM 1238 O  O1  . SO4 C 3 .   ? -15.613 -28.504 -1.419  1.00 26.80  ? 1202 SO4 A O1  1 
HETATM 1239 O  O2  . SO4 C 3 .   ? -14.844 -26.352 -2.153  1.00 26.53  ? 1202 SO4 A O2  1 
HETATM 1240 O  O3  . SO4 C 3 .   ? -16.410 -26.605 -0.448  1.00 23.43  ? 1202 SO4 A O3  1 
HETATM 1241 O  O4  . SO4 C 3 .   ? -14.189 -27.302 -0.020  1.00 30.22  ? 1202 SO4 A O4  1 
HETATM 1242 S  S   . SO4 D 3 .   ? -1.339  8.249   -10.276 0.50 29.53  ? 1203 SO4 A S   1 
HETATM 1243 O  O1  . SO4 D 3 .   ? -2.275  8.819   -11.258 0.50 31.78  ? 1203 SO4 A O1  1 
HETATM 1244 O  O2  . SO4 D 3 .   ? -1.825  6.917   -9.903  0.50 28.99  ? 1203 SO4 A O2  1 
HETATM 1245 O  O3  . SO4 D 3 .   ? -1.284  9.091   -9.076  0.50 30.26  ? 1203 SO4 A O3  1 
HETATM 1246 O  O4  . SO4 D 3 .   ? -0.007  8.157   -10.847 0.50 30.35  ? 1203 SO4 A O4  1 
HETATM 1247 C  C1  . EDO E 4 .   ? 2.550   6.943   18.997  0.51 42.15  ? 1204 EDO A C1  1 
HETATM 1248 O  O1  . EDO E 4 .   ? 2.544   8.162   19.721  0.51 39.67  ? 1204 EDO A O1  1 
HETATM 1249 C  C2  . EDO E 4 .   ? 1.522   6.895   17.925  0.51 42.91  ? 1204 EDO A C2  1 
HETATM 1250 O  O2  . EDO E 4 .   ? 0.229   6.619   18.411  0.51 44.40  ? 1204 EDO A O2  1 
HETATM 1251 C  C1  . EDO F 4 .   ? 5.860   3.767   -9.692  1.00 29.01  ? 1205 EDO A C1  1 
HETATM 1252 O  O1  . EDO F 4 .   ? 4.501   3.400   -10.033 1.00 28.72  ? 1205 EDO A O1  1 
HETATM 1253 C  C2  . EDO F 4 .   ? 6.513   4.704   -10.665 1.00 27.03  ? 1205 EDO A C2  1 
HETATM 1254 O  O2  . EDO F 4 .   ? 6.669   4.067   -11.899 1.00 30.01  ? 1205 EDO A O2  1 
HETATM 1255 C  C1  . EDO G 4 .   ? 11.014  -3.713  -2.413  0.37 43.37  ? 1206 EDO A C1  1 
HETATM 1256 O  O1  . EDO G 4 .   ? 9.918   -4.534  -2.759  0.37 43.29  ? 1206 EDO A O1  1 
HETATM 1257 C  C2  . EDO G 4 .   ? 12.090  -4.471  -1.734  0.37 43.82  ? 1206 EDO A C2  1 
HETATM 1258 O  O2  . EDO G 4 .   ? 11.626  -5.647  -1.100  0.37 42.95  ? 1206 EDO A O2  1 
HETATM 1259 O  O   . HOH H 5 .   ? 6.546   16.510  11.087  1.00 29.81  ? 1301 HOH A O   1 
HETATM 1260 O  O   . HOH H 5 .   ? -14.958 -29.989 0.209   1.00 32.84  ? 1302 HOH A O   1 
HETATM 1261 O  O   . HOH H 5 .   ? -9.858  -26.029 1.152   0.99 37.95  ? 1303 HOH A O   1 
HETATM 1262 O  O   . HOH H 5 .   ? -7.602  -15.290 -16.244 1.00 47.66  ? 1304 HOH A O   1 
HETATM 1263 O  O   . HOH H 5 .   ? 6.174   -10.772 -9.613  1.00 54.06  ? 1305 HOH A O   1 
HETATM 1264 O  O   . HOH H 5 .   ? -7.390  15.625  2.509   1.00 46.48  ? 1306 HOH A O   1 
HETATM 1265 O  O   . HOH H 5 .   ? 6.783   17.617  0.039   1.00 42.09  ? 1307 HOH A O   1 
HETATM 1266 O  O   . HOH H 5 .   ? -12.773 -12.882 -9.813  1.00 36.40  ? 1308 HOH A O   1 
HETATM 1267 O  O   . HOH H 5 .   ? -8.110  1.107   -9.731  1.00 31.90  ? 1309 HOH A O   1 
HETATM 1268 O  O   . HOH H 5 .   ? -11.573 -8.065  -4.787  1.00 40.78  ? 1310 HOH A O   1 
HETATM 1269 O  O   . HOH H 5 .   ? 4.962   13.398  14.970  1.00 19.54  ? 1311 HOH A O   1 
HETATM 1270 O  O   . HOH H 5 .   ? -2.137  10.539  -13.115 1.00 28.83  ? 1312 HOH A O   1 
HETATM 1271 O  O   . HOH H 5 .   ? -2.693  -10.138 -7.783  1.00 27.82  ? 1313 HOH A O   1 
HETATM 1272 O  O   . HOH H 5 .   ? 11.097  -9.524  -3.892  1.00 45.82  ? 1314 HOH A O   1 
HETATM 1273 O  O   . HOH H 5 .   ? -2.423  24.630  4.731   1.00 31.55  ? 1315 HOH A O   1 
HETATM 1274 O  O   . HOH H 5 .   ? 11.406  17.612  1.523   1.00 57.82  ? 1316 HOH A O   1 
HETATM 1275 O  O   . HOH H 5 .   ? 11.383  -0.819  8.532   1.00 41.66  ? 1317 HOH A O   1 
HETATM 1276 O  O   . HOH H 5 .   ? -14.340 -19.442 -8.835  1.00 40.99  ? 1318 HOH A O   1 
HETATM 1277 O  O   . HOH H 5 .   ? -9.833  21.196  5.982   1.00 31.60  ? 1319 HOH A O   1 
HETATM 1278 O  O   . HOH H 5 .   ? 2.490   26.209  8.341   1.00 40.89  ? 1320 HOH A O   1 
HETATM 1279 O  O   . HOH H 5 .   ? 9.748   20.550  11.566  1.00 39.43  ? 1321 HOH A O   1 
HETATM 1280 O  O   . HOH H 5 .   ? -1.346  2.879   -11.157 1.00 21.38  ? 1322 HOH A O   1 
HETATM 1281 O  O   . HOH H 5 .   ? -7.783  -19.152 -10.450 1.00 32.33  ? 1323 HOH A O   1 
HETATM 1282 O  O   . HOH H 5 .   ? 3.056   -2.244  15.884  1.00 36.92  ? 1324 HOH A O   1 
HETATM 1283 O  O   . HOH H 5 .   ? -0.510  24.524  1.601   1.00 43.58  ? 1325 HOH A O   1 
HETATM 1284 O  O   . HOH H 5 .   ? 12.626  5.320   -5.393  1.00 24.65  ? 1326 HOH A O   1 
HETATM 1285 O  O   . HOH H 5 .   ? 7.761   -16.945 0.810   1.00 41.75  ? 1327 HOH A O   1 
HETATM 1286 O  O   . HOH H 5 .   ? -7.530  22.935  5.253   1.00 25.77  ? 1328 HOH A O   1 
HETATM 1287 O  O   . HOH H 5 .   ? 1.026   -3.116  -15.904 1.00 50.13  ? 1329 HOH A O   1 
HETATM 1288 O  O   . HOH H 5 .   ? -8.597  2.175   0.922   1.00 30.55  ? 1330 HOH A O   1 
HETATM 1289 O  O   . HOH H 5 .   ? -3.575  6.417   -3.616  1.00 34.29  ? 1331 HOH A O   1 
HETATM 1290 O  O   . HOH H 5 .   ? -1.128  11.622  -8.255  1.00 38.58  ? 1332 HOH A O   1 
HETATM 1291 O  O   . HOH H 5 .   ? 5.182   4.932   -13.940 1.00 24.85  ? 1333 HOH A O   1 
HETATM 1292 O  O   . HOH H 5 .   ? -1.585  -6.430  -8.608  1.00 19.85  ? 1334 HOH A O   1 
HETATM 1293 O  O   . HOH H 5 .   ? 14.778  5.632   -1.741  0.37 24.71  ? 1335 HOH A O   1 
HETATM 1294 O  O   . HOH H 5 .   ? 3.303   15.759  -4.233  1.00 46.20  ? 1336 HOH A O   1 
HETATM 1295 O  O   . HOH H 5 .   ? 2.374   -3.985  -10.029 1.00 23.08  ? 1337 HOH A O   1 
HETATM 1296 O  O   . HOH H 5 .   ? -7.717  14.850  14.992  1.00 33.40  ? 1338 HOH A O   1 
HETATM 1297 O  O   . HOH H 5 .   ? 8.481   -8.737  -12.058 1.00 48.00  ? 1339 HOH A O   1 
HETATM 1298 O  O   . HOH H 5 .   ? 1.086   -10.156 10.782  1.00 27.29  ? 1340 HOH A O   1 
HETATM 1299 O  O   . HOH H 5 .   ? 5.302   13.115  -8.666  1.00 53.39  ? 1341 HOH A O   1 
HETATM 1300 O  O   . HOH H 5 .   ? 2.388   11.131  19.099  0.51 20.11  ? 1342 HOH A O   1 
HETATM 1301 O  O   . HOH H 5 .   ? -13.424 -16.365 -4.063  1.00 36.75  ? 1343 HOH A O   1 
HETATM 1302 O  O   . HOH H 5 .   ? -6.438  -4.407  -19.536 1.00 50.49  ? 1344 HOH A O   1 
HETATM 1303 O  O   . HOH H 5 .   ? -4.192  -23.730 0.593   1.00 21.36  ? 1345 HOH A O   1 
HETATM 1304 O  O   . HOH H 5 .   ? -11.431 19.998  10.332  1.00 34.28  ? 1346 HOH A O   1 
HETATM 1305 O  O   . HOH H 5 .   ? -8.365  -26.029 -0.998  1.00 21.01  ? 1347 HOH A O   1 
HETATM 1306 O  O   . HOH H 5 .   ? -8.097  0.564   -3.291  1.00 20.51  ? 1348 HOH A O   1 
HETATM 1307 O  O   . HOH H 5 .   ? 3.766   12.160  -10.512 1.00 48.60  ? 1349 HOH A O   1 
HETATM 1308 O  O   . HOH H 5 .   ? 8.444   -7.896  9.138   1.00 29.23  ? 1350 HOH A O   1 
HETATM 1309 O  O   . HOH H 5 .   ? -3.610  -3.848  -16.783 1.00 31.57  ? 1351 HOH A O   1 
HETATM 1310 O  O   . HOH H 5 .   ? -2.764  3.867   -7.591  1.00 21.04  ? 1352 HOH A O   1 
HETATM 1311 O  O   . HOH H 5 .   ? -6.627  11.616  1.917   1.00 27.42  ? 1353 HOH A O   1 
HETATM 1312 O  O   . HOH H 5 .   ? 4.276   18.189  11.656  1.00 29.47  ? 1354 HOH A O   1 
HETATM 1313 O  O   . HOH H 5 .   ? 8.775   -11.091 1.397   1.00 22.82  ? 1355 HOH A O   1 
HETATM 1314 O  O   . HOH H 5 .   ? 12.639  17.101  7.847   0.50 26.09  ? 1356 HOH A O   1 
HETATM 1315 O  O   . HOH H 5 .   ? -3.793  15.631  -2.727  1.00 73.73  ? 1357 HOH A O   1 
HETATM 1316 O  O   . HOH H 5 .   ? -13.885 -20.390 -4.433  1.00 35.85  ? 1358 HOH A O   1 
HETATM 1317 O  O   . HOH H 5 .   ? -3.145  -2.301  16.098  1.00 25.87  ? 1359 HOH A O   1 
HETATM 1318 O  O   . HOH H 5 .   ? -6.068  -5.040  11.103  1.00 21.87  ? 1360 HOH A O   1 
HETATM 1319 O  O   . HOH H 5 .   ? -5.240  -11.706 8.539   1.00 35.31  ? 1361 HOH A O   1 
HETATM 1320 O  O   . HOH H 5 .   ? -1.021  -16.610 5.466   1.00 21.45  ? 1362 HOH A O   1 
HETATM 1321 O  O   . HOH H 5 .   ? -1.835  -8.099  -6.043  1.00 19.61  ? 1363 HOH A O   1 
HETATM 1322 O  O   . HOH H 5 .   ? -9.014  -4.837  -7.508  1.00 22.15  ? 1364 HOH A O   1 
HETATM 1323 O  O   . HOH H 5 .   ? -5.152  -18.422 -10.017 1.00 48.40  ? 1365 HOH A O   1 
HETATM 1324 O  O   . HOH H 5 .   ? -2.980  -20.152 -7.490  1.00 46.78  ? 1366 HOH A O   1 
HETATM 1325 O  O   . HOH H 5 .   ? -0.420  -19.906 -3.929  1.00 35.48  ? 1367 HOH A O   1 
HETATM 1326 O  O   . HOH H 5 .   ? 0.447   6.743   -13.223 1.00 18.99  ? 1368 HOH A O   1 
HETATM 1327 O  O   . HOH H 5 .   ? 8.927   1.013   -9.490  1.00 31.79  ? 1369 HOH A O   1 
HETATM 1328 O  O   . HOH H 5 .   ? -7.113  11.192  11.786  1.00 34.12  ? 1370 HOH A O   1 
HETATM 1329 O  O   . HOH H 5 .   ? 8.085   17.553  1.814   1.00 27.27  ? 1371 HOH A O   1 
HETATM 1330 O  O   . HOH H 5 .   ? -5.229  -14.078 6.734   1.00 24.50  ? 1372 HOH A O   1 
HETATM 1331 O  O   . HOH H 5 .   ? 11.147  0.346   -5.703  1.00 27.99  ? 1373 HOH A O   1 
HETATM 1332 O  O   . HOH H 5 .   ? -11.504 -7.832  -15.723 1.00 46.73  ? 1374 HOH A O   1 
HETATM 1333 O  O   . HOH H 5 .   ? 12.509  -3.527  1.692   0.37 22.21  ? 1375 HOH A O   1 
HETATM 1334 O  O   . HOH H 5 .   ? -7.843  4.514   2.210   1.00 25.35  ? 1376 HOH A O   1 
HETATM 1335 O  O   . HOH H 5 .   ? 2.781   5.632   -10.213 1.00 23.25  ? 1377 HOH A O   1 
HETATM 1336 O  O   . HOH H 5 .   ? -9.226  -1.945  -3.725  1.00 22.34  ? 1378 HOH A O   1 
HETATM 1337 O  O   . HOH H 5 .   ? 0.954   -7.570  -5.950  1.00 20.66  ? 1379 HOH A O   1 
HETATM 1338 O  O   . HOH H 5 .   ? 6.531   -14.508 8.146   1.00 49.06  ? 1380 HOH A O   1 
HETATM 1339 O  O   . HOH H 5 .   ? -12.331 -13.886 -4.425  1.00 27.79  ? 1381 HOH A O   1 
HETATM 1340 O  O   . HOH H 5 .   ? -11.467 -18.584 -11.948 1.00 33.31  ? 1382 HOH A O   1 
HETATM 1341 O  O   . HOH H 5 .   ? -12.979 -21.136 -1.941  1.00 30.36  ? 1383 HOH A O   1 
HETATM 1342 O  O   . HOH H 5 .   ? -3.844  8.654   17.856  1.00 31.42  ? 1384 HOH A O   1 
HETATM 1343 O  O   . HOH H 5 .   ? -3.587  -25.758 -5.900  1.00 33.27  ? 1385 HOH A O   1 
HETATM 1344 O  O   . HOH H 5 .   ? 1.342   -16.701 -2.337  1.00 33.29  ? 1386 HOH A O   1 
HETATM 1345 O  O   . HOH H 5 .   ? -8.749  -11.592 7.375   1.00 54.19  ? 1387 HOH A O   1 
HETATM 1346 O  O   . HOH H 5 .   ? 6.929   3.575   10.827  1.00 31.55  ? 1388 HOH A O   1 
HETATM 1347 O  O   . HOH H 5 .   ? -7.241  -3.524  -10.781 1.00 17.28  ? 1389 HOH A O   1 
HETATM 1348 O  O   . HOH H 5 .   ? -7.810  12.137  9.813   1.00 41.25  ? 1390 HOH A O   1 
HETATM 1349 O  O   . HOH H 5 .   ? -2.003  13.527  19.766  1.00 47.95  ? 1391 HOH A O   1 
HETATM 1350 O  O   . HOH H 5 .   ? 12.550  -11.801 3.571   1.00 53.17  ? 1392 HOH A O   1 
HETATM 1351 O  O   . HOH H 5 .   ? 0.297   -9.650  -17.817 1.00 39.99  ? 1393 HOH A O   1 
HETATM 1352 O  O   . HOH H 5 .   ? -16.694 -26.764 -4.317  1.00 27.78  ? 1394 HOH A O   1 
HETATM 1353 O  O   . HOH H 5 .   ? 8.248   11.555  15.183  1.00 15.15  ? 1395 HOH A O   1 
HETATM 1354 O  O   . HOH H 5 .   ? -0.482  12.410  -5.848  1.00 37.74  ? 1396 HOH A O   1 
HETATM 1355 O  O   . HOH H 5 .   ? 8.749   -12.024 -6.291  1.00 57.12  ? 1397 HOH A O   1 
HETATM 1356 O  O   . HOH H 5 .   ? -5.368  3.231   -5.276  1.00 29.70  ? 1398 HOH A O   1 
HETATM 1357 O  O   . HOH H 5 .   ? 10.236  13.367  -5.988  1.00 35.64  ? 1399 HOH A O   1 
HETATM 1358 O  O   . HOH H 5 .   ? 0.962   12.437  -9.934  1.00 43.38  ? 1400 HOH A O   1 
HETATM 1359 O  O   . HOH H 5 .   ? 0.939   19.806  -2.601  1.00 52.13  ? 1401 HOH A O   1 
HETATM 1360 O  O   . HOH H 5 .   ? 6.645   -10.517 -6.430  1.00 45.23  ? 1402 HOH A O   1 
HETATM 1361 O  O   . HOH H 5 .   ? 8.123   -1.376  -9.481  1.00 41.10  ? 1403 HOH A O   1 
HETATM 1362 O  O   . HOH H 5 .   ? -5.376  -1.477  -17.840 1.00 24.08  ? 1404 HOH A O   1 
HETATM 1363 O  O   . HOH H 5 .   ? -6.241  -17.541 -11.817 1.00 52.67  ? 1405 HOH A O   1 
HETATM 1364 O  O   . HOH H 5 .   ? -1.492  -12.726 10.586  1.00 41.53  ? 1406 HOH A O   1 
HETATM 1365 O  O   . HOH H 5 .   ? -2.086  8.950   -4.330  1.00 28.04  ? 1407 HOH A O   1 
HETATM 1366 O  O   . HOH H 5 .   ? 12.170  5.236   6.937   0.37 9.54   ? 1408 HOH A O   1 
HETATM 1367 O  O   . HOH H 5 .   ? 4.157   -14.924 -0.939  1.00 24.12  ? 1409 HOH A O   1 
HETATM 1368 O  O   . HOH H 5 .   ? 13.503  21.964  7.384   1.00 58.65  ? 1410 HOH A O   1 
HETATM 1369 O  O   . HOH H 5 .   ? 10.836  6.798   -7.096  1.00 20.19  ? 1411 HOH A O   1 
HETATM 1370 O  O   . HOH H 5 .   ? -6.311  3.617   -7.587  1.00 54.05  ? 1412 HOH A O   1 
HETATM 1371 O  O   . HOH H 5 .   ? -2.100  -12.852 -8.251  1.00 34.91  ? 1413 HOH A O   1 
HETATM 1372 O  O   . HOH H 5 .   ? 5.505   -5.022  13.238  1.00 42.51  ? 1414 HOH A O   1 
HETATM 1373 O  O   . HOH H 5 .   ? -5.778  1.434   10.916  1.00 28.80  ? 1415 HOH A O   1 
HETATM 1374 O  O   . HOH H 5 .   ? -11.609 13.508  10.394  1.00 61.49  ? 1416 HOH A O   1 
HETATM 1375 O  O   . HOH H 5 .   ? 6.386   17.633  -3.733  1.00 48.78  ? 1417 HOH A O   1 
HETATM 1376 O  O   . HOH H 5 .   ? -12.613 -4.071  -5.583  1.00 47.27  ? 1418 HOH A O   1 
HETATM 1377 O  O   . HOH H 5 .   ? 4.687   10.122  -0.940  1.00 14.88  ? 1419 HOH A O   1 
HETATM 1378 O  O   . HOH H 5 .   ? -9.758  -2.585  -20.699 1.00 34.95  ? 1420 HOH A O   1 
HETATM 1379 O  O   . HOH H 5 .   ? 2.248   -8.558  -7.648  1.00 31.55  ? 1421 HOH A O   1 
HETATM 1380 O  O   . HOH H 5 .   ? 12.905  11.322  -3.934  1.00 29.78  ? 1422 HOH A O   1 
HETATM 1381 O  O   . HOH H 5 .   ? -8.275  -18.388 2.188   1.00 39.34  ? 1423 HOH A O   1 
HETATM 1382 O  O   . HOH H 5 .   ? -1.482  -16.138 -9.492  1.00 48.51  ? 1424 HOH A O   1 
HETATM 1383 O  O   . HOH H 5 .   ? -9.688  -2.580  4.047   1.00 33.58  ? 1425 HOH A O   1 
HETATM 1384 O  O   . HOH H 5 .   ? 7.511   -5.320  11.929  1.00 31.90  ? 1426 HOH A O   1 
HETATM 1385 O  O   . HOH H 5 .   ? 4.848   -13.285 -11.983 1.00 41.24  ? 1427 HOH A O   1 
HETATM 1386 O  O   . HOH H 5 .   ? -8.315  3.440   4.527   1.00 33.31  ? 1428 HOH A O   1 
HETATM 1387 O  O   . HOH H 5 .   ? -11.187 -10.993 5.227   1.00 54.65  ? 1429 HOH A O   1 
HETATM 1388 O  O   . HOH H 5 .   ? -0.825  -15.737 8.116   1.00 22.16  ? 1430 HOH A O   1 
HETATM 1389 O  O   . HOH H 5 .   ? 12.162  15.345  -1.404  1.00 40.21  ? 1431 HOH A O   1 
HETATM 1390 O  O   . HOH H 5 .   ? 9.191   2.424   -11.811 1.00 33.47  ? 1432 HOH A O   1 
HETATM 1391 O  O   . HOH H 5 .   ? 9.167   -13.597 7.760   1.00 33.14  ? 1433 HOH A O   1 
HETATM 1392 O  O   . HOH H 5 .   ? -17.111 -24.242 1.299   1.00 46.24  ? 1434 HOH A O   1 
HETATM 1393 O  O   . HOH H 5 .   ? 5.065   24.622  1.065   1.00 50.18  ? 1435 HOH A O   1 
HETATM 1394 O  O   . HOH H 5 .   ? -8.926  -4.634  -0.118  1.00 24.90  ? 1436 HOH A O   1 
HETATM 1395 O  O   . HOH H 5 .   ? -9.175  -4.958  -12.138 1.00 23.65  ? 1437 HOH A O   1 
HETATM 1396 O  O   . HOH H 5 .   ? -9.114  -28.202 -5.999  0.51 21.49  ? 1438 HOH A O   1 
HETATM 1397 O  O   . HOH H 5 .   ? 0.245   27.588  5.293   1.00 41.08  ? 1439 HOH A O   1 
HETATM 1398 O  O   . HOH H 5 .   ? 4.904   13.402  -0.044  1.00 19.50  ? 1440 HOH A O   1 
HETATM 1399 O  O   . HOH H 5 .   ? -3.558  -0.484  18.355  1.00 31.91  ? 1441 HOH A O   1 
HETATM 1400 O  O   . HOH H 5 .   ? 5.247   5.673   16.489  0.51 23.93  ? 1442 HOH A O   1 
HETATM 1401 O  O   . HOH H 5 .   ? 5.055   -7.948  8.658   1.00 33.60  ? 1443 HOH A O   1 
HETATM 1402 O  O   . HOH H 5 .   ? -4.216  5.630   13.830  1.00 45.87  ? 1444 HOH A O   1 
HETATM 1403 O  O   . HOH H 5 .   ? 7.071   -15.900 -4.124  1.00 52.51  ? 1445 HOH A O   1 
HETATM 1404 O  O   . HOH H 5 .   ? 4.770   -21.047 -0.479  1.00 42.94  ? 1446 HOH A O   1 
HETATM 1405 O  O   . HOH H 5 .   ? 12.526  2.689   -6.127  0.37 29.91  ? 1447 HOH A O   1 
HETATM 1406 O  O   . HOH H 5 .   ? 8.033   28.974  5.368   1.00 49.28  ? 1448 HOH A O   1 
HETATM 1407 O  O   . HOH H 5 .   ? -10.873 -0.444  2.919   1.00 56.99  ? 1449 HOH A O   1 
HETATM 1408 O  O   . HOH H 5 .   ? -12.358 -16.553 0.344   1.00 66.56  ? 1450 HOH A O   1 
HETATM 1409 O  O   . HOH H 5 .   ? -2.644  -10.493 9.813   1.00 33.88  ? 1451 HOH A O   1 
HETATM 1410 O  O   . HOH H 5 .   ? -10.109 -6.454  0.586   1.00 42.00  ? 1452 HOH A O   1 
HETATM 1411 O  O   . HOH H 5 .   ? 2.416   21.901  9.437   1.00 30.85  ? 1453 HOH A O   1 
HETATM 1412 O  O   . HOH H 5 .   ? -8.178  -4.627  8.678   1.00 38.26  ? 1454 HOH A O   1 
HETATM 1413 O  O   . HOH H 5 .   ? 5.375   20.858  11.493  1.00 40.52  ? 1455 HOH A O   1 
HETATM 1414 O  O   . HOH H 5 .   ? 0.403   11.628  -12.467 1.00 31.53  ? 1456 HOH A O   1 
HETATM 1415 O  O   . HOH H 5 .   ? -13.741 -23.433 -7.833  1.00 22.53  ? 1457 HOH A O   1 
HETATM 1416 O  O   . HOH H 5 .   ? 0.699   -4.037  14.831  1.00 38.71  ? 1458 HOH A O   1 
HETATM 1417 O  O   . HOH H 5 .   ? 15.870  6.476   -3.271  0.51 39.51  ? 1459 HOH A O   1 
HETATM 1418 O  O   . HOH H 5 .   ? -8.317  24.654  3.279   1.00 44.39  ? 1460 HOH A O   1 
HETATM 1419 O  O   . HOH H 5 .   ? 1.231   -6.615  -9.876  1.00 23.07  ? 1461 HOH A O   1 
HETATM 1420 O  O   . HOH H 5 .   ? -10.876 -14.403 0.751   1.00 40.08  ? 1462 HOH A O   1 
HETATM 1421 O  O   . HOH H 5 .   ? 13.124  4.835   9.478   0.51 11.73  ? 1463 HOH A O   1 
HETATM 1422 O  O   . HOH H 5 .   ? 0.556   -5.763  12.927  1.00 44.10  ? 1464 HOH A O   1 
HETATM 1423 O  O   . HOH H 5 .   ? 4.813   16.088  -0.900  1.00 29.79  ? 1465 HOH A O   1 
HETATM 1424 O  O   . HOH H 5 .   ? 17.115  2.954   0.420   1.00 37.66  ? 1466 HOH A O   1 
HETATM 1425 O  O   . HOH H 5 .   ? -8.746  -15.818 3.024   1.00 41.77  ? 1467 HOH A O   1 
HETATM 1426 O  O   . HOH H 5 .   ? -0.253  -13.286 12.302  1.00 54.32  ? 1468 HOH A O   1 
HETATM 1427 O  O   . HOH H 5 .   ? 12.136  9.275   -6.956  1.00 23.53  ? 1469 HOH A O   1 
HETATM 1428 O  O   . HOH H 5 .   ? -3.086  -8.512  11.778  1.00 33.92  ? 1470 HOH A O   1 
HETATM 1429 O  O   . HOH H 5 .   ? -6.382  -2.796  12.800  1.00 26.81  ? 1471 HOH A O   1 
HETATM 1430 O  O   . HOH H 5 .   ? 6.015   -17.040 -1.528  1.00 39.53  ? 1472 HOH A O   1 
HETATM 1431 O  O   . HOH H 5 .   ? -5.743  3.741   12.282  1.00 52.37  ? 1473 HOH A O   1 
HETATM 1432 O  O   . HOH H 5 .   ? 9.683   -10.432 9.069   1.00 44.79  ? 1474 HOH A O   1 
HETATM 1433 O  O   . HOH H 5 .   ? -13.854 -12.654 -6.353  1.00 49.23  ? 1475 HOH A O   1 
HETATM 1434 O  O   . HOH H 5 .   ? -1.148  -4.223  16.711  1.00 47.83  ? 1476 HOH A O   1 
HETATM 1435 O  O   . HOH H 5 .   ? -7.838  -14.457 7.105   1.00 49.97  ? 1477 HOH A O   1 
HETATM 1436 O  O   . HOH H 5 .   ? -3.231  -14.823 9.054   1.00 26.88  ? 1478 HOH A O   1 
HETATM 1437 O  O   . HOH H 5 .   ? -5.798  -7.273  12.623  1.00 34.20  ? 1479 HOH A O   1 
HETATM 1438 O  O   . HOH H 5 .   ? 7.050   -19.074 2.889   1.00 44.58  ? 1480 HOH A O   1 
HETATM 1439 O  O   . HOH H 5 .   ? -8.979  -3.656  6.837   1.00 66.96  ? 1481 HOH A O   1 
HETATM 1440 O  O   . HOH H 5 .   ? -15.451 -18.375 -10.596 1.00 55.53  ? 1482 HOH A O   1 
HETATM 1441 O  O   . HOH H 5 .   ? -9.785  1.551   -1.301  1.00 27.22  ? 1483 HOH A O   1 
HETATM 1442 O  O   . HOH H 5 .   ? -8.033  2.122   -5.512  1.00 36.27  ? 1484 HOH A O   1 
HETATM 1443 O  O   . HOH H 5 .   ? -12.493 -13.231 -1.799  1.00 40.14  ? 1485 HOH A O   1 
HETATM 1444 O  O   . HOH H 5 .   ? -12.063 21.017  7.473   1.00 42.21  ? 1486 HOH A O   1 
HETATM 1445 O  O   . HOH H 5 .   ? -6.716  -26.861 -9.183  0.51 56.89  ? 1487 HOH A O   1 
HETATM 1446 O  O   . HOH H 5 .   ? 10.835  -1.945  0.598   0.37 30.67  ? 1488 HOH A O   1 
HETATM 1447 O  O   . HOH H 5 .   ? -10.396 -1.189  -6.427  1.00 42.68  ? 1489 HOH A O   1 
HETATM 1448 O  O   . HOH H 5 .   ? 8.492   5.920   11.472  1.00 22.49  ? 1490 HOH A O   1 
HETATM 1449 O  O   . HOH H 5 .   ? 11.553  17.674  -1.147  1.00 55.30  ? 1491 HOH A O   1 
HETATM 1450 O  O   . HOH H 5 .   ? 3.341   -8.981  11.963  1.00 45.04  ? 1492 HOH A O   1 
HETATM 1451 O  O   . HOH H 5 .   ? 11.958  11.630  -8.129  1.00 29.44  ? 1493 HOH A O   1 
HETATM 1452 O  O   . HOH H 5 .   ? -10.768 -2.613  -1.320  1.00 47.11  ? 1494 HOH A O   1 
HETATM 1453 O  O   . HOH H 5 .   ? -7.839  -0.575  11.948  1.00 37.24  ? 1495 HOH A O   1 
HETATM 1454 O  O   . HOH H 5 .   ? 7.405   14.082  -9.875  1.00 48.27  ? 1496 HOH A O   1 
HETATM 1455 O  O   . HOH H 5 .   ? -8.867  -1.323  -10.407 1.00 24.87  ? 1497 HOH A O   1 
HETATM 1456 O  O   . HOH H 5 .   ? 14.446  2.159   -1.137  0.37 30.45  ? 1498 HOH A O   1 
HETATM 1457 O  O   . HOH H 5 .   ? -5.614  8.049   12.134  1.00 46.91  ? 1499 HOH A O   1 
HETATM 1458 O  O   . HOH H 5 .   ? -10.210 -2.540  -8.266  1.00 27.78  ? 1500 HOH A O   1 
HETATM 1459 O  O   . HOH H 5 .   ? 13.650  -9.812  2.017   0.42 38.77  ? 1501 HOH A O   1 
HETATM 1460 O  O   . HOH H 5 .   ? -5.485  -3.565  15.368  1.00 29.77  ? 1502 HOH A O   1 
HETATM 1461 O  O   . HOH H 5 .   ? -1.124  -7.610  13.220  1.00 39.60  ? 1503 HOH A O   1 
HETATM 1462 O  O   . HOH H 5 .   ? 2.287   -17.576 -4.714  1.00 45.27  ? 1504 HOH A O   1 
HETATM 1463 O  O   . HOH H 5 .   ? -11.404 -3.673  -12.710 1.00 49.65  ? 1505 HOH A O   1 
HETATM 1464 O  O   . HOH H 5 .   ? 10.771  -12.714 1.263   1.00 40.64  ? 1506 HOH A O   1 
HETATM 1465 O  O   . HOH H 5 .   ? -9.264  1.127   -7.426  1.00 44.19  ? 1507 HOH A O   1 
HETATM 1466 O  O   . HOH H 5 .   ? -6.823  -24.851 0.943   1.00 22.24  ? 1508 HOH A O   1 
HETATM 1467 O  O   . HOH H 5 .   ? 4.795   -3.400  18.222  1.00 38.77  ? 1509 HOH A O   1 
HETATM 1468 O  O   . HOH H 5 .   ? 4.966   -6.793  10.726  1.00 41.33  ? 1510 HOH A O   1 
HETATM 1469 O  O   . HOH H 5 .   ? -12.795 -4.613  -2.661  1.00 52.16  ? 1511 HOH A O   1 
HETATM 1470 O  O   . HOH H 5 .   ? -11.757 -6.877  -2.024  1.00 46.63  ? 1512 HOH A O   1 
HETATM 1471 O  O   . HOH H 5 .   ? 5.701   -15.116 -7.912  1.00 54.02  ? 1513 HOH A O   1 
HETATM 1472 O  O   . HOH H 5 .   ? -1.261  18.991  -3.445  1.00 50.54  ? 1514 HOH A O   1 
HETATM 1473 O  O   . HOH H 5 .   ? -11.628 -12.487 1.750   1.00 57.52  ? 1515 HOH A O   1 
HETATM 1474 O  O   . HOH H 5 .   ? -0.391  -13.679 -10.407 1.00 42.26  ? 1516 HOH A O   1 
HETATM 1475 O  O   . HOH H 5 .   ? -10.913 -1.122  -12.388 1.00 34.16  ? 1517 HOH A O   1 
HETATM 1476 O  O   . HOH H 5 .   ? -5.042  -6.462  15.199  1.00 38.42  ? 1518 HOH A O   1 
HETATM 1477 O  O   . HOH H 5 .   ? -2.445  -6.952  15.644  1.00 46.68  ? 1519 HOH A O   1 
# 
